data_3WEU
#
_entry.id   3WEU
#
_cell.length_a   194.089
_cell.length_b   125.746
_cell.length_c   70.591
_cell.angle_alpha   90.00
_cell.angle_beta   99.22
_cell.angle_gamma   90.00
#
_symmetry.space_group_name_H-M   'C 1 2 1'
#
loop_
_entity.id
_entity.type
_entity.pdbx_description
1 polymer 'L-lysine 6-oxidase'
2 non-polymer 'SULFATE ION'
3 non-polymer '1,4-DIETHYLENE DIOXIDE'
4 non-polymer 1,2-ETHANEDIOL
5 water water
#
_entity_poly.entity_id   1
_entity_poly.type   'polypeptide(L)'
_entity_poly.pdbx_seq_one_letter_code
;MALSVHPSIGVARLGNANTDNFVLNPMEIGGLPYEHDVDLKPTTTVVNFKDEAG(CSD)IRRQGQVFKVFGASNEELTLD
SPNVKNIEWTVHLANKKAAWYEFRELNGNLLYGRDNSYSARGVPWRNASKTASSERQSLIIDLGPRSVSGVMATVEISIN
NIPETYLHPSYPSGELLQGSKHFESLGTLRTDSQGRLIVLGGYGFAGGNTDLSGYGGGDDWYDDISDGSVTCVVTYSDDS
SETSTAWMVVGSPDFAPEIVNISTLSDTCFDVGVRNFDLVPDMYDSATGHYKSDYVANFDRDILPIIQRISQYQWVSNVQ
SMSGFFSFQFDYRDGSAANKANRMKYYNYFRQLDNKVIGDYDQPQQVLMSSEVEGDILPLMPMNSGSNSVSSSNFYDLTD
NVVEKFLALDATQLFLLGQWAEGEFTAGPADDYPVSDMDTASIGNCVGLPMCPGIEMTWSLQNPVIYKDAYQIKHYQDKA
YFDVNGLTPERDECEEETGCEPGDLTKRMACPWQADFFNCTIQTVNFSEPSVNKASQTETVTSRTHYEWGNLPAGVSVPD
QSSVSATKNVDEKVPLPPAYYSYW(TRQ)PPQSPWDVLTGELDTEGQLHSHLPAGQQINYARGINSYSQMVEHWSALAFI
RDRNQNNDGFPFFTETERNHELFDFKEVLVGQVTGNSEDNETSLPVFFINANKESLEGKGTKKGKLMASYFEERAFSKVR
SSNIRPRSGTRMRG
;
_entity_poly.pdbx_strand_id   A,B
#
loop_
_chem_comp.id
_chem_comp.type
_chem_comp.name
_chem_comp.formula
DIO non-polymer '1,4-DIETHYLENE DIOXIDE' 'C4 H8 O2'
EDO non-polymer 1,2-ETHANEDIOL 'C2 H6 O2'
SO4 non-polymer 'SULFATE ION' 'O4 S -2'
#
# COMPACT_ATOMS: atom_id res chain seq x y z
N ALA A 2 -3.30 -9.83 -59.87
CA ALA A 2 -3.52 -9.62 -58.43
C ALA A 2 -2.22 -8.97 -57.86
N LEU A 3 -2.33 -8.05 -56.90
CA LEU A 3 -1.11 -7.44 -56.30
C LEU A 3 -0.76 -8.20 -55.02
N SER A 4 0.46 -8.09 -54.47
CA SER A 4 0.66 -8.62 -53.12
C SER A 4 1.45 -7.55 -52.38
N VAL A 5 1.17 -7.43 -51.11
CA VAL A 5 1.89 -6.52 -50.23
C VAL A 5 2.81 -7.36 -49.32
N HIS A 6 4.02 -6.88 -49.18
CA HIS A 6 4.97 -7.51 -48.26
C HIS A 6 5.64 -6.46 -47.38
N PRO A 7 5.93 -6.82 -46.12
CA PRO A 7 5.65 -8.15 -45.52
C PRO A 7 4.11 -8.38 -45.29
N SER A 8 3.70 -9.63 -45.22
CA SER A 8 2.30 -9.96 -44.85
C SER A 8 1.93 -9.54 -43.43
N ILE A 9 2.89 -9.57 -42.50
CA ILE A 9 2.67 -9.11 -41.18
C ILE A 9 3.84 -8.19 -40.83
N GLY A 10 3.61 -6.89 -40.81
CA GLY A 10 4.68 -5.95 -40.49
C GLY A 10 4.95 -5.86 -39.00
N VAL A 11 6.14 -5.42 -38.65
CA VAL A 11 6.52 -5.29 -37.28
C VAL A 11 7.20 -3.98 -37.04
N ALA A 12 6.66 -3.18 -36.14
CA ALA A 12 7.27 -1.94 -35.71
C ALA A 12 7.52 -2.07 -34.22
N ARG A 13 8.37 -1.20 -33.69
N ARG A 13 8.44 -1.25 -33.70
CA ARG A 13 8.65 -1.24 -32.28
CA ARG A 13 8.84 -1.26 -32.29
C ARG A 13 8.61 0.12 -31.65
C ARG A 13 8.58 0.11 -31.68
N LEU A 14 8.06 0.14 -30.45
CA LEU A 14 7.89 1.36 -29.70
C LEU A 14 9.19 2.10 -29.47
N GLY A 15 9.10 3.41 -29.40
CA GLY A 15 10.23 4.25 -29.08
C GLY A 15 9.78 5.60 -28.54
N ASN A 16 10.50 6.10 -27.57
CA ASN A 16 10.20 7.36 -26.93
C ASN A 16 11.09 8.54 -27.32
N ALA A 17 11.93 8.36 -28.32
CA ALA A 17 12.77 9.47 -28.80
C ALA A 17 11.87 10.44 -29.57
N ASN A 18 12.48 11.40 -30.25
CA ASN A 18 11.67 12.37 -31.02
C ASN A 18 10.93 11.63 -32.13
N THR A 19 9.73 12.09 -32.43
CA THR A 19 8.89 11.46 -33.46
C THR A 19 9.55 11.27 -34.84
N ASP A 20 10.42 12.21 -35.18
CA ASP A 20 11.09 12.21 -36.47
C ASP A 20 12.39 11.38 -36.49
N ASN A 21 12.76 10.80 -35.35
CA ASN A 21 14.04 10.08 -35.20
C ASN A 21 13.79 8.57 -35.09
N PHE A 22 13.99 7.86 -36.19
CA PHE A 22 13.61 6.44 -36.25
C PHE A 22 14.57 5.65 -37.12
N VAL A 23 14.52 4.34 -36.97
CA VAL A 23 15.18 3.44 -37.82
C VAL A 23 14.15 2.65 -38.63
N LEU A 24 14.62 2.01 -39.69
CA LEU A 24 13.81 1.14 -40.48
C LEU A 24 14.06 -0.34 -40.13
N ASN A 25 13.18 -1.15 -40.68
CA ASN A 25 13.07 -2.54 -40.26
C ASN A 25 14.27 -3.37 -40.61
N PRO A 26 14.50 -4.39 -39.82
CA PRO A 26 15.48 -5.40 -40.17
C PRO A 26 15.08 -6.00 -41.50
N MET A 27 16.06 -6.51 -42.23
CA MET A 27 15.87 -7.05 -43.54
C MET A 27 16.10 -8.53 -43.58
N GLU A 28 16.33 -9.13 -42.41
CA GLU A 28 16.45 -10.55 -42.32
C GLU A 28 16.25 -10.93 -40.87
N ILE A 29 16.08 -12.22 -40.66
CA ILE A 29 15.95 -12.79 -39.28
C ILE A 29 17.27 -12.61 -38.57
N GLY A 30 17.24 -11.94 -37.42
CA GLY A 30 18.49 -11.70 -36.67
C GLY A 30 19.24 -10.46 -37.18
N GLY A 31 18.60 -9.71 -38.09
CA GLY A 31 19.20 -8.57 -38.72
C GLY A 31 19.05 -7.34 -37.88
N LEU A 32 20.04 -6.46 -37.95
CA LEU A 32 19.89 -5.15 -37.32
C LEU A 32 18.90 -4.27 -38.09
N PRO A 33 18.20 -3.39 -37.42
CA PRO A 33 17.42 -2.34 -38.11
C PRO A 33 18.38 -1.32 -38.74
N TYR A 34 17.83 -0.45 -39.62
CA TYR A 34 18.63 0.38 -40.51
C TYR A 34 18.47 1.83 -40.29
N GLU A 35 19.59 2.55 -40.40
CA GLU A 35 19.54 3.98 -40.59
C GLU A 35 18.94 4.22 -41.97
N HIS A 36 18.55 5.47 -42.22
CA HIS A 36 18.02 5.80 -43.51
C HIS A 36 18.48 7.17 -43.99
N ASP A 37 18.29 7.43 -45.28
CA ASP A 37 18.62 8.76 -45.90
C ASP A 37 17.39 9.66 -45.91
N VAL A 38 17.49 10.87 -46.49
CA VAL A 38 16.37 11.80 -46.42
C VAL A 38 15.16 11.41 -47.23
N ASP A 39 15.39 10.49 -48.18
CA ASP A 39 14.33 9.86 -48.95
C ASP A 39 13.67 8.67 -48.22
N LEU A 40 14.14 8.37 -47.00
CA LEU A 40 13.66 7.27 -46.18
C LEU A 40 13.94 5.88 -46.82
N LYS A 41 15.04 5.77 -47.54
CA LYS A 41 15.59 4.50 -47.96
C LYS A 41 16.66 4.03 -46.97
N PRO A 42 16.66 2.73 -46.70
CA PRO A 42 17.61 2.18 -45.73
C PRO A 42 19.02 2.38 -46.23
N THR A 43 19.95 2.73 -45.35
CA THR A 43 21.31 2.92 -45.73
C THR A 43 22.19 1.83 -45.07
N THR A 44 22.72 2.16 -43.93
CA THR A 44 23.62 1.33 -43.13
C THR A 44 22.81 0.80 -41.98
N THR A 45 23.31 -0.24 -41.33
CA THR A 45 22.67 -0.69 -40.10
C THR A 45 22.81 0.37 -39.03
N VAL A 46 21.93 0.25 -38.06
CA VAL A 46 21.81 1.21 -36.96
C VAL A 46 23.14 1.50 -36.28
N VAL A 47 23.39 2.78 -36.05
CA VAL A 47 24.53 3.18 -35.27
C VAL A 47 24.12 3.12 -33.81
N ASN A 48 23.30 4.06 -33.31
CA ASN A 48 22.79 3.98 -31.96
C ASN A 48 21.29 3.71 -31.88
N PHE A 49 20.86 2.84 -30.97
CA PHE A 49 19.46 2.54 -30.86
C PHE A 49 18.71 3.67 -30.15
N LYS A 50 19.46 4.44 -29.35
CA LYS A 50 18.89 5.51 -28.53
C LYS A 50 19.45 6.84 -29.02
N ASP A 51 18.69 7.89 -28.80
CA ASP A 51 19.19 9.23 -29.12
C ASP A 51 20.08 9.71 -28.01
N GLU A 52 20.55 10.96 -28.14
CA GLU A 52 21.52 11.47 -27.18
C GLU A 52 20.99 11.60 -25.80
N ALA A 53 19.68 11.77 -25.64
CA ALA A 53 19.13 11.87 -24.32
C ALA A 53 18.89 10.51 -23.72
N GLY A 54 19.09 9.44 -24.46
CA GLY A 54 18.86 8.12 -23.88
C GLY A 54 17.43 7.61 -24.11
N CSD A 55 16.73 8.20 -25.09
CA CSD A 55 15.38 7.79 -25.51
CB CSD A 55 14.52 9.02 -25.77
SG CSD A 55 14.52 10.06 -24.31
C CSD A 55 15.49 6.83 -26.70
O CSD A 55 16.32 7.02 -27.57
OD1 CSD A 55 13.78 9.22 -23.37
OD2 CSD A 55 13.48 11.08 -24.88
N ILE A 56 14.67 5.80 -26.68
CA ILE A 56 14.72 4.76 -27.67
C ILE A 56 14.09 5.19 -28.99
N ARG A 57 14.81 5.01 -30.09
CA ARG A 57 14.25 5.32 -31.41
C ARG A 57 13.21 4.33 -31.86
N ARG A 58 12.08 4.83 -32.38
CA ARG A 58 11.11 3.91 -33.00
C ARG A 58 11.72 3.17 -34.17
N GLN A 59 11.29 1.93 -34.37
N GLN A 59 11.24 1.97 -34.40
CA GLN A 59 11.57 1.16 -35.57
CA GLN A 59 11.64 1.20 -35.54
C GLN A 59 10.32 1.13 -36.40
C GLN A 59 10.39 0.99 -36.42
N GLY A 60 10.48 1.48 -37.66
CA GLY A 60 9.38 1.48 -38.59
C GLY A 60 9.42 0.36 -39.55
N GLN A 61 8.25 -0.11 -40.02
CA GLN A 61 8.18 -1.10 -41.07
C GLN A 61 7.91 -0.50 -42.42
N VAL A 62 8.76 -0.81 -43.39
CA VAL A 62 8.50 -0.53 -44.82
C VAL A 62 7.65 -1.62 -45.38
N PHE A 63 6.60 -1.25 -46.10
CA PHE A 63 5.83 -2.19 -46.88
C PHE A 63 5.98 -1.83 -48.35
N LYS A 64 6.00 -2.85 -49.18
CA LYS A 64 6.17 -2.75 -50.66
C LYS A 64 5.01 -3.51 -51.28
N VAL A 65 4.60 -3.06 -52.47
CA VAL A 65 3.50 -3.71 -53.18
C VAL A 65 4.08 -4.15 -54.52
N PHE A 66 3.62 -5.32 -54.97
CA PHE A 66 4.19 -5.96 -56.14
C PHE A 66 3.10 -6.35 -57.11
N GLY A 67 3.40 -6.29 -58.41
CA GLY A 67 2.44 -6.66 -59.42
C GLY A 67 2.46 -8.15 -59.70
N ALA A 68 1.70 -8.53 -60.73
CA ALA A 68 1.28 -9.93 -60.95
C ALA A 68 2.49 -10.78 -61.27
N SER A 69 3.48 -10.15 -61.90
CA SER A 69 4.74 -10.79 -62.24
C SER A 69 5.79 -10.57 -61.13
N ASN A 70 5.34 -10.24 -59.92
CA ASN A 70 6.24 -9.96 -58.77
C ASN A 70 7.23 -8.83 -58.92
N GLU A 71 6.91 -7.88 -59.76
CA GLU A 71 7.69 -6.67 -59.87
C GLU A 71 7.10 -5.63 -58.91
N GLU A 72 7.99 -4.87 -58.30
CA GLU A 72 7.63 -3.90 -57.34
C GLU A 72 6.97 -2.80 -58.11
N LEU A 73 5.90 -2.32 -57.52
CA LEU A 73 5.22 -1.09 -57.96
C LEU A 73 5.52 0.06 -57.04
N THR A 74 5.99 1.17 -57.63
CA THR A 74 6.09 2.41 -56.91
C THR A 74 5.43 3.54 -57.74
N LEU A 75 5.45 4.73 -57.18
CA LEU A 75 4.92 5.94 -57.86
C LEU A 75 5.70 6.23 -59.09
N ASP A 76 6.90 5.64 -59.22
CA ASP A 76 7.70 5.75 -60.47
C ASP A 76 7.41 4.72 -61.53
N SER A 77 6.56 3.73 -61.25
CA SER A 77 6.31 2.70 -62.23
C SER A 77 5.40 3.26 -63.36
N PRO A 78 5.64 2.81 -64.59
CA PRO A 78 4.70 3.17 -65.64
C PRO A 78 3.24 2.71 -65.36
N ASN A 79 2.32 3.58 -65.67
CA ASN A 79 0.90 3.29 -65.61
C ASN A 79 0.39 3.37 -64.16
N VAL A 80 1.28 3.68 -63.21
CA VAL A 80 0.83 3.95 -61.86
C VAL A 80 0.63 5.43 -61.62
N LYS A 81 -0.57 5.81 -61.22
CA LYS A 81 -0.75 7.16 -60.89
C LYS A 81 -0.85 7.40 -59.41
N ASN A 82 -1.27 6.43 -58.59
CA ASN A 82 -1.19 6.65 -57.14
C ASN A 82 -1.13 5.33 -56.43
N ILE A 83 -0.70 5.37 -55.18
CA ILE A 83 -0.65 4.21 -54.31
C ILE A 83 -1.05 4.79 -52.96
N GLU A 84 -2.17 4.31 -52.42
CA GLU A 84 -2.70 4.84 -51.20
C GLU A 84 -2.77 3.71 -50.21
N TRP A 85 -2.18 3.95 -49.06
CA TRP A 85 -2.12 2.95 -48.04
C TRP A 85 -3.04 3.43 -46.96
N THR A 86 -3.87 2.53 -46.42
CA THR A 86 -4.74 2.83 -45.34
C THR A 86 -4.46 1.83 -44.25
N VAL A 87 -4.06 2.35 -43.12
CA VAL A 87 -3.71 1.48 -42.00
C VAL A 87 -4.60 1.76 -40.83
N HIS A 88 -5.21 0.70 -40.32
CA HIS A 88 -6.05 0.84 -39.18
C HIS A 88 -5.54 0.04 -37.96
N LEU A 89 -4.91 0.73 -37.03
CA LEU A 89 -4.32 0.12 -35.85
C LEU A 89 -5.28 0.37 -34.68
N ALA A 90 -5.34 -0.56 -33.73
CA ALA A 90 -6.11 -0.39 -32.49
C ALA A 90 -5.50 -1.21 -31.36
N ASN A 91 -5.83 -0.83 -30.14
CA ASN A 91 -5.43 -1.60 -28.99
C ASN A 91 -6.66 -2.00 -28.28
N LYS A 92 -6.91 -3.30 -28.27
CA LYS A 92 -8.11 -3.82 -27.58
C LYS A 92 -7.84 -4.39 -26.23
N LYS A 93 -6.61 -4.20 -25.71
CA LYS A 93 -6.22 -4.94 -24.54
C LYS A 93 -7.16 -4.66 -23.33
N ALA A 94 -7.50 -3.39 -23.10
CA ALA A 94 -8.32 -3.04 -21.93
C ALA A 94 -9.75 -3.65 -22.00
N ALA A 95 -10.16 -4.04 -23.17
CA ALA A 95 -11.45 -4.61 -23.44
C ALA A 95 -11.45 -6.13 -23.48
N TRP A 96 -10.27 -6.77 -23.39
CA TRP A 96 -10.21 -8.21 -23.48
C TRP A 96 -10.24 -8.90 -22.12
N TYR A 97 -10.11 -10.21 -22.19
CA TYR A 97 -10.00 -11.04 -21.00
C TYR A 97 -8.67 -10.91 -20.29
N GLU A 98 -8.69 -11.14 -18.99
CA GLU A 98 -7.48 -11.28 -18.21
C GLU A 98 -6.66 -12.48 -18.78
N PHE A 99 -5.32 -12.36 -18.80
CA PHE A 99 -4.52 -13.46 -19.27
C PHE A 99 -4.37 -14.54 -18.19
N ARG A 100 -4.83 -15.75 -18.54
CA ARG A 100 -4.70 -16.93 -17.74
C ARG A 100 -4.08 -18.10 -18.48
N GLU A 101 -2.81 -17.90 -18.90
CA GLU A 101 -2.11 -18.89 -19.61
C GLU A 101 -2.92 -19.45 -20.78
N LEU A 102 -3.13 -20.76 -20.83
CA LEU A 102 -3.71 -21.37 -22.00
C LEU A 102 -5.23 -21.36 -22.03
N ASN A 103 -5.84 -20.81 -20.98
CA ASN A 103 -7.33 -20.74 -20.97
C ASN A 103 -7.74 -19.79 -22.03
N GLY A 104 -8.72 -20.22 -22.81
CA GLY A 104 -9.18 -19.42 -23.91
C GLY A 104 -8.68 -19.87 -25.22
N ASN A 105 -7.67 -20.75 -25.23
CA ASN A 105 -7.05 -21.26 -26.47
C ASN A 105 -7.82 -22.46 -27.03
N LEU A 106 -8.44 -22.23 -28.18
CA LEU A 106 -9.39 -23.18 -28.76
C LEU A 106 -8.72 -24.33 -29.47
N LEU A 107 -7.40 -24.28 -29.59
CA LEU A 107 -6.68 -25.41 -30.03
C LEU A 107 -6.80 -26.58 -29.09
N TYR A 108 -7.16 -26.34 -27.84
CA TYR A 108 -7.36 -27.43 -26.85
C TYR A 108 -8.85 -27.87 -26.77
N GLY A 109 -9.65 -27.35 -27.66
CA GLY A 109 -11.06 -27.68 -27.72
C GLY A 109 -11.97 -26.67 -27.10
N ARG A 110 -13.25 -26.81 -27.41
CA ARG A 110 -14.21 -25.83 -26.93
C ARG A 110 -14.34 -25.81 -25.46
N ASP A 111 -14.00 -26.91 -24.80
CA ASP A 111 -14.10 -26.93 -23.36
C ASP A 111 -13.04 -26.06 -22.70
N ASN A 112 -12.09 -25.52 -23.51
CA ASN A 112 -11.09 -24.60 -23.01
C ASN A 112 -11.37 -23.19 -23.49
N SER A 113 -12.60 -22.90 -23.97
CA SER A 113 -12.98 -21.53 -24.35
C SER A 113 -12.94 -20.64 -23.17
N TYR A 114 -12.81 -19.34 -23.42
CA TYR A 114 -12.78 -18.40 -22.31
C TYR A 114 -14.06 -18.54 -21.44
N SER A 115 -15.22 -18.66 -22.10
CA SER A 115 -16.49 -18.89 -21.31
C SER A 115 -16.49 -20.18 -20.54
N ALA A 116 -16.16 -21.26 -21.16
CA ALA A 116 -16.09 -22.48 -20.39
C ALA A 116 -15.15 -22.42 -19.22
N ARG A 117 -14.07 -21.64 -19.28
CA ARG A 117 -13.10 -21.58 -18.23
C ARG A 117 -13.37 -20.49 -17.24
N GLY A 118 -14.46 -19.74 -17.43
CA GLY A 118 -14.77 -18.69 -16.49
C GLY A 118 -13.78 -17.53 -16.47
N VAL A 119 -13.08 -17.29 -17.56
CA VAL A 119 -12.07 -16.22 -17.51
C VAL A 119 -12.72 -14.84 -17.38
N PRO A 120 -12.29 -14.04 -16.44
CA PRO A 120 -12.92 -12.73 -16.36
C PRO A 120 -12.45 -11.67 -17.36
N TRP A 121 -13.32 -10.70 -17.61
CA TRP A 121 -12.99 -9.60 -18.48
C TRP A 121 -12.12 -8.70 -17.72
N ARG A 122 -11.13 -8.04 -18.37
CA ARG A 122 -10.49 -6.90 -17.78
C ARG A 122 -11.51 -5.76 -17.58
N ASN A 123 -11.32 -4.91 -16.59
CA ASN A 123 -12.25 -3.77 -16.31
C ASN A 123 -13.69 -4.31 -16.23
N ALA A 124 -13.81 -5.29 -15.34
CA ALA A 124 -15.01 -6.15 -15.25
C ALA A 124 -16.30 -5.41 -14.80
N SER A 125 -16.15 -4.25 -14.17
CA SER A 125 -17.29 -3.42 -13.77
C SER A 125 -17.93 -2.77 -15.00
N LYS A 126 -17.25 -2.73 -16.15
CA LYS A 126 -17.87 -2.30 -17.37
C LYS A 126 -18.45 -3.49 -18.09
N THR A 127 -19.78 -3.55 -18.17
CA THR A 127 -20.46 -4.72 -18.65
C THR A 127 -21.29 -4.42 -19.90
N ALA A 128 -21.76 -3.20 -20.09
CA ALA A 128 -22.44 -2.86 -21.37
C ALA A 128 -21.50 -2.82 -22.55
N SER A 129 -21.99 -3.29 -23.70
CA SER A 129 -21.22 -3.34 -24.92
C SER A 129 -20.58 -2.02 -25.27
N SER A 130 -21.31 -0.92 -25.12
CA SER A 130 -20.77 0.37 -25.51
C SER A 130 -19.68 0.79 -24.56
N GLU A 131 -19.81 0.42 -23.30
CA GLU A 131 -18.77 0.75 -22.32
C GLU A 131 -17.49 -0.10 -22.59
N ARG A 132 -17.66 -1.34 -22.97
CA ARG A 132 -16.51 -2.17 -23.35
C ARG A 132 -15.87 -1.60 -24.60
N GLN A 133 -16.64 -1.15 -25.55
CA GLN A 133 -16.06 -0.63 -26.75
C GLN A 133 -15.23 0.62 -26.45
N SER A 134 -15.56 1.39 -25.42
CA SER A 134 -14.84 2.62 -25.22
C SER A 134 -13.49 2.35 -24.50
N LEU A 135 -13.33 1.13 -24.04
CA LEU A 135 -12.07 0.71 -23.44
C LEU A 135 -10.96 0.51 -24.51
N ILE A 136 -11.38 0.31 -25.75
CA ILE A 136 -10.51 0.07 -26.86
C ILE A 136 -9.87 1.40 -27.18
N ILE A 137 -8.59 1.36 -27.55
CA ILE A 137 -7.97 2.53 -28.12
C ILE A 137 -8.05 2.37 -29.61
N ASP A 138 -8.89 3.21 -30.23
CA ASP A 138 -9.20 3.17 -31.61
C ASP A 138 -9.46 4.60 -32.14
N LEU A 139 -8.55 5.07 -32.98
CA LEU A 139 -8.55 6.44 -33.46
C LEU A 139 -8.90 6.44 -34.91
N GLY A 140 -9.36 5.29 -35.39
CA GLY A 140 -9.71 5.13 -36.80
C GLY A 140 -8.48 4.91 -37.65
N PRO A 141 -8.69 4.63 -38.94
CA PRO A 141 -7.78 4.44 -40.00
C PRO A 141 -7.19 5.79 -40.36
N ARG A 142 -5.95 5.73 -40.81
CA ARG A 142 -5.32 6.88 -41.44
C ARG A 142 -4.87 6.38 -42.78
N SER A 143 -4.73 7.29 -43.74
CA SER A 143 -4.26 7.04 -45.10
C SER A 143 -3.08 7.94 -45.45
N VAL A 144 -2.17 7.40 -46.23
CA VAL A 144 -1.06 8.16 -46.71
C VAL A 144 -0.85 7.77 -48.17
N SER A 145 -0.38 8.71 -48.97
CA SER A 145 0.02 8.49 -50.34
C SER A 145 0.92 9.57 -50.83
N GLY A 146 1.63 9.26 -51.88
CA GLY A 146 2.51 10.27 -52.49
C GLY A 146 3.93 10.22 -51.95
N VAL A 147 4.66 11.27 -52.28
CA VAL A 147 6.08 11.42 -51.98
C VAL A 147 6.27 12.00 -50.61
N MET A 148 6.98 11.27 -49.75
CA MET A 148 7.36 11.82 -48.44
C MET A 148 6.17 12.42 -47.66
N ALA A 149 5.10 11.66 -47.54
CA ALA A 149 3.96 12.02 -46.71
C ALA A 149 4.18 11.62 -45.26
N THR A 150 3.51 12.33 -44.35
CA THR A 150 3.55 12.02 -42.92
C THR A 150 2.20 12.32 -42.35
N VAL A 151 1.55 11.36 -41.69
CA VAL A 151 0.35 11.63 -40.89
C VAL A 151 0.35 10.87 -39.56
N GLU A 152 0.11 11.58 -38.48
CA GLU A 152 0.03 10.96 -37.17
C GLU A 152 -1.27 10.19 -37.03
N ILE A 153 -1.22 9.08 -36.33
CA ILE A 153 -2.47 8.43 -35.89
C ILE A 153 -2.81 9.06 -34.54
N SER A 154 -3.42 10.25 -34.59
CA SER A 154 -3.53 11.09 -33.41
C SER A 154 -4.98 11.25 -32.95
N ILE A 155 -5.14 11.59 -31.69
CA ILE A 155 -6.47 11.93 -31.14
C ILE A 155 -6.92 13.22 -31.74
N ASN A 156 -6.01 13.97 -32.34
CA ASN A 156 -6.37 15.28 -32.96
C ASN A 156 -6.66 15.22 -34.47
N ASN A 157 -6.65 14.06 -35.12
CA ASN A 157 -6.98 14.03 -36.58
C ASN A 157 -7.81 12.80 -36.92
N ILE A 158 -8.71 12.49 -36.01
CA ILE A 158 -9.58 11.36 -36.21
C ILE A 158 -10.49 11.81 -37.33
N PRO A 159 -10.61 11.04 -38.41
CA PRO A 159 -11.53 11.46 -39.46
C PRO A 159 -13.00 11.60 -39.02
N GLU A 160 -13.71 12.57 -39.58
CA GLU A 160 -15.13 12.79 -39.25
C GLU A 160 -16.00 11.57 -39.61
N THR A 161 -15.61 10.82 -40.64
CA THR A 161 -16.35 9.60 -40.99
C THR A 161 -16.21 8.41 -40.01
N TYR A 162 -15.30 8.54 -39.02
CA TYR A 162 -15.04 7.51 -38.04
C TYR A 162 -15.86 7.85 -36.82
N LEU A 163 -16.99 7.17 -36.71
CA LEU A 163 -18.00 7.61 -35.80
C LEU A 163 -17.72 7.22 -34.36
N HIS A 164 -16.92 6.18 -34.14
CA HIS A 164 -16.75 5.69 -32.77
C HIS A 164 -15.30 5.54 -32.33
N PRO A 165 -14.61 6.65 -32.23
CA PRO A 165 -13.26 6.58 -31.73
C PRO A 165 -13.29 6.39 -30.25
N SER A 166 -12.21 5.90 -29.65
CA SER A 166 -12.14 5.80 -28.17
C SER A 166 -10.70 5.84 -27.76
N TYR A 167 -10.47 6.30 -26.54
CA TYR A 167 -9.14 6.34 -25.97
C TYR A 167 -9.26 6.82 -24.58
N PRO A 168 -8.22 6.64 -23.78
CA PRO A 168 -8.27 7.10 -22.42
C PRO A 168 -8.04 8.61 -22.41
N SER A 169 -9.08 9.34 -22.08
CA SER A 169 -9.04 10.78 -22.18
C SER A 169 -8.72 11.39 -20.86
N GLY A 170 -8.38 12.64 -20.92
CA GLY A 170 -7.93 13.32 -19.73
C GLY A 170 -6.61 12.83 -19.17
N GLU A 171 -6.33 13.29 -17.97
CA GLU A 171 -5.06 13.13 -17.35
C GLU A 171 -5.11 11.89 -16.48
N LEU A 172 -4.29 10.90 -16.81
CA LEU A 172 -4.24 9.66 -16.06
C LEU A 172 -3.52 9.85 -14.74
N LEU A 173 -4.00 9.16 -13.71
CA LEU A 173 -3.49 9.37 -12.38
C LEU A 173 -2.12 8.74 -12.06
N GLN A 174 -1.72 7.72 -12.82
CA GLN A 174 -0.45 7.01 -12.59
C GLN A 174 0.25 6.72 -13.94
N GLY A 175 1.58 6.74 -13.97
CA GLY A 175 2.27 6.54 -15.26
C GLY A 175 2.11 7.67 -16.23
N SER A 176 2.12 7.35 -17.52
CA SER A 176 2.02 8.36 -18.55
C SER A 176 0.69 9.12 -18.39
N LYS A 177 0.71 10.46 -18.48
CA LYS A 177 -0.47 11.28 -18.15
C LYS A 177 -1.48 11.47 -19.27
N HIS A 178 -0.97 11.68 -20.48
CA HIS A 178 -1.77 12.17 -21.63
C HIS A 178 -1.60 11.37 -22.86
N PHE A 179 -2.55 10.52 -23.14
CA PHE A 179 -2.51 9.73 -24.38
C PHE A 179 -2.81 10.62 -25.58
N GLU A 180 -2.05 10.47 -26.66
CA GLU A 180 -2.23 11.29 -27.84
C GLU A 180 -2.17 10.57 -29.17
N SER A 181 -1.43 9.45 -29.25
CA SER A 181 -1.15 8.89 -30.50
C SER A 181 -0.88 7.36 -30.40
N LEU A 182 -1.21 6.68 -31.47
CA LEU A 182 -0.84 5.28 -31.68
C LEU A 182 0.37 5.07 -32.63
N GLY A 183 0.76 6.14 -33.30
CA GLY A 183 1.94 6.13 -34.11
C GLY A 183 1.86 7.07 -35.29
N THR A 184 2.59 6.74 -36.33
CA THR A 184 2.81 7.66 -37.46
C THR A 184 2.86 6.88 -38.77
N LEU A 185 2.18 7.32 -39.81
CA LEU A 185 2.30 6.73 -41.15
C LEU A 185 3.12 7.69 -41.99
N ARG A 186 4.05 7.13 -42.76
CA ARG A 186 4.80 7.91 -43.72
C ARG A 186 4.81 7.20 -45.06
N THR A 187 5.28 7.91 -46.08
CA THR A 187 5.73 7.33 -47.29
C THR A 187 7.13 7.81 -47.53
N ASP A 188 7.86 7.02 -48.30
CA ASP A 188 9.25 7.34 -48.67
C ASP A 188 9.14 8.11 -49.98
N SER A 189 10.29 8.39 -50.58
CA SER A 189 10.33 9.22 -51.77
C SER A 189 9.64 8.61 -52.99
N GLN A 190 9.35 7.32 -52.97
CA GLN A 190 8.68 6.63 -54.07
C GLN A 190 7.31 6.09 -53.72
N GLY A 191 6.77 6.51 -52.61
CA GLY A 191 5.40 6.14 -52.27
C GLY A 191 5.23 4.88 -51.43
N ARG A 192 6.35 4.27 -50.99
CA ARG A 192 6.24 3.09 -50.15
C ARG A 192 5.76 3.51 -48.80
N LEU A 193 5.02 2.61 -48.14
CA LEU A 193 4.54 2.87 -46.79
C LEU A 193 5.57 2.57 -45.70
N ILE A 194 5.63 3.41 -44.71
CA ILE A 194 6.38 3.15 -43.48
C ILE A 194 5.45 3.32 -42.35
N VAL A 195 5.26 2.28 -41.55
CA VAL A 195 4.47 2.44 -40.36
C VAL A 195 5.32 2.45 -39.12
N LEU A 196 5.15 3.48 -38.31
CA LEU A 196 5.77 3.62 -37.06
C LEU A 196 4.67 3.53 -36.03
N GLY A 197 4.96 2.85 -34.93
CA GLY A 197 4.00 2.59 -33.87
C GLY A 197 4.12 3.57 -32.73
N GLY A 198 3.70 3.12 -31.57
CA GLY A 198 3.68 3.90 -30.35
C GLY A 198 4.99 4.42 -29.82
N TYR A 199 4.81 5.20 -28.77
CA TYR A 199 5.85 5.93 -28.14
C TYR A 199 6.26 5.38 -26.78
N GLY A 200 5.63 4.29 -26.36
CA GLY A 200 5.85 3.68 -25.07
C GLY A 200 4.96 4.17 -23.93
N PHE A 201 3.93 4.93 -24.28
CA PHE A 201 2.88 5.34 -23.33
C PHE A 201 2.40 4.17 -22.47
N ALA A 202 2.29 4.40 -21.19
CA ALA A 202 1.72 3.37 -20.28
C ALA A 202 1.30 4.12 -19.01
N GLY A 203 -0.02 4.23 -18.88
CA GLY A 203 -0.65 4.97 -17.77
C GLY A 203 -2.02 4.42 -17.44
N GLY A 204 -2.50 4.84 -16.27
CA GLY A 204 -3.83 4.42 -15.84
C GLY A 204 -4.24 5.09 -14.51
N ASN A 205 -5.41 4.67 -14.03
CA ASN A 205 -6.04 5.40 -12.90
C ASN A 205 -6.11 4.63 -11.63
N THR A 206 -5.46 3.47 -11.55
CA THR A 206 -5.30 2.71 -10.32
C THR A 206 -3.83 2.48 -10.04
N ASP A 207 -3.52 2.21 -8.78
CA ASP A 207 -2.18 2.01 -8.31
C ASP A 207 -1.87 0.63 -8.81
N LEU A 208 -0.73 0.44 -9.49
CA LEU A 208 -0.27 -0.94 -9.77
C LEU A 208 0.23 -1.61 -8.46
N SER A 209 0.57 -0.77 -7.46
CA SER A 209 0.94 -1.05 -6.03
C SER A 209 2.47 -1.07 -5.92
N GLY A 212 -5.67 -4.42 -4.60
CA GLY A 212 -5.15 -5.18 -5.73
C GLY A 212 -4.45 -4.19 -6.65
N GLY A 213 -5.13 -3.82 -7.76
CA GLY A 213 -4.71 -2.69 -8.65
C GLY A 213 -4.56 -3.10 -10.12
N GLY A 214 -4.65 -2.18 -11.07
CA GLY A 214 -4.40 -2.57 -12.47
C GLY A 214 -5.52 -2.32 -13.43
N ASP A 215 -6.74 -2.11 -12.91
CA ASP A 215 -7.85 -1.66 -13.76
C ASP A 215 -7.58 -0.30 -14.32
N ASP A 216 -8.14 -0.06 -15.50
CA ASP A 216 -8.21 1.27 -16.11
C ASP A 216 -6.76 1.74 -16.42
N TRP A 217 -6.00 0.78 -16.97
CA TRP A 217 -4.66 0.99 -17.48
C TRP A 217 -4.61 0.76 -18.97
N TYR A 218 -3.63 1.42 -19.58
CA TYR A 218 -3.50 1.44 -21.05
C TYR A 218 -2.06 1.49 -21.47
N ASP A 219 -1.77 0.96 -22.64
CA ASP A 219 -0.52 1.21 -23.32
C ASP A 219 -0.78 1.55 -24.78
N ASP A 220 0.29 1.77 -25.55
CA ASP A 220 0.16 2.25 -26.90
C ASP A 220 0.71 1.25 -27.89
N ILE A 221 0.79 0.00 -27.45
CA ILE A 221 0.87 -1.13 -28.37
C ILE A 221 -0.36 -1.11 -29.23
N SER A 222 -0.27 -1.63 -30.46
CA SER A 222 -1.42 -1.79 -31.32
C SER A 222 -1.12 -2.79 -32.40
N ASP A 223 -2.15 -3.19 -33.10
CA ASP A 223 -2.00 -3.93 -34.35
C ASP A 223 -3.23 -3.69 -35.23
N GLY A 224 -3.11 -4.03 -36.52
CA GLY A 224 -4.23 -3.87 -37.43
C GLY A 224 -3.95 -4.00 -38.88
N SER A 225 -4.94 -3.61 -39.70
CA SER A 225 -4.95 -3.92 -41.07
C SER A 225 -4.20 -2.92 -41.89
N VAL A 226 -3.66 -3.43 -43.00
CA VAL A 226 -2.98 -2.62 -43.98
C VAL A 226 -3.74 -2.85 -45.26
N THR A 227 -4.16 -1.75 -45.91
CA THR A 227 -4.78 -1.84 -47.25
C THR A 227 -4.03 -0.96 -48.23
N CYS A 228 -3.73 -1.51 -49.38
CA CYS A 228 -3.02 -0.83 -50.42
C CYS A 228 -3.89 -0.79 -51.64
N VAL A 229 -4.16 0.42 -52.11
CA VAL A 229 -4.90 0.61 -53.41
C VAL A 229 -3.94 1.27 -54.38
N VAL A 230 -3.69 0.61 -55.50
CA VAL A 230 -2.88 1.12 -56.54
C VAL A 230 -3.82 1.55 -57.66
N THR A 231 -3.72 2.82 -58.03
CA THR A 231 -4.59 3.38 -59.06
C THR A 231 -3.74 3.56 -60.30
N TYR A 232 -4.19 3.00 -61.40
CA TYR A 232 -3.47 3.08 -62.63
C TYR A 232 -3.87 4.32 -63.46
N SER A 233 -3.17 4.62 -64.53
CA SER A 233 -3.40 5.90 -65.31
C SER A 233 -4.78 6.07 -65.80
N ASP A 234 -5.48 4.98 -66.04
CA ASP A 234 -6.84 5.02 -66.51
C ASP A 234 -7.84 5.03 -65.41
N ASP A 235 -7.42 5.27 -64.16
CA ASP A 235 -8.32 5.25 -63.01
C ASP A 235 -8.88 3.92 -62.56
N SER A 236 -8.48 2.84 -63.23
CA SER A 236 -8.80 1.52 -62.69
C SER A 236 -7.89 1.34 -61.44
N SER A 237 -8.20 0.34 -60.63
CA SER A 237 -7.35 0.08 -59.50
C SER A 237 -7.38 -1.38 -59.11
N GLU A 238 -6.35 -1.75 -58.35
CA GLU A 238 -6.32 -3.01 -57.61
C GLU A 238 -6.00 -2.76 -56.17
N THR A 239 -6.48 -3.67 -55.32
CA THR A 239 -6.32 -3.52 -53.89
C THR A 239 -5.71 -4.81 -53.34
N SER A 240 -4.85 -4.67 -52.33
CA SER A 240 -4.31 -5.88 -51.68
C SER A 240 -4.04 -5.51 -50.22
N THR A 241 -3.88 -6.50 -49.35
CA THR A 241 -3.94 -6.24 -47.90
C THR A 241 -2.82 -7.02 -47.16
N ALA A 242 -2.57 -6.58 -45.92
CA ALA A 242 -1.61 -7.17 -45.02
C ALA A 242 -2.04 -6.79 -43.64
N TRP A 243 -1.21 -7.10 -42.66
CA TRP A 243 -1.44 -6.78 -41.28
C TRP A 243 -0.20 -6.10 -40.74
N MET A 244 -0.37 -5.47 -39.60
CA MET A 244 0.68 -4.75 -38.95
C MET A 244 0.63 -4.97 -37.45
N VAL A 245 1.79 -5.20 -36.83
CA VAL A 245 1.85 -5.36 -35.39
C VAL A 245 2.93 -4.48 -34.81
N VAL A 246 2.62 -3.86 -33.68
CA VAL A 246 3.58 -3.07 -32.93
C VAL A 246 4.00 -3.85 -31.65
N GLY A 247 5.31 -4.02 -31.49
CA GLY A 247 5.86 -4.59 -30.29
C GLY A 247 6.67 -3.62 -29.48
N SER A 248 7.01 -4.07 -28.30
CA SER A 248 7.91 -3.33 -27.43
C SER A 248 9.34 -3.49 -28.00
N PRO A 249 10.32 -2.71 -27.52
CA PRO A 249 11.60 -2.76 -28.21
C PRO A 249 12.27 -4.15 -28.26
N ASP A 250 13.01 -4.39 -29.33
CA ASP A 250 13.87 -5.58 -29.44
C ASP A 250 15.21 -5.18 -28.84
N PHE A 251 15.46 -5.65 -27.61
CA PHE A 251 16.70 -5.24 -26.94
C PHE A 251 17.94 -6.11 -27.25
N ALA A 252 17.77 -7.05 -28.17
CA ALA A 252 18.87 -7.91 -28.64
C ALA A 252 18.60 -8.42 -30.01
N PRO A 253 18.60 -7.50 -30.95
CA PRO A 253 18.06 -7.84 -32.26
C PRO A 253 18.86 -8.87 -33.03
N GLU A 254 20.17 -9.01 -32.76
CA GLU A 254 20.95 -10.02 -33.47
C GLU A 254 20.74 -11.43 -32.93
N ILE A 255 20.07 -11.57 -31.80
CA ILE A 255 19.87 -12.89 -31.17
C ILE A 255 18.45 -13.36 -31.53
N VAL A 256 18.37 -14.53 -32.15
CA VAL A 256 17.14 -15.05 -32.71
C VAL A 256 16.55 -16.14 -31.80
N ASN A 257 15.24 -16.12 -31.65
CA ASN A 257 14.50 -17.14 -30.92
C ASN A 257 14.58 -18.48 -31.62
N ILE A 258 14.78 -19.54 -30.83
CA ILE A 258 14.79 -20.87 -31.35
C ILE A 258 13.55 -21.17 -32.21
N SER A 259 12.38 -20.83 -31.72
CA SER A 259 11.15 -20.86 -32.53
C SER A 259 10.61 -19.42 -32.61
N THR A 260 10.71 -18.88 -33.81
CA THR A 260 10.24 -17.53 -34.13
C THR A 260 8.80 -17.55 -34.55
N LEU A 261 8.19 -16.37 -34.58
CA LEU A 261 6.82 -16.31 -35.14
C LEU A 261 6.74 -16.65 -36.61
N SER A 262 7.83 -16.44 -37.36
CA SER A 262 7.88 -17.04 -38.72
C SER A 262 7.82 -18.57 -38.72
N ASP A 263 8.54 -19.20 -37.81
CA ASP A 263 8.41 -20.66 -37.65
C ASP A 263 6.93 -20.99 -37.33
N THR A 264 6.28 -20.18 -36.50
CA THR A 264 4.88 -20.44 -36.15
C THR A 264 4.01 -20.42 -37.41
N CYS A 265 4.14 -19.34 -38.19
CA CYS A 265 3.33 -19.20 -39.41
C CYS A 265 3.62 -20.32 -40.39
N PHE A 266 4.89 -20.70 -40.56
CA PHE A 266 5.30 -21.77 -41.43
C PHE A 266 4.66 -23.09 -41.00
N ASP A 267 4.76 -23.41 -39.70
CA ASP A 267 4.20 -24.67 -39.18
C ASP A 267 2.68 -24.73 -39.40
N VAL A 268 1.99 -23.66 -39.05
CA VAL A 268 0.58 -23.54 -39.32
C VAL A 268 0.28 -23.77 -40.79
N GLY A 269 1.12 -23.18 -41.63
CA GLY A 269 0.98 -23.29 -43.07
C GLY A 269 1.11 -24.70 -43.62
N VAL A 270 2.12 -25.38 -43.12
CA VAL A 270 2.43 -26.74 -43.56
C VAL A 270 1.29 -27.66 -43.14
N ARG A 271 0.85 -27.53 -41.89
CA ARG A 271 -0.15 -28.46 -41.34
C ARG A 271 -1.59 -28.05 -41.67
N ASN A 272 -1.82 -26.85 -42.12
CA ASN A 272 -3.19 -26.44 -42.41
C ASN A 272 -3.50 -25.92 -43.78
N PHE A 273 -2.52 -25.44 -44.51
CA PHE A 273 -2.78 -24.76 -45.77
C PHE A 273 -1.99 -25.36 -46.88
N ASP A 274 -1.52 -26.60 -46.72
CA ASP A 274 -0.84 -27.31 -47.79
C ASP A 274 0.36 -26.52 -48.33
N LEU A 275 1.02 -25.74 -47.48
CA LEU A 275 2.10 -24.91 -47.95
C LEU A 275 3.23 -25.70 -48.61
N VAL A 276 3.55 -26.86 -48.10
CA VAL A 276 4.61 -27.70 -48.59
C VAL A 276 4.10 -29.17 -48.78
N PRO A 277 3.39 -29.44 -49.90
CA PRO A 277 2.75 -30.74 -50.14
C PRO A 277 3.67 -31.90 -50.01
N ASP A 278 4.94 -31.72 -50.38
CA ASP A 278 5.91 -32.82 -50.20
C ASP A 278 6.23 -33.18 -48.74
N MET A 279 5.97 -32.27 -47.81
CA MET A 279 6.34 -32.48 -46.41
C MET A 279 5.22 -33.06 -45.60
N TYR A 280 3.98 -32.77 -46.02
CA TYR A 280 2.85 -33.13 -45.18
C TYR A 280 1.68 -33.52 -46.05
N ASP A 281 1.00 -34.57 -45.65
CA ASP A 281 -0.14 -35.12 -46.42
C ASP A 281 -1.41 -34.61 -45.80
N SER A 282 -2.00 -33.59 -46.40
CA SER A 282 -3.16 -32.94 -45.82
C SER A 282 -4.36 -33.92 -45.81
N ALA A 283 -4.46 -34.75 -46.82
CA ALA A 283 -5.54 -35.77 -46.80
C ALA A 283 -5.55 -36.60 -45.49
N THR A 284 -4.39 -37.10 -45.04
CA THR A 284 -4.27 -37.93 -43.82
C THR A 284 -3.89 -37.23 -42.53
N GLY A 285 -3.36 -36.02 -42.60
CA GLY A 285 -2.97 -35.34 -41.37
C GLY A 285 -1.67 -35.80 -40.79
N HIS A 286 -0.77 -36.26 -41.65
CA HIS A 286 0.55 -36.68 -41.21
C HIS A 286 1.66 -36.14 -42.08
N TYR A 287 2.81 -35.92 -41.45
CA TYR A 287 4.00 -35.63 -42.22
C TYR A 287 4.36 -36.80 -43.11
N LYS A 288 5.09 -36.51 -44.16
CA LYS A 288 5.57 -37.53 -45.11
C LYS A 288 6.98 -37.96 -44.77
N SER A 289 7.11 -39.24 -44.37
CA SER A 289 8.42 -39.75 -43.97
C SER A 289 9.47 -39.85 -45.04
N ASP A 290 9.09 -39.74 -46.32
CA ASP A 290 10.08 -39.67 -47.35
C ASP A 290 10.60 -38.27 -47.65
N TYR A 291 10.16 -37.24 -46.89
CA TYR A 291 10.60 -35.89 -47.16
C TYR A 291 12.04 -35.73 -46.78
N VAL A 292 12.84 -35.24 -47.68
CA VAL A 292 14.27 -35.10 -47.40
C VAL A 292 14.60 -33.67 -46.96
N ALA A 293 15.05 -33.47 -45.72
CA ALA A 293 15.30 -32.13 -45.21
C ALA A 293 16.60 -31.63 -45.81
N ASN A 294 16.90 -30.39 -45.56
CA ASN A 294 18.15 -29.84 -46.02
C ASN A 294 18.88 -29.32 -44.76
N PHE A 295 20.18 -29.66 -44.62
CA PHE A 295 20.87 -29.25 -43.41
C PHE A 295 20.90 -27.73 -43.24
N ASP A 296 21.40 -27.04 -44.23
CA ASP A 296 21.56 -25.62 -44.11
C ASP A 296 20.24 -24.86 -43.89
N ARG A 297 19.20 -25.22 -44.58
CA ARG A 297 17.93 -24.51 -44.52
C ARG A 297 17.15 -24.88 -43.25
N ASP A 298 17.14 -26.15 -42.88
CA ASP A 298 16.20 -26.64 -41.89
C ASP A 298 16.81 -26.88 -40.52
N ILE A 299 18.07 -27.23 -40.46
CA ILE A 299 18.64 -27.71 -39.23
C ILE A 299 19.61 -26.71 -38.62
N LEU A 300 20.53 -26.27 -39.45
CA LEU A 300 21.51 -25.29 -39.03
C LEU A 300 20.96 -24.07 -38.31
N PRO A 301 19.84 -23.51 -38.73
CA PRO A 301 19.36 -22.33 -38.00
C PRO A 301 19.00 -22.67 -36.56
N ILE A 302 18.54 -23.87 -36.31
CA ILE A 302 18.20 -24.25 -34.97
C ILE A 302 19.47 -24.30 -34.10
N ILE A 303 20.49 -24.90 -34.65
CA ILE A 303 21.74 -25.00 -33.96
C ILE A 303 22.37 -23.63 -33.72
N GLN A 304 22.32 -22.76 -34.73
CA GLN A 304 22.87 -21.42 -34.58
C GLN A 304 22.07 -20.64 -33.52
N ARG A 305 20.74 -20.78 -33.51
CA ARG A 305 19.92 -20.00 -32.54
C ARG A 305 20.31 -20.46 -31.13
N ILE A 306 20.38 -21.76 -30.91
CA ILE A 306 20.69 -22.34 -29.64
C ILE A 306 22.04 -21.76 -29.16
N SER A 307 22.99 -21.65 -30.09
CA SER A 307 24.37 -21.18 -29.77
C SER A 307 24.48 -19.74 -29.33
N GLN A 308 23.44 -18.92 -29.56
N GLN A 308 23.47 -18.91 -29.46
CA GLN A 308 23.43 -17.50 -29.22
CA GLN A 308 23.66 -17.56 -29.05
C GLN A 308 22.87 -17.23 -27.81
C GLN A 308 22.78 -17.17 -27.86
N TYR A 309 22.05 -18.15 -27.26
CA TYR A 309 21.35 -17.87 -26.00
C TYR A 309 22.30 -17.54 -24.85
N GLN A 310 23.53 -18.07 -24.92
CA GLN A 310 24.54 -17.80 -23.88
C GLN A 310 24.84 -16.33 -23.61
N TRP A 311 24.53 -15.44 -24.57
CA TRP A 311 24.84 -14.02 -24.38
C TRP A 311 23.81 -13.31 -23.50
N VAL A 312 22.71 -13.99 -23.22
CA VAL A 312 21.58 -13.41 -22.53
C VAL A 312 21.01 -14.30 -21.44
N SER A 313 21.58 -15.51 -21.25
CA SER A 313 21.07 -16.47 -20.27
C SER A 313 22.17 -17.47 -19.99
N ASN A 314 22.02 -18.26 -18.93
CA ASN A 314 22.91 -19.35 -18.61
C ASN A 314 22.23 -20.67 -18.92
N VAL A 315 22.51 -21.16 -20.12
CA VAL A 315 21.93 -22.38 -20.63
C VAL A 315 23.04 -23.29 -21.16
N GLN A 316 24.05 -23.50 -20.33
CA GLN A 316 25.21 -24.28 -20.71
C GLN A 316 24.83 -25.72 -21.05
N SER A 317 23.77 -26.23 -20.44
CA SER A 317 23.32 -27.59 -20.79
C SER A 317 22.97 -27.75 -22.24
N MET A 318 22.74 -26.65 -22.97
CA MET A 318 22.48 -26.68 -24.40
C MET A 318 23.73 -26.72 -25.25
N SER A 319 24.88 -26.64 -24.59
CA SER A 319 26.15 -26.56 -25.33
C SER A 319 26.42 -27.77 -26.16
N GLY A 320 26.06 -28.95 -25.70
CA GLY A 320 26.25 -30.16 -26.49
C GLY A 320 25.52 -30.19 -27.81
N PHE A 321 24.56 -29.28 -28.01
CA PHE A 321 23.78 -29.26 -29.18
C PHE A 321 24.35 -28.32 -30.24
N PHE A 322 25.43 -27.62 -29.93
CA PHE A 322 26.08 -26.85 -30.96
C PHE A 322 27.61 -27.03 -30.89
N SER A 323 28.03 -28.13 -30.34
CA SER A 323 29.45 -28.30 -30.13
C SER A 323 30.19 -28.81 -31.34
N PHE A 324 29.45 -29.42 -32.26
CA PHE A 324 30.05 -30.22 -33.34
C PHE A 324 31.03 -31.26 -32.73
N GLN A 325 30.52 -31.93 -31.71
CA GLN A 325 31.34 -32.96 -31.06
C GLN A 325 31.37 -34.12 -32.05
N PHE A 326 30.39 -34.19 -32.95
CA PHE A 326 30.44 -35.09 -34.08
C PHE A 326 29.96 -34.24 -35.23
N ASP A 327 30.05 -34.79 -36.40
CA ASP A 327 29.74 -34.10 -37.59
C ASP A 327 28.25 -34.05 -37.91
N TYR A 328 27.63 -32.87 -37.72
CA TYR A 328 26.18 -32.72 -37.92
C TYR A 328 25.82 -32.90 -39.41
N ARG A 329 26.78 -32.77 -40.35
CA ARG A 329 26.48 -32.86 -41.77
C ARG A 329 26.65 -34.27 -42.28
N ASP A 330 27.21 -35.17 -41.49
CA ASP A 330 27.36 -36.59 -41.88
C ASP A 330 26.05 -37.36 -41.79
N GLY A 331 25.43 -37.64 -42.95
CA GLY A 331 24.21 -38.37 -43.12
C GLY A 331 24.36 -39.87 -43.12
N SER A 332 25.56 -40.35 -42.90
CA SER A 332 25.84 -41.79 -43.07
C SER A 332 25.33 -42.65 -41.96
N ALA A 333 25.13 -43.96 -42.25
CA ALA A 333 24.71 -44.87 -41.23
C ALA A 333 25.67 -44.93 -40.04
N ALA A 334 26.97 -44.81 -40.25
CA ALA A 334 27.90 -44.84 -39.15
C ALA A 334 27.63 -43.70 -38.14
N ASN A 335 27.08 -42.60 -38.63
CA ASN A 335 26.82 -41.42 -37.74
C ASN A 335 25.40 -41.37 -37.25
N LYS A 336 24.57 -42.32 -37.64
CA LYS A 336 23.16 -42.29 -37.28
C LYS A 336 22.90 -42.36 -35.75
N ALA A 337 23.57 -43.24 -35.04
CA ALA A 337 23.33 -43.36 -33.60
C ALA A 337 23.60 -42.00 -32.93
N ASN A 338 24.63 -41.27 -33.38
CA ASN A 338 24.88 -39.93 -32.92
C ASN A 338 23.77 -38.93 -33.21
N ARG A 339 23.27 -38.92 -34.45
N ARG A 339 23.28 -38.93 -34.46
CA ARG A 339 22.20 -37.98 -34.80
CA ARG A 339 22.21 -37.98 -34.84
C ARG A 339 20.91 -38.30 -34.03
C ARG A 339 20.93 -38.30 -34.05
N MET A 340 20.64 -39.59 -33.87
CA MET A 340 19.43 -40.02 -33.18
C MET A 340 19.50 -39.66 -31.66
N LYS A 341 20.68 -39.80 -31.09
CA LYS A 341 20.87 -39.45 -29.69
C LYS A 341 20.57 -37.94 -29.53
N TYR A 342 21.09 -37.09 -30.43
CA TYR A 342 20.90 -35.64 -30.41
C TYR A 342 19.39 -35.34 -30.50
N TYR A 343 18.71 -35.96 -31.46
CA TYR A 343 17.30 -35.79 -31.64
C TYR A 343 16.45 -36.27 -30.46
N ASN A 344 16.86 -37.39 -29.89
CA ASN A 344 16.06 -37.99 -28.80
C ASN A 344 16.18 -37.20 -27.51
N TYR A 345 17.08 -36.19 -27.47
CA TYR A 345 17.09 -35.27 -26.34
C TYR A 345 16.13 -34.12 -26.48
N PHE A 346 15.47 -33.99 -27.63
CA PHE A 346 14.42 -32.97 -27.82
C PHE A 346 13.11 -33.49 -27.29
N ARG A 347 12.38 -32.63 -26.57
CA ARG A 347 11.03 -32.98 -26.12
C ARG A 347 10.08 -33.09 -27.31
N GLN A 348 9.38 -34.22 -27.35
CA GLN A 348 8.24 -34.37 -28.25
C GLN A 348 7.18 -33.38 -27.79
N LEU A 349 6.24 -33.06 -28.70
CA LEU A 349 5.13 -32.17 -28.36
C LEU A 349 4.03 -32.83 -27.58
N ASP A 350 3.47 -32.14 -26.59
CA ASP A 350 2.28 -32.64 -25.92
C ASP A 350 1.12 -32.64 -26.93
N ASN A 351 0.17 -33.55 -26.73
CA ASN A 351 -1.10 -33.42 -27.45
C ASN A 351 -1.88 -32.19 -26.92
N LYS A 352 -2.92 -31.82 -27.58
CA LYS A 352 -3.70 -30.68 -27.12
C LYS A 352 -5.02 -31.15 -26.52
N VAL A 353 -4.88 -32.04 -25.55
CA VAL A 353 -6.04 -32.69 -24.88
C VAL A 353 -6.12 -32.14 -23.48
N ILE A 354 -7.29 -31.69 -23.08
CA ILE A 354 -7.49 -31.22 -21.74
C ILE A 354 -7.39 -32.37 -20.72
N GLY A 355 -6.76 -32.12 -19.58
CA GLY A 355 -6.64 -33.08 -18.50
C GLY A 355 -5.62 -34.16 -18.70
N ASP A 356 -4.66 -34.03 -19.65
CA ASP A 356 -3.72 -35.07 -19.87
C ASP A 356 -2.35 -34.49 -19.45
N TYR A 357 -1.84 -34.86 -18.30
CA TYR A 357 -0.69 -34.22 -17.72
C TYR A 357 0.60 -34.99 -17.92
N ASP A 358 0.53 -36.32 -18.00
CA ASP A 358 1.72 -37.09 -18.08
C ASP A 358 2.21 -37.21 -19.51
N GLN A 359 2.90 -36.16 -19.96
CA GLN A 359 3.17 -35.92 -21.36
C GLN A 359 4.59 -35.41 -21.42
N PRO A 360 5.18 -35.44 -22.60
CA PRO A 360 6.61 -35.13 -22.69
C PRO A 360 7.04 -33.71 -22.22
N GLN A 361 6.18 -32.69 -22.37
CA GLN A 361 6.58 -31.32 -21.95
C GLN A 361 6.51 -31.10 -20.45
N GLN A 362 6.07 -32.12 -19.68
CA GLN A 362 6.17 -32.12 -18.23
C GLN A 362 7.40 -32.80 -17.71
N VAL A 363 8.23 -33.34 -18.63
CA VAL A 363 9.46 -33.99 -18.27
C VAL A 363 10.63 -33.03 -18.44
N LEU A 364 11.38 -32.87 -17.37
CA LEU A 364 12.53 -31.97 -17.40
C LEU A 364 13.74 -32.66 -18.01
N MET A 365 14.14 -33.80 -17.41
CA MET A 365 15.45 -34.44 -17.68
C MET A 365 15.33 -35.70 -18.55
N SER A 366 16.42 -36.08 -19.16
CA SER A 366 16.52 -37.42 -19.86
C SER A 366 16.37 -38.58 -18.90
N SER A 367 16.82 -38.42 -17.64
CA SER A 367 16.80 -39.45 -16.63
C SER A 367 17.06 -38.83 -15.31
N GLU A 368 16.83 -39.57 -14.26
CA GLU A 368 17.41 -39.12 -13.04
C GLU A 368 18.40 -40.09 -12.44
N VAL A 369 18.95 -40.95 -13.26
CA VAL A 369 20.06 -41.76 -12.86
C VAL A 369 21.36 -40.97 -13.04
N GLU A 370 22.21 -40.92 -12.01
CA GLU A 370 23.47 -40.19 -12.11
C GLU A 370 24.30 -40.72 -13.22
N GLY A 371 24.78 -39.82 -14.03
CA GLY A 371 25.52 -40.23 -15.24
C GLY A 371 24.74 -40.11 -16.53
N ASP A 372 23.41 -40.07 -16.42
CA ASP A 372 22.50 -40.00 -17.53
C ASP A 372 21.58 -38.78 -17.45
N ILE A 373 21.94 -37.76 -16.67
CA ILE A 373 21.13 -36.58 -16.46
C ILE A 373 21.46 -35.39 -17.38
N LEU A 374 20.50 -35.05 -18.19
CA LEU A 374 20.61 -33.86 -19.10
C LEU A 374 19.24 -33.24 -19.23
N PRO A 375 19.15 -31.89 -19.14
CA PRO A 375 17.84 -31.22 -19.43
C PRO A 375 17.49 -31.38 -20.89
N LEU A 376 16.24 -31.77 -21.14
CA LEU A 376 15.78 -31.94 -22.47
C LEU A 376 15.58 -30.63 -23.21
N MET A 377 15.52 -30.71 -24.56
CA MET A 377 15.74 -29.59 -25.43
C MET A 377 14.47 -29.14 -26.14
N PRO A 378 14.38 -27.84 -26.42
CA PRO A 378 15.25 -26.79 -25.93
C PRO A 378 14.95 -26.61 -24.41
N MET A 379 15.96 -26.25 -23.65
CA MET A 379 15.77 -26.05 -22.20
C MET A 379 15.31 -24.62 -21.88
N ASN A 380 14.02 -24.51 -21.54
CA ASN A 380 13.29 -23.25 -21.41
C ASN A 380 11.90 -23.62 -20.90
N SER A 381 11.24 -22.65 -20.29
CA SER A 381 9.83 -22.81 -19.96
C SER A 381 8.99 -23.09 -21.17
N GLY A 382 7.92 -23.86 -20.93
CA GLY A 382 6.87 -24.00 -21.87
C GLY A 382 5.77 -22.96 -21.66
N SER A 383 4.65 -23.15 -22.35
CA SER A 383 3.60 -22.16 -22.40
C SER A 383 2.68 -22.17 -21.16
N ASN A 384 2.85 -23.12 -20.24
CA ASN A 384 2.33 -22.96 -18.90
C ASN A 384 3.04 -23.67 -17.80
N SER A 385 4.03 -22.97 -17.25
CA SER A 385 4.76 -23.38 -16.09
C SER A 385 4.29 -22.62 -14.82
N VAL A 386 3.20 -21.89 -14.95
CA VAL A 386 2.74 -20.90 -13.97
C VAL A 386 1.57 -21.40 -13.13
N SER A 387 0.57 -21.98 -13.77
CA SER A 387 -0.65 -22.42 -13.01
C SER A 387 -0.86 -23.95 -13.05
N SER A 388 -1.29 -24.52 -11.95
CA SER A 388 -1.51 -25.94 -11.87
C SER A 388 -2.83 -26.38 -12.47
N SER A 389 -3.02 -27.68 -12.55
CA SER A 389 -4.25 -28.28 -13.07
C SER A 389 -5.47 -27.78 -12.31
N ASN A 390 -5.29 -27.46 -11.01
CA ASN A 390 -6.40 -27.12 -10.14
C ASN A 390 -6.56 -25.66 -9.81
N PHE A 391 -6.01 -24.77 -10.64
CA PHE A 391 -6.21 -23.32 -10.47
C PHE A 391 -7.49 -22.89 -11.11
N TYR A 392 -7.89 -21.68 -10.75
CA TYR A 392 -9.00 -20.97 -11.36
C TYR A 392 -10.33 -21.70 -11.19
N ASP A 393 -10.47 -22.45 -10.10
CA ASP A 393 -11.61 -23.30 -9.82
C ASP A 393 -11.80 -24.36 -10.87
N LEU A 394 -10.75 -24.79 -11.57
CA LEU A 394 -10.82 -25.83 -12.53
C LEU A 394 -10.20 -27.08 -11.94
N THR A 395 -10.37 -28.21 -12.58
CA THR A 395 -9.59 -29.37 -12.18
C THR A 395 -8.76 -29.87 -13.35
N ASP A 396 -8.89 -29.24 -14.50
CA ASP A 396 -8.22 -29.72 -15.67
C ASP A 396 -7.57 -28.56 -16.50
N ASN A 397 -7.09 -27.55 -15.79
CA ASN A 397 -6.34 -26.45 -16.40
C ASN A 397 -5.15 -27.03 -17.17
N VAL A 398 -4.93 -26.56 -18.38
CA VAL A 398 -3.85 -27.11 -19.23
C VAL A 398 -2.50 -26.63 -18.72
N VAL A 399 -1.61 -27.59 -18.57
CA VAL A 399 -0.22 -27.36 -18.11
C VAL A 399 0.72 -27.65 -19.28
N GLU A 400 1.77 -26.84 -19.42
CA GLU A 400 2.83 -27.17 -20.38
C GLU A 400 4.12 -26.58 -19.83
N LYS A 401 4.85 -27.39 -19.11
CA LYS A 401 5.89 -26.88 -18.19
C LYS A 401 7.15 -26.45 -18.94
N PHE A 402 7.58 -27.29 -19.90
CA PHE A 402 8.87 -27.12 -20.60
C PHE A 402 8.74 -27.11 -22.09
N LEU A 403 9.71 -26.44 -22.71
CA LEU A 403 9.61 -26.10 -24.11
C LEU A 403 9.82 -27.26 -25.04
N ALA A 404 9.16 -27.21 -26.20
CA ALA A 404 9.49 -28.08 -27.37
C ALA A 404 9.63 -27.14 -28.54
N LEU A 405 10.28 -27.63 -29.58
CA LEU A 405 10.19 -27.04 -30.87
C LEU A 405 8.74 -27.10 -31.38
N ASP A 406 8.48 -26.39 -32.47
CA ASP A 406 7.18 -26.57 -33.11
C ASP A 406 7.19 -27.86 -33.92
N ALA A 407 6.02 -28.31 -34.32
CA ALA A 407 5.88 -29.65 -34.88
C ALA A 407 6.64 -29.79 -36.20
N THR A 408 6.74 -28.70 -36.94
CA THR A 408 7.46 -28.74 -38.22
C THR A 408 8.98 -28.73 -38.03
N GLN A 409 9.47 -27.86 -37.11
CA GLN A 409 10.86 -27.93 -36.79
C GLN A 409 11.24 -29.31 -36.35
N LEU A 410 10.42 -29.89 -35.51
CA LEU A 410 10.83 -31.17 -34.92
C LEU A 410 10.75 -32.30 -35.95
N PHE A 411 9.76 -32.24 -36.83
CA PHE A 411 9.68 -33.19 -37.93
C PHE A 411 10.99 -33.18 -38.76
N LEU A 412 11.42 -31.99 -39.12
CA LEU A 412 12.61 -31.83 -39.89
C LEU A 412 13.86 -32.29 -39.16
N LEU A 413 13.92 -32.03 -37.87
CA LEU A 413 15.00 -32.54 -37.06
C LEU A 413 15.05 -34.08 -37.04
N GLY A 414 13.88 -34.71 -36.99
CA GLY A 414 13.77 -36.17 -37.03
C GLY A 414 14.19 -36.74 -38.39
N GLN A 415 13.92 -36.02 -39.48
CA GLN A 415 14.40 -36.44 -40.78
C GLN A 415 15.93 -36.39 -40.82
N TRP A 416 16.51 -35.34 -40.29
CA TRP A 416 17.92 -35.27 -40.11
C TRP A 416 18.44 -36.44 -39.33
N ALA A 417 17.81 -36.74 -38.20
CA ALA A 417 18.26 -37.84 -37.36
C ALA A 417 18.25 -39.19 -38.15
N GLU A 418 17.16 -39.39 -38.90
CA GLU A 418 17.07 -40.53 -39.85
C GLU A 418 18.06 -40.58 -40.97
N GLY A 419 18.75 -39.50 -41.31
CA GLY A 419 19.67 -39.51 -42.44
C GLY A 419 18.97 -39.04 -43.74
N GLU A 420 17.73 -38.64 -43.64
CA GLU A 420 16.94 -38.08 -44.74
C GLU A 420 17.17 -36.59 -44.86
N PHE A 421 18.37 -36.25 -45.22
CA PHE A 421 18.70 -34.88 -45.45
C PHE A 421 19.85 -34.70 -46.38
N THR A 422 19.91 -33.53 -46.97
CA THR A 422 21.03 -33.17 -47.80
C THR A 422 21.86 -32.09 -47.24
N ALA A 423 22.99 -31.94 -47.86
CA ALA A 423 23.91 -30.87 -47.66
C ALA A 423 23.99 -30.11 -48.93
N GLY A 424 24.12 -28.80 -48.83
CA GLY A 424 24.21 -27.95 -49.97
C GLY A 424 22.98 -27.05 -50.00
N PRO A 425 22.81 -26.29 -51.05
CA PRO A 425 21.66 -25.36 -51.14
C PRO A 425 20.35 -26.12 -51.27
N ALA A 426 19.30 -25.64 -50.74
CA ALA A 426 18.11 -26.33 -51.11
C ALA A 426 17.36 -25.23 -51.73
N ASP A 427 16.31 -25.48 -52.46
CA ASP A 427 15.55 -24.26 -52.81
C ASP A 427 14.72 -23.80 -51.59
N ASP A 428 14.44 -22.50 -51.57
CA ASP A 428 13.55 -21.90 -50.57
C ASP A 428 12.16 -22.52 -50.68
N TYR A 429 11.52 -22.53 -49.55
CA TYR A 429 10.10 -22.77 -49.50
C TYR A 429 9.37 -21.64 -50.21
N PRO A 430 8.12 -21.88 -50.56
CA PRO A 430 7.30 -20.84 -51.19
C PRO A 430 6.77 -19.79 -50.22
N VAL A 431 7.69 -19.04 -49.61
CA VAL A 431 7.40 -18.01 -48.64
C VAL A 431 8.38 -16.91 -49.01
N SER A 432 7.91 -15.72 -49.21
CA SER A 432 8.78 -14.59 -49.49
C SER A 432 9.73 -14.34 -48.33
N ASP A 433 10.98 -13.98 -48.63
CA ASP A 433 11.89 -13.46 -47.60
C ASP A 433 11.43 -12.26 -46.85
N MET A 434 10.66 -11.39 -47.52
CA MET A 434 10.16 -10.19 -46.83
C MET A 434 9.12 -10.53 -45.75
N ASP A 435 8.46 -11.68 -45.96
CA ASP A 435 7.49 -12.13 -44.99
C ASP A 435 8.16 -12.78 -43.78
N THR A 436 9.30 -13.43 -43.99
CA THR A 436 9.97 -14.03 -42.83
C THR A 436 10.73 -13.00 -42.00
N ALA A 437 11.20 -11.92 -42.65
CA ALA A 437 12.09 -10.98 -42.02
C ALA A 437 11.41 -10.14 -40.97
N SER A 438 10.09 -9.99 -41.03
CA SER A 438 9.41 -9.22 -40.03
C SER A 438 9.17 -10.08 -38.81
N ILE A 439 8.32 -11.08 -38.98
CA ILE A 439 7.88 -11.90 -37.86
C ILE A 439 8.91 -12.92 -37.41
N GLY A 440 9.95 -13.16 -38.19
CA GLY A 440 11.05 -14.03 -37.77
C GLY A 440 11.84 -13.36 -36.66
N ASN A 441 11.64 -12.05 -36.50
CA ASN A 441 12.22 -11.33 -35.35
C ASN A 441 11.32 -11.22 -34.12
N CYS A 442 10.19 -11.93 -34.13
CA CYS A 442 9.28 -12.01 -32.98
C CYS A 442 9.28 -13.42 -32.39
N VAL A 443 8.96 -13.45 -31.12
CA VAL A 443 8.92 -14.68 -30.37
C VAL A 443 7.81 -15.61 -30.92
N GLY A 444 8.16 -16.86 -31.17
CA GLY A 444 7.17 -17.91 -31.49
C GLY A 444 6.76 -18.77 -30.30
N LEU A 445 7.73 -19.25 -29.53
CA LEU A 445 7.42 -20.09 -28.39
C LEU A 445 8.44 -19.78 -27.30
N PRO A 446 8.06 -19.90 -26.02
CA PRO A 446 6.74 -20.18 -25.51
C PRO A 446 5.87 -18.94 -25.64
N MET A 447 4.61 -19.09 -25.28
CA MET A 447 3.63 -18.02 -25.32
C MET A 447 2.78 -18.07 -24.04
N CYS A 448 3.22 -17.36 -23.01
CA CYS A 448 2.60 -17.31 -21.73
C CYS A 448 2.64 -15.92 -21.07
N PRO A 449 2.27 -14.90 -21.82
CA PRO A 449 1.68 -14.95 -23.13
C PRO A 449 2.62 -14.87 -24.28
N GLY A 450 3.81 -14.36 -24.03
CA GLY A 450 4.71 -14.03 -25.09
C GLY A 450 5.19 -12.63 -25.01
N ILE A 451 5.71 -12.12 -26.12
CA ILE A 451 6.21 -10.71 -26.13
C ILE A 451 5.40 -9.93 -27.14
N GLU A 452 5.54 -10.21 -28.43
CA GLU A 452 4.74 -9.44 -29.39
C GLU A 452 3.24 -9.89 -29.48
N MET A 453 3.06 -11.21 -29.50
CA MET A 453 1.83 -11.86 -29.84
C MET A 453 1.74 -13.13 -29.05
N THR A 454 0.53 -13.70 -28.98
CA THR A 454 0.38 -14.93 -28.20
C THR A 454 -0.29 -16.01 -29.09
N TRP A 455 -0.89 -17.01 -28.44
CA TRP A 455 -1.16 -18.28 -29.08
C TRP A 455 -2.32 -18.27 -30.02
N SER A 456 -2.98 -17.11 -30.18
CA SER A 456 -3.92 -17.01 -31.30
C SER A 456 -3.23 -17.16 -32.62
N LEU A 457 -1.95 -16.79 -32.69
CA LEU A 457 -1.25 -16.94 -33.95
C LEU A 457 -0.99 -18.36 -34.38
N GLN A 458 -1.17 -19.29 -33.46
CA GLN A 458 -1.07 -20.68 -33.78
C GLN A 458 -2.38 -21.24 -34.37
N ASN A 459 -3.41 -20.46 -34.30
CA ASN A 459 -4.73 -20.93 -34.73
C ASN A 459 -5.01 -20.68 -36.20
N PRO A 460 -5.10 -21.75 -37.02
CA PRO A 460 -5.21 -21.51 -38.41
C PRO A 460 -6.45 -20.71 -38.80
N VAL A 461 -7.46 -20.70 -37.95
CA VAL A 461 -8.70 -19.97 -38.36
C VAL A 461 -8.55 -18.45 -38.48
N ILE A 462 -7.45 -17.86 -37.97
CA ILE A 462 -7.22 -16.44 -38.18
C ILE A 462 -6.56 -16.09 -39.47
N TYR A 463 -6.16 -17.08 -40.25
CA TYR A 463 -5.46 -16.91 -41.50
C TYR A 463 -6.32 -17.21 -42.68
N LYS A 464 -6.14 -16.48 -43.75
N LYS A 464 -6.14 -16.43 -43.73
CA LYS A 464 -6.74 -16.89 -45.02
CA LYS A 464 -6.64 -16.78 -45.07
C LYS A 464 -5.83 -17.77 -45.83
C LYS A 464 -5.83 -17.84 -45.69
N ASP A 465 -4.52 -17.71 -45.61
CA ASP A 465 -3.60 -18.69 -46.17
C ASP A 465 -2.30 -18.54 -45.36
N ALA A 466 -1.31 -19.39 -45.61
CA ALA A 466 -0.07 -19.36 -44.86
C ALA A 466 0.50 -17.93 -44.87
N TYR A 467 0.86 -17.44 -43.67
CA TYR A 467 1.44 -16.11 -43.43
C TYR A 467 0.47 -14.94 -43.61
N GLN A 468 -0.79 -15.22 -43.97
CA GLN A 468 -1.72 -14.11 -44.29
C GLN A 468 -2.90 -14.04 -43.40
N ILE A 469 -3.00 -12.94 -42.66
CA ILE A 469 -4.07 -12.74 -41.69
C ILE A 469 -5.38 -12.46 -42.46
N LYS A 470 -6.40 -13.22 -42.12
CA LYS A 470 -7.74 -12.97 -42.66
C LYS A 470 -8.35 -11.77 -42.03
N HIS A 471 -8.90 -10.88 -42.84
CA HIS A 471 -9.50 -9.71 -42.36
C HIS A 471 -11.02 -9.93 -42.18
N TYR A 472 -11.52 -9.50 -41.06
CA TYR A 472 -12.96 -9.42 -40.81
C TYR A 472 -13.43 -8.02 -41.28
N GLN A 473 -14.29 -7.98 -42.25
CA GLN A 473 -14.85 -6.68 -42.74
C GLN A 473 -13.86 -5.68 -43.26
N ASP A 474 -14.29 -4.42 -43.29
CA ASP A 474 -13.60 -3.42 -44.09
C ASP A 474 -13.88 -2.03 -43.55
N LYS A 475 -13.19 -1.04 -44.15
CA LYS A 475 -13.17 0.29 -43.63
C LYS A 475 -14.63 0.82 -43.48
N ALA A 476 -15.46 0.63 -44.47
CA ALA A 476 -16.86 1.20 -44.40
C ALA A 476 -17.62 0.64 -43.18
N TYR A 477 -17.41 -0.67 -42.89
CA TYR A 477 -18.05 -1.28 -41.70
C TYR A 477 -17.61 -0.59 -40.42
N PHE A 478 -16.29 -0.47 -40.21
CA PHE A 478 -15.82 0.08 -38.98
C PHE A 478 -16.09 1.56 -38.82
N ASP A 479 -16.06 2.28 -39.94
CA ASP A 479 -16.40 3.72 -39.96
C ASP A 479 -17.72 3.94 -39.16
N VAL A 480 -18.69 3.07 -39.44
CA VAL A 480 -20.05 3.20 -38.87
C VAL A 480 -20.23 2.54 -37.51
N ASN A 481 -19.56 1.40 -37.31
CA ASN A 481 -19.79 0.55 -36.13
C ASN A 481 -18.72 0.52 -35.08
N GLY A 482 -17.53 0.94 -35.46
CA GLY A 482 -16.39 0.78 -34.57
C GLY A 482 -16.06 -0.70 -34.47
N LEU A 483 -15.19 -1.00 -33.50
CA LEU A 483 -14.65 -2.32 -33.35
C LEU A 483 -15.49 -3.12 -32.40
N THR A 484 -15.34 -4.46 -32.42
CA THR A 484 -16.28 -5.31 -31.63
C THR A 484 -15.54 -5.81 -30.38
N PRO A 485 -15.84 -5.25 -29.20
CA PRO A 485 -14.96 -5.54 -28.06
C PRO A 485 -14.90 -7.01 -27.60
N GLU A 486 -16.02 -7.71 -27.70
CA GLU A 486 -16.11 -9.04 -27.13
C GLU A 486 -15.85 -10.12 -28.16
N ARG A 487 -15.63 -9.77 -29.42
CA ARG A 487 -15.53 -10.75 -30.49
C ARG A 487 -14.17 -11.48 -30.44
N ASP A 488 -14.23 -12.80 -30.33
CA ASP A 488 -13.03 -13.63 -30.49
C ASP A 488 -12.93 -14.13 -31.92
N GLU A 489 -11.96 -13.58 -32.65
CA GLU A 489 -11.66 -14.03 -33.96
C GLU A 489 -11.35 -15.49 -34.08
N CYS A 490 -10.79 -16.09 -33.02
CA CYS A 490 -10.61 -17.56 -33.04
C CYS A 490 -11.89 -18.38 -32.92
N GLU A 491 -12.87 -17.84 -32.25
CA GLU A 491 -14.20 -18.47 -32.15
C GLU A 491 -15.01 -18.27 -33.43
N GLU A 492 -15.08 -17.06 -33.95
CA GLU A 492 -15.91 -16.83 -35.19
C GLU A 492 -15.33 -17.30 -36.43
N GLU A 493 -13.98 -17.30 -36.58
CA GLU A 493 -13.32 -17.88 -37.74
C GLU A 493 -13.43 -17.04 -38.99
N THR A 494 -14.01 -15.87 -38.88
CA THR A 494 -14.27 -15.06 -40.10
C THR A 494 -13.31 -13.86 -40.23
N GLY A 495 -12.23 -13.86 -39.42
CA GLY A 495 -11.15 -12.90 -39.62
C GLY A 495 -10.85 -12.11 -38.41
N CYS A 496 -9.81 -11.26 -38.52
CA CYS A 496 -9.41 -10.42 -37.41
C CYS A 496 -9.84 -9.00 -37.61
N GLU A 497 -10.01 -8.33 -36.50
CA GLU A 497 -10.22 -6.91 -36.50
C GLU A 497 -8.93 -6.30 -36.01
N PRO A 498 -8.75 -5.01 -36.23
CA PRO A 498 -7.71 -4.22 -35.58
C PRO A 498 -7.71 -4.40 -34.04
N GLY A 499 -6.51 -4.62 -33.50
CA GLY A 499 -6.37 -4.88 -32.10
C GLY A 499 -6.38 -6.37 -31.76
N ASP A 500 -6.73 -7.23 -32.68
CA ASP A 500 -6.90 -8.62 -32.33
C ASP A 500 -5.59 -9.38 -32.04
N LEU A 501 -4.53 -9.06 -32.76
CA LEU A 501 -3.28 -9.80 -32.59
C LEU A 501 -2.53 -9.46 -31.30
N THR A 502 -2.79 -8.30 -30.68
CA THR A 502 -2.08 -7.91 -29.45
C THR A 502 -2.95 -7.86 -28.21
N LYS A 503 -4.24 -8.07 -28.34
CA LYS A 503 -5.10 -7.75 -27.20
C LYS A 503 -4.92 -8.64 -26.02
N ARG A 504 -4.48 -9.85 -26.23
CA ARG A 504 -4.32 -10.81 -25.14
C ARG A 504 -3.13 -10.54 -24.24
N MET A 505 -2.18 -9.73 -24.72
CA MET A 505 -0.93 -9.50 -24.02
C MET A 505 -1.18 -8.64 -22.78
N ALA A 506 -0.17 -8.54 -21.93
CA ALA A 506 -0.36 -7.76 -20.71
C ALA A 506 -0.68 -6.32 -21.03
N CYS A 507 -1.49 -5.76 -20.15
CA CYS A 507 -1.93 -4.36 -20.22
C CYS A 507 -1.59 -3.66 -18.93
N PRO A 508 -0.47 -2.89 -18.90
CA PRO A 508 0.46 -2.56 -19.97
C PRO A 508 1.55 -3.64 -20.19
N TRP A 509 2.16 -3.60 -21.38
CA TRP A 509 3.17 -4.60 -21.81
C TRP A 509 4.35 -4.69 -20.90
N GLN A 510 4.67 -3.61 -20.24
CA GLN A 510 5.85 -3.61 -19.32
C GLN A 510 5.69 -4.68 -18.22
N ALA A 511 4.47 -5.18 -17.95
CA ALA A 511 4.32 -6.37 -17.10
C ALA A 511 4.86 -7.63 -17.76
N ASP A 512 4.59 -7.85 -19.04
CA ASP A 512 5.14 -9.04 -19.71
C ASP A 512 6.67 -8.92 -19.62
N PHE A 513 7.22 -7.71 -19.83
CA PHE A 513 8.66 -7.48 -19.83
C PHE A 513 9.23 -7.76 -18.46
N PHE A 514 8.60 -7.22 -17.39
CA PHE A 514 9.11 -7.41 -16.05
C PHE A 514 9.07 -8.90 -15.66
N ASN A 515 8.07 -9.64 -16.10
CA ASN A 515 7.91 -11.04 -15.72
C ASN A 515 8.66 -12.01 -16.66
N CYS A 516 9.00 -11.56 -17.87
CA CYS A 516 9.66 -12.44 -18.89
C CYS A 516 11.13 -12.63 -18.55
N THR A 517 11.41 -13.39 -17.53
CA THR A 517 12.74 -13.49 -16.99
C THR A 517 13.08 -14.96 -16.85
N ILE A 518 12.79 -15.53 -15.69
CA ILE A 518 12.96 -16.91 -15.39
C ILE A 518 11.71 -17.43 -14.68
N GLN A 519 11.59 -18.76 -14.68
CA GLN A 519 10.53 -19.40 -13.87
C GLN A 519 11.16 -20.53 -13.12
N THR A 520 10.80 -20.71 -11.84
CA THR A 520 11.19 -21.86 -11.10
C THR A 520 10.07 -22.89 -11.25
N VAL A 521 10.36 -23.96 -11.96
CA VAL A 521 9.35 -24.92 -12.47
C VAL A 521 9.50 -26.31 -11.81
N ASN A 522 8.41 -26.77 -11.18
CA ASN A 522 8.39 -28.06 -10.54
C ASN A 522 8.62 -29.13 -11.61
N PHE A 523 9.34 -30.19 -11.29
CA PHE A 523 9.47 -31.25 -12.26
C PHE A 523 9.14 -32.67 -11.73
N SER A 524 8.36 -32.75 -10.68
CA SER A 524 8.09 -34.05 -10.01
C SER A 524 6.66 -34.47 -10.19
N GLU A 525 5.75 -33.53 -10.36
CA GLU A 525 4.30 -33.83 -10.43
C GLU A 525 3.75 -33.13 -11.65
N PRO A 526 3.42 -33.92 -12.69
CA PRO A 526 3.04 -33.32 -13.96
C PRO A 526 1.88 -32.35 -13.91
N SER A 527 0.94 -32.56 -12.97
CA SER A 527 -0.26 -31.70 -12.90
C SER A 527 -0.10 -30.43 -12.01
N VAL A 528 1.06 -30.26 -11.41
CA VAL A 528 1.32 -29.21 -10.44
C VAL A 528 2.41 -28.24 -10.92
N ASN A 529 2.05 -26.97 -11.00
CA ASN A 529 3.10 -25.91 -11.10
C ASN A 529 3.37 -25.24 -9.73
N LYS A 530 2.31 -24.93 -9.00
CA LYS A 530 2.41 -24.22 -7.71
C LYS A 530 1.54 -24.95 -6.68
N ALA A 531 1.93 -24.81 -5.43
CA ALA A 531 1.18 -25.43 -4.32
C ALA A 531 1.25 -24.45 -3.19
N SER A 532 0.45 -24.70 -2.14
CA SER A 532 0.64 -23.87 -0.93
C SER A 532 1.76 -24.49 -0.16
N GLN A 533 2.49 -23.68 0.59
CA GLN A 533 3.55 -24.17 1.36
C GLN A 533 3.44 -23.60 2.78
N THR A 534 3.58 -24.48 3.75
CA THR A 534 3.56 -24.07 5.16
C THR A 534 4.87 -24.43 5.73
N GLU A 535 5.57 -23.40 6.23
CA GLU A 535 6.86 -23.56 6.88
C GLU A 535 6.66 -23.23 8.37
N THR A 536 6.79 -24.24 9.22
CA THR A 536 6.64 -24.07 10.70
C THR A 536 7.99 -24.24 11.33
N VAL A 537 8.45 -23.23 12.08
CA VAL A 537 9.73 -23.30 12.74
C VAL A 537 9.47 -23.25 14.23
N THR A 538 9.77 -24.34 14.92
CA THR A 538 9.57 -24.45 16.35
C THR A 538 10.92 -24.41 17.04
N SER A 539 11.11 -23.43 17.93
CA SER A 539 12.42 -23.15 18.52
C SER A 539 12.35 -23.17 20.04
N ARG A 540 13.25 -23.92 20.67
CA ARG A 540 13.40 -23.89 22.12
C ARG A 540 14.70 -23.15 22.42
N THR A 541 14.57 -22.11 23.24
CA THR A 541 15.72 -21.34 23.68
C THR A 541 16.02 -21.78 25.11
N HIS A 542 17.26 -22.13 25.37
CA HIS A 542 17.62 -22.59 26.63
C HIS A 542 18.77 -21.68 27.10
N TYR A 543 18.68 -21.20 28.32
CA TYR A 543 19.73 -20.36 28.88
C TYR A 543 20.34 -21.04 30.07
N GLU A 544 21.66 -20.97 30.17
CA GLU A 544 22.44 -21.46 31.30
C GLU A 544 23.49 -20.43 31.61
N TRP A 545 23.75 -20.24 32.88
CA TRP A 545 24.77 -19.27 33.30
C TRP A 545 25.94 -19.98 33.90
N GLY A 546 27.16 -19.58 33.60
CA GLY A 546 28.30 -20.18 34.30
C GLY A 546 29.38 -19.16 34.59
N ASN A 547 30.60 -19.64 34.72
CA ASN A 547 31.72 -18.86 35.23
C ASN A 547 31.32 -18.26 36.55
N LEU A 548 30.58 -19.02 37.34
CA LEU A 548 30.07 -18.50 38.62
C LEU A 548 31.01 -18.91 39.73
N PRO A 549 30.95 -18.24 40.91
CA PRO A 549 31.85 -18.67 41.95
C PRO A 549 31.55 -20.07 42.39
N ALA A 550 32.52 -20.66 43.05
CA ALA A 550 32.31 -21.96 43.71
C ALA A 550 31.06 -21.96 44.64
N GLY A 551 30.78 -20.94 45.42
CA GLY A 551 29.44 -21.13 46.15
C GLY A 551 28.12 -21.43 45.25
N VAL A 552 28.14 -21.09 43.96
CA VAL A 552 26.95 -20.48 43.41
C VAL A 552 26.32 -21.23 42.24
N SER A 553 25.03 -21.26 42.27
CA SER A 553 24.28 -21.90 41.23
C SER A 553 23.11 -21.05 40.84
N VAL A 554 22.79 -20.97 39.56
CA VAL A 554 21.56 -20.38 39.13
C VAL A 554 20.80 -21.27 38.15
N PRO A 555 19.50 -21.30 38.31
CA PRO A 555 18.68 -22.18 37.51
C PRO A 555 18.73 -21.81 36.03
N ASP A 556 18.73 -22.82 35.17
CA ASP A 556 18.56 -22.60 33.75
C ASP A 556 17.14 -22.06 33.49
N GLN A 557 16.91 -21.48 32.33
CA GLN A 557 15.61 -21.01 31.97
C GLN A 557 15.41 -21.52 30.54
N SER A 558 14.20 -21.80 30.16
CA SER A 558 13.93 -22.12 28.77
C SER A 558 12.52 -21.79 28.39
N SER A 559 12.31 -21.52 27.11
CA SER A 559 10.95 -21.29 26.58
C SER A 559 10.95 -21.74 25.11
N VAL A 560 9.74 -21.86 24.60
CA VAL A 560 9.53 -22.35 23.25
C VAL A 560 8.69 -21.30 22.54
N SER A 561 8.99 -21.09 21.27
CA SER A 561 8.41 -20.09 20.44
C SER A 561 8.22 -20.83 19.07
N ALA A 562 7.28 -20.39 18.24
CA ALA A 562 7.09 -20.94 16.90
C ALA A 562 6.64 -19.87 15.95
N THR A 563 7.05 -20.04 14.68
CA THR A 563 6.57 -19.19 13.63
C THR A 563 5.95 -20.13 12.57
N LYS A 564 4.91 -19.63 11.93
CA LYS A 564 4.17 -20.34 10.88
C LYS A 564 4.03 -19.43 9.72
N ASN A 565 4.77 -19.73 8.66
CA ASN A 565 4.62 -18.96 7.42
C ASN A 565 3.90 -19.74 6.32
N VAL A 566 2.78 -19.23 5.86
CA VAL A 566 2.04 -19.84 4.80
C VAL A 566 2.14 -19.02 3.52
N ASP A 567 2.53 -19.66 2.43
CA ASP A 567 2.46 -19.01 1.13
C ASP A 567 1.53 -19.83 0.32
N GLU A 568 0.55 -19.17 -0.27
CA GLU A 568 -0.54 -19.85 -0.94
C GLU A 568 -0.17 -20.48 -2.30
N LYS A 569 0.79 -19.91 -2.99
CA LYS A 569 1.09 -20.38 -4.35
C LYS A 569 2.56 -20.19 -4.59
N VAL A 570 3.36 -21.22 -4.35
CA VAL A 570 4.76 -21.22 -4.67
C VAL A 570 5.12 -22.44 -5.48
N PRO A 571 6.16 -22.34 -6.28
CA PRO A 571 6.59 -23.50 -7.02
C PRO A 571 6.81 -24.69 -6.12
N LEU A 572 6.25 -25.82 -6.47
CA LEU A 572 6.46 -27.04 -5.70
C LEU A 572 7.86 -27.55 -5.88
N PRO A 573 8.63 -27.72 -4.81
CA PRO A 573 9.93 -28.39 -4.97
C PRO A 573 9.74 -29.85 -5.30
N PRO A 574 10.65 -30.50 -6.03
CA PRO A 574 11.88 -29.90 -6.52
C PRO A 574 11.62 -29.16 -7.83
N ALA A 575 12.37 -28.06 -8.03
CA ALA A 575 12.09 -27.23 -9.16
C ALA A 575 13.35 -26.84 -9.90
N TYR A 576 13.16 -26.42 -11.14
CA TYR A 576 14.28 -26.09 -12.05
C TYR A 576 14.19 -24.68 -12.57
N TYR A 577 15.33 -23.99 -12.52
CA TYR A 577 15.46 -22.62 -13.01
C TYR A 577 15.43 -22.54 -14.50
N SER A 578 14.36 -21.99 -15.02
CA SER A 578 14.04 -22.11 -16.46
C SER A 578 13.84 -20.76 -17.02
N TYR A 579 14.37 -20.48 -18.22
CA TYR A 579 14.20 -19.18 -18.81
C TYR A 579 12.86 -18.99 -19.49
N TRP A 580 12.48 -17.76 -19.68
CA TRP A 580 11.32 -17.39 -20.46
C TRP A 580 11.63 -17.05 -21.94
N TRQ A 581 12.20 -15.85 -22.22
CA TRQ A 581 12.53 -15.45 -23.57
C TRQ A 581 13.88 -14.75 -23.62
O TRQ A 581 13.95 -13.57 -23.84
CB TRQ A 581 11.49 -14.47 -24.10
CG TRQ A 581 10.08 -15.10 -24.13
CD1 TRQ A 581 9.60 -16.06 -24.99
NE1 TRQ A 581 8.36 -16.45 -24.67
CE2 TRQ A 581 7.95 -15.77 -23.61
CZ2 TRQ A 581 6.69 -15.79 -22.88
CH2 TRQ A 581 6.55 -14.90 -21.76
CZ3 TRQ A 581 7.62 -14.06 -21.34
CE3 TRQ A 581 8.83 -14.04 -22.10
CD2 TRQ A 581 9.01 -14.88 -23.19
O6 TRQ A 581 5.43 -14.93 -21.19
O7 TRQ A 581 5.81 -16.64 -23.28
N PRO A 582 14.95 -15.46 -23.44
CA PRO A 582 16.23 -14.77 -23.39
C PRO A 582 16.56 -13.81 -24.53
N PRO A 583 16.28 -14.17 -25.80
CA PRO A 583 16.56 -13.22 -26.90
C PRO A 583 15.78 -11.94 -26.81
N GLN A 584 14.59 -12.00 -26.21
CA GLN A 584 13.64 -10.90 -26.21
C GLN A 584 13.57 -10.14 -24.89
N SER A 585 14.08 -10.75 -23.84
CA SER A 585 14.01 -10.19 -22.50
C SER A 585 15.22 -10.77 -21.77
N PRO A 586 16.40 -10.21 -22.04
CA PRO A 586 17.64 -10.77 -21.53
C PRO A 586 17.70 -10.78 -20.03
N TRP A 587 18.52 -11.66 -19.50
CA TRP A 587 18.64 -11.80 -18.05
C TRP A 587 20.04 -11.76 -17.55
N ASP A 588 20.93 -12.59 -18.14
CA ASP A 588 22.31 -12.66 -17.71
C ASP A 588 23.15 -12.18 -18.88
N VAL A 589 23.75 -11.00 -18.72
CA VAL A 589 24.42 -10.28 -19.81
C VAL A 589 25.75 -9.74 -19.38
N LEU A 590 26.60 -9.43 -20.37
CA LEU A 590 27.97 -8.94 -20.09
C LEU A 590 28.00 -7.43 -20.10
N THR A 591 28.66 -6.85 -19.10
CA THR A 591 28.87 -5.46 -19.10
C THR A 591 29.78 -5.07 -20.24
N GLY A 592 29.49 -3.89 -20.78
CA GLY A 592 30.11 -3.41 -22.01
C GLY A 592 30.92 -2.08 -22.00
N GLU A 593 30.91 -1.33 -20.89
CA GLU A 593 31.59 0.00 -20.91
C GLU A 593 33.10 -0.25 -20.83
N LEU A 594 33.82 0.19 -21.84
CA LEU A 594 35.23 -0.01 -21.99
C LEU A 594 36.02 1.27 -21.70
N ASP A 595 35.33 2.35 -21.37
CA ASP A 595 36.03 3.62 -21.01
C ASP A 595 35.70 4.02 -19.58
N THR A 596 36.59 4.78 -18.99
CA THR A 596 36.49 5.07 -17.58
C THR A 596 35.19 5.69 -17.19
N GLU A 597 34.72 6.65 -17.95
CA GLU A 597 33.52 7.35 -17.56
C GLU A 597 32.32 6.38 -17.44
N GLY A 598 32.11 5.54 -18.46
CA GLY A 598 31.06 4.50 -18.41
C GLY A 598 31.27 3.48 -17.33
N GLN A 599 32.51 3.15 -16.98
CA GLN A 599 32.72 2.25 -15.87
C GLN A 599 32.37 2.87 -14.50
N LEU A 600 32.69 4.14 -14.35
CA LEU A 600 32.35 4.84 -13.09
C LEU A 600 30.85 4.94 -12.92
N HIS A 601 30.14 5.25 -14.00
CA HIS A 601 28.68 5.43 -13.87
C HIS A 601 27.96 4.11 -13.76
N SER A 602 28.52 3.05 -14.36
CA SER A 602 27.84 1.73 -14.27
C SER A 602 28.33 0.96 -13.04
N HIS A 603 29.42 1.39 -12.42
CA HIS A 603 30.04 0.78 -11.23
C HIS A 603 30.58 -0.60 -11.47
N LEU A 604 30.82 -0.94 -12.72
CA LEU A 604 31.29 -2.26 -13.00
C LEU A 604 32.40 -2.23 -14.03
N PRO A 605 33.31 -3.19 -13.93
CA PRO A 605 34.31 -3.43 -15.01
C PRO A 605 33.65 -4.08 -16.19
N ALA A 606 34.26 -3.98 -17.34
CA ALA A 606 33.73 -4.61 -18.54
C ALA A 606 33.87 -6.15 -18.49
N GLY A 607 32.99 -6.85 -19.16
CA GLY A 607 33.20 -8.29 -19.38
C GLY A 607 32.63 -9.15 -18.26
N GLN A 608 31.89 -8.54 -17.29
CA GLN A 608 31.36 -9.27 -16.17
C GLN A 608 29.91 -9.62 -16.46
N GLN A 609 29.44 -10.84 -16.14
CA GLN A 609 28.07 -11.18 -16.35
C GLN A 609 27.22 -10.69 -15.21
N ILE A 610 26.19 -9.95 -15.47
CA ILE A 610 25.37 -9.40 -14.39
C ILE A 610 23.95 -9.40 -14.82
N ASN A 611 23.07 -9.08 -13.89
CA ASN A 611 21.65 -9.07 -14.23
C ASN A 611 21.25 -7.90 -15.15
N TYR A 612 20.61 -8.26 -16.24
CA TYR A 612 20.21 -7.29 -17.25
C TYR A 612 19.33 -6.13 -16.69
N ALA A 613 18.39 -6.51 -15.83
CA ALA A 613 17.43 -5.53 -15.31
C ALA A 613 17.82 -4.96 -13.96
N ARG A 614 19.08 -5.02 -13.58
CA ARG A 614 19.50 -4.62 -12.24
C ARG A 614 19.06 -3.15 -12.06
N GLY A 615 18.47 -2.87 -10.90
CA GLY A 615 18.02 -1.55 -10.58
C GLY A 615 16.54 -1.30 -10.82
N ILE A 616 15.93 -2.10 -11.70
CA ILE A 616 14.49 -2.06 -11.91
C ILE A 616 13.94 -3.09 -10.98
N ASN A 617 13.65 -2.64 -9.77
CA ASN A 617 13.38 -3.55 -8.65
C ASN A 617 11.86 -3.86 -8.46
N SER A 618 11.04 -3.20 -9.23
CA SER A 618 9.62 -3.39 -9.17
C SER A 618 8.99 -3.30 -10.51
N TYR A 619 7.79 -3.90 -10.59
CA TYR A 619 6.94 -3.79 -11.75
C TYR A 619 6.70 -2.33 -12.14
N SER A 620 6.35 -1.52 -11.15
CA SER A 620 6.10 -0.12 -11.38
C SER A 620 7.31 0.62 -11.96
N GLN A 621 8.50 0.26 -11.54
CA GLN A 621 9.69 0.88 -12.07
C GLN A 621 9.92 0.47 -13.51
N MET A 622 9.48 -0.74 -13.88
CA MET A 622 9.60 -1.16 -15.27
C MET A 622 8.66 -0.40 -16.14
N VAL A 623 7.48 -0.15 -15.61
CA VAL A 623 6.54 0.67 -16.34
C VAL A 623 7.07 2.08 -16.67
N GLU A 624 7.80 2.66 -15.76
CA GLU A 624 8.33 4.04 -15.92
C GLU A 624 9.69 4.03 -16.65
N HIS A 625 10.53 3.03 -16.39
CA HIS A 625 11.94 3.10 -16.79
C HIS A 625 12.51 2.05 -17.77
N TRP A 626 11.63 1.33 -18.45
CA TRP A 626 11.96 0.35 -19.50
C TRP A 626 13.03 0.89 -20.46
N SER A 627 12.92 2.16 -20.82
CA SER A 627 13.75 2.71 -21.83
C SER A 627 15.15 2.93 -21.40
N ALA A 628 15.43 2.74 -20.11
CA ALA A 628 16.76 2.91 -19.59
C ALA A 628 17.65 1.69 -19.87
N LEU A 629 17.03 0.58 -20.23
CA LEU A 629 17.77 -0.70 -20.35
C LEU A 629 18.64 -0.78 -21.57
N ALA A 630 19.62 -1.67 -21.51
CA ALA A 630 20.61 -1.78 -22.53
C ALA A 630 20.09 -2.52 -23.76
N PHE A 631 20.77 -2.29 -24.86
CA PHE A 631 20.64 -3.13 -26.04
C PHE A 631 21.85 -4.03 -26.07
N ILE A 632 21.58 -5.30 -26.16
CA ILE A 632 22.65 -6.33 -26.22
C ILE A 632 23.03 -6.49 -27.68
N ARG A 633 24.31 -6.25 -27.99
CA ARG A 633 24.75 -6.25 -29.33
C ARG A 633 26.20 -6.72 -29.55
N ASP A 634 26.46 -7.24 -30.76
CA ASP A 634 27.70 -7.81 -31.08
C ASP A 634 28.73 -6.69 -31.33
N ARG A 635 29.68 -6.57 -30.42
N ARG A 635 29.67 -6.53 -30.41
CA ARG A 635 30.76 -5.59 -30.49
CA ARG A 635 30.75 -5.54 -30.52
C ARG A 635 31.85 -5.97 -31.52
C ARG A 635 31.80 -5.93 -31.59
N ASN A 636 31.75 -7.19 -32.05
CA ASN A 636 32.64 -7.72 -33.07
C ASN A 636 31.94 -8.11 -34.36
N GLN A 637 30.88 -7.38 -34.64
CA GLN A 637 29.96 -7.64 -35.76
C GLN A 637 30.66 -7.69 -37.14
N ASN A 638 31.74 -6.92 -37.28
CA ASN A 638 32.53 -6.96 -38.53
C ASN A 638 33.30 -8.20 -38.82
N ASN A 639 33.39 -9.10 -37.85
CA ASN A 639 34.12 -10.30 -38.01
C ASN A 639 33.25 -11.52 -37.79
N ASP A 640 32.69 -12.02 -38.89
CA ASP A 640 31.77 -13.14 -38.86
C ASP A 640 32.41 -14.32 -38.18
N GLY A 641 31.61 -14.95 -37.35
CA GLY A 641 32.04 -16.12 -36.60
C GLY A 641 32.68 -15.85 -35.22
N PHE A 642 32.94 -14.61 -34.84
CA PHE A 642 33.64 -14.35 -33.58
C PHE A 642 32.85 -13.34 -32.75
N PRO A 643 31.63 -13.71 -32.34
CA PRO A 643 30.76 -12.73 -31.73
C PRO A 643 31.22 -12.34 -30.36
N PHE A 644 30.87 -11.11 -29.95
CA PHE A 644 31.13 -10.70 -28.58
C PHE A 644 30.01 -9.76 -28.18
N PHE A 645 28.96 -10.29 -27.52
CA PHE A 645 27.81 -9.48 -27.23
C PHE A 645 27.89 -8.91 -25.83
N THR A 646 27.68 -7.63 -25.72
CA THR A 646 27.58 -7.00 -24.45
C THR A 646 26.44 -6.00 -24.43
N GLU A 647 26.14 -5.53 -23.22
CA GLU A 647 25.26 -4.36 -23.06
C GLU A 647 25.90 -3.19 -23.81
N THR A 648 25.04 -2.38 -24.40
CA THR A 648 25.41 -1.06 -24.96
C THR A 648 24.23 -0.11 -24.61
N GLU A 649 24.53 1.17 -24.49
CA GLU A 649 23.53 2.22 -24.41
C GLU A 649 22.58 2.13 -23.20
N ARG A 650 23.06 1.52 -22.11
CA ARG A 650 22.26 1.54 -20.85
C ARG A 650 22.30 2.94 -20.29
N ASN A 651 21.22 3.44 -19.72
CA ASN A 651 21.22 4.83 -19.14
C ASN A 651 21.66 4.70 -17.69
N HIS A 652 22.96 4.56 -17.54
CA HIS A 652 23.53 4.23 -16.25
C HIS A 652 23.24 5.34 -15.24
N GLU A 653 23.09 6.57 -15.75
CA GLU A 653 22.88 7.72 -14.86
C GLU A 653 21.58 7.70 -14.09
N LEU A 654 20.60 6.96 -14.58
CA LEU A 654 19.35 6.74 -13.88
C LEU A 654 19.49 6.05 -12.54
N PHE A 655 20.47 5.17 -12.42
CA PHE A 655 20.50 4.22 -11.34
C PHE A 655 21.43 4.74 -10.25
N ASP A 656 21.08 4.52 -9.01
CA ASP A 656 22.00 4.64 -7.92
C ASP A 656 22.56 3.30 -7.61
N PHE A 657 23.51 3.30 -6.68
CA PHE A 657 24.25 2.12 -6.40
C PHE A 657 24.70 2.12 -4.97
N LYS A 658 24.63 0.99 -4.29
CA LYS A 658 25.23 0.89 -2.97
C LYS A 658 25.92 -0.40 -2.88
N GLU A 659 27.09 -0.38 -2.30
CA GLU A 659 27.85 -1.60 -2.07
C GLU A 659 27.62 -1.99 -0.63
N VAL A 660 26.92 -3.10 -0.40
CA VAL A 660 26.54 -3.47 0.99
C VAL A 660 27.53 -4.54 1.44
N LEU A 661 28.19 -4.32 2.56
CA LEU A 661 29.10 -5.30 3.10
C LEU A 661 28.33 -6.48 3.69
N VAL A 662 28.81 -7.71 3.48
CA VAL A 662 28.00 -8.83 3.93
C VAL A 662 27.75 -8.81 5.47
N GLY A 663 28.68 -8.28 6.22
CA GLY A 663 28.49 -8.21 7.66
C GLY A 663 27.45 -7.22 8.08
N GLN A 664 27.04 -6.36 7.18
CA GLN A 664 25.90 -5.49 7.44
C GLN A 664 24.65 -6.31 7.57
N VAL A 665 24.52 -7.36 6.77
CA VAL A 665 23.41 -8.27 6.85
C VAL A 665 23.57 -9.28 7.98
N THR A 666 24.72 -9.87 8.15
CA THR A 666 24.85 -10.96 9.07
C THR A 666 25.12 -10.52 10.46
N GLY A 667 25.67 -9.32 10.60
CA GLY A 667 26.11 -8.88 11.95
C GLY A 667 27.51 -9.28 12.30
N ASN A 668 28.15 -10.08 11.46
CA ASN A 668 29.51 -10.51 11.69
C ASN A 668 30.51 -9.69 10.87
N SER A 669 31.37 -8.86 11.50
CA SER A 669 32.17 -7.96 10.72
C SER A 669 33.25 -8.75 9.91
N GLU A 670 33.55 -9.98 10.28
CA GLU A 670 34.50 -10.75 9.49
C GLU A 670 33.91 -10.93 8.03
N ASP A 671 32.60 -10.92 7.87
CA ASP A 671 31.97 -11.08 6.59
C ASP A 671 32.15 -9.89 5.65
N ASN A 672 32.64 -8.75 6.15
CA ASN A 672 32.80 -7.57 5.34
C ASN A 672 33.91 -7.67 4.35
N GLU A 673 34.61 -8.78 4.30
CA GLU A 673 35.53 -9.04 3.18
C GLU A 673 34.80 -9.25 1.87
N THR A 674 33.52 -9.54 1.95
CA THR A 674 32.63 -9.73 0.83
C THR A 674 31.55 -8.67 0.76
N SER A 675 31.21 -8.21 -0.44
CA SER A 675 30.17 -7.22 -0.57
C SER A 675 29.23 -7.57 -1.66
N LEU A 676 28.09 -6.90 -1.64
CA LEU A 676 26.96 -7.15 -2.54
C LEU A 676 26.66 -5.85 -3.22
N PRO A 677 26.72 -5.84 -4.56
CA PRO A 677 26.35 -4.63 -5.23
C PRO A 677 24.84 -4.52 -5.33
N VAL A 678 24.30 -3.34 -5.09
CA VAL A 678 22.86 -3.13 -5.22
C VAL A 678 22.58 -1.90 -6.05
N PHE A 679 21.87 -2.13 -7.15
CA PHE A 679 21.45 -1.10 -8.02
C PHE A 679 20.02 -0.75 -7.73
N PHE A 680 19.69 0.52 -7.84
CA PHE A 680 18.29 0.92 -7.65
C PHE A 680 18.05 2.27 -8.26
N ILE A 681 16.79 2.63 -8.33
CA ILE A 681 16.38 3.94 -8.85
C ILE A 681 15.89 4.81 -7.68
N ASN A 682 16.60 5.89 -7.47
CA ASN A 682 16.29 6.76 -6.36
C ASN A 682 15.10 7.54 -6.79
N ALA A 683 14.01 7.05 -6.23
CA ALA A 683 12.75 7.68 -5.95
C ALA A 683 12.83 9.18 -6.12
N ASN A 684 13.77 9.82 -5.42
CA ASN A 684 13.98 11.26 -5.55
C ASN A 684 14.63 11.57 -6.83
N LYS A 685 15.83 12.17 -6.81
CA LYS A 685 16.76 12.17 -7.99
C LYS A 685 16.26 13.07 -9.08
N GLU A 686 17.18 13.83 -9.65
CA GLU A 686 16.82 15.02 -10.37
C GLU A 686 17.88 15.35 -11.37
N SER A 687 17.51 15.91 -12.53
CA SER A 687 18.54 16.42 -13.46
C SER A 687 18.24 17.81 -13.97
N ALA B 2 -36.79 15.59 45.44
CA ALA B 2 -36.24 15.30 44.08
C ALA B 2 -35.05 14.32 44.28
N LEU B 3 -34.78 13.48 43.32
CA LEU B 3 -33.71 12.45 43.48
C LEU B 3 -32.47 13.05 42.85
N SER B 4 -31.27 12.56 43.18
CA SER B 4 -30.14 12.86 42.30
C SER B 4 -29.30 11.59 42.12
N VAL B 5 -28.78 11.41 40.92
CA VAL B 5 -27.94 10.28 40.54
C VAL B 5 -26.50 10.75 40.45
N HIS B 6 -25.60 9.96 41.02
CA HIS B 6 -24.19 10.27 40.96
C HIS B 6 -23.43 8.99 40.58
N PRO B 7 -22.37 9.14 39.76
CA PRO B 7 -21.84 10.40 39.23
C PRO B 7 -22.75 10.98 38.13
N SER B 8 -22.71 12.31 37.96
CA SER B 8 -23.44 12.94 36.89
C SER B 8 -22.97 12.48 35.52
N ILE B 9 -21.69 12.15 35.39
CA ILE B 9 -21.17 11.64 34.15
C ILE B 9 -20.31 10.46 34.54
N GLY B 10 -20.81 9.24 34.32
CA GLY B 10 -20.07 8.04 34.61
C GLY B 10 -18.99 7.73 33.58
N VAL B 11 -17.99 6.98 34.01
CA VAL B 11 -16.89 6.60 33.16
C VAL B 11 -16.62 5.12 33.32
N ALA B 12 -16.66 4.40 32.21
CA ALA B 12 -16.26 3.04 32.16
C ALA B 12 -15.11 2.91 31.16
N ARG B 13 -14.32 1.83 31.26
N ARG B 13 -14.39 1.80 31.20
CA ARG B 13 -13.20 1.60 30.34
CA ARG B 13 -13.32 1.62 30.24
C ARG B 13 -13.30 0.27 29.63
C ARG B 13 -13.31 0.27 29.61
N LEU B 14 -12.91 0.27 28.37
CA LEU B 14 -12.94 -0.92 27.52
C LEU B 14 -12.06 -2.00 28.04
N GLY B 15 -12.42 -3.24 27.80
CA GLY B 15 -11.60 -4.33 28.18
C GLY B 15 -11.97 -5.58 27.39
N ASN B 16 -10.96 -6.35 26.99
CA ASN B 16 -11.13 -7.56 26.17
C ASN B 16 -11.02 -8.85 26.96
N ALA B 17 -10.94 -8.76 28.30
CA ALA B 17 -11.02 -9.96 29.16
C ALA B 17 -12.42 -10.59 29.16
N ASN B 18 -12.59 -11.64 29.93
CA ASN B 18 -13.93 -12.24 30.05
C ASN B 18 -14.95 -11.22 30.47
N THR B 19 -16.14 -11.34 29.91
CA THR B 19 -17.22 -10.45 30.19
C THR B 19 -17.53 -10.33 31.72
N ASP B 20 -17.31 -11.41 32.46
CA ASP B 20 -17.56 -11.43 33.91
C ASP B 20 -16.41 -10.95 34.78
N ASN B 21 -15.28 -10.53 34.18
CA ASN B 21 -14.09 -10.29 34.90
C ASN B 21 -13.77 -8.78 34.77
N PHE B 22 -14.17 -8.03 35.80
CA PHE B 22 -14.07 -6.57 35.72
C PHE B 22 -13.69 -5.96 37.10
N VAL B 23 -13.28 -4.69 37.08
CA VAL B 23 -13.02 -3.90 38.23
C VAL B 23 -14.06 -2.80 38.25
N LEU B 24 -14.24 -2.20 39.41
CA LEU B 24 -15.11 -1.06 39.57
C LEU B 24 -14.34 0.28 39.59
N ASN B 25 -15.11 1.36 39.50
CA ASN B 25 -14.57 2.67 39.24
C ASN B 25 -13.66 3.13 40.32
N PRO B 26 -12.68 3.94 39.96
CA PRO B 26 -11.94 4.70 40.92
C PRO B 26 -12.87 5.51 41.81
N MET B 27 -12.49 5.71 43.05
CA MET B 27 -13.30 6.49 43.98
C MET B 27 -12.75 7.87 44.22
N GLU B 28 -11.69 8.26 43.52
CA GLU B 28 -11.17 9.62 43.69
C GLU B 28 -10.32 9.88 42.46
N ILE B 29 -10.00 11.14 42.24
CA ILE B 29 -9.09 11.51 41.15
C ILE B 29 -7.70 10.96 41.42
N GLY B 30 -7.13 10.24 40.46
CA GLY B 30 -5.83 9.58 40.61
C GLY B 30 -5.94 8.27 41.43
N GLY B 31 -7.18 7.81 41.66
CA GLY B 31 -7.47 6.58 42.42
C GLY B 31 -7.36 5.36 41.54
N LEU B 32 -6.84 4.27 42.10
CA LEU B 32 -6.91 3.02 41.39
C LEU B 32 -8.38 2.55 41.29
N PRO B 33 -8.71 1.83 40.26
CA PRO B 33 -9.98 1.11 40.28
C PRO B 33 -9.95 -0.03 41.33
N TYR B 34 -11.14 -0.66 41.56
CA TYR B 34 -11.37 -1.57 42.66
C TYR B 34 -11.75 -2.96 42.25
N GLU B 35 -11.16 -3.91 42.95
CA GLU B 35 -11.70 -5.27 43.03
C GLU B 35 -13.07 -5.16 43.69
N HIS B 36 -13.83 -6.25 43.62
CA HIS B 36 -15.14 -6.26 44.23
C HIS B 36 -15.47 -7.66 44.76
N ASP B 37 -16.48 -7.75 45.63
CA ASP B 37 -16.89 -9.03 46.19
C ASP B 37 -18.01 -9.61 45.37
N VAL B 38 -18.62 -10.72 45.81
CA VAL B 38 -19.66 -11.31 44.95
C VAL B 38 -20.93 -10.50 44.87
N ASP B 39 -21.09 -9.58 45.79
CA ASP B 39 -22.26 -8.69 45.75
C ASP B 39 -21.98 -7.43 44.85
N LEU B 40 -20.80 -7.38 44.24
CA LEU B 40 -20.41 -6.31 43.36
C LEU B 40 -20.24 -4.99 44.16
N LYS B 41 -19.85 -5.11 45.41
CA LYS B 41 -19.37 -3.98 46.19
C LYS B 41 -17.87 -3.91 46.12
N PRO B 42 -17.35 -2.69 45.98
CA PRO B 42 -15.89 -2.53 45.94
C PRO B 42 -15.22 -2.97 47.25
N THR B 43 -14.06 -3.55 47.16
CA THR B 43 -13.35 -4.05 48.34
C THR B 43 -12.04 -3.31 48.47
N THR B 44 -11.02 -3.75 47.78
CA THR B 44 -9.70 -3.09 47.87
C THR B 44 -9.29 -2.77 46.44
N THR B 45 -8.25 -1.99 46.26
CA THR B 45 -7.87 -1.57 44.92
C THR B 45 -7.35 -2.74 44.13
N VAL B 46 -7.39 -2.55 42.82
CA VAL B 46 -7.03 -3.57 41.82
C VAL B 46 -5.73 -4.28 42.08
N VAL B 47 -5.76 -5.59 41.90
CA VAL B 47 -4.56 -6.38 41.99
C VAL B 47 -3.91 -6.36 40.59
N ASN B 48 -4.49 -7.08 39.62
CA ASN B 48 -3.97 -7.10 38.27
C ASN B 48 -4.97 -6.44 37.32
N PHE B 49 -4.48 -5.57 36.44
CA PHE B 49 -5.33 -4.97 35.45
C PHE B 49 -5.76 -5.93 34.34
N LYS B 50 -4.91 -6.92 34.08
CA LYS B 50 -5.14 -7.92 33.05
C LYS B 50 -5.43 -9.29 33.68
N ASP B 51 -6.12 -10.14 32.94
CA ASP B 51 -6.36 -11.51 33.41
C ASP B 51 -5.15 -12.33 33.10
N GLU B 52 -5.24 -13.63 33.29
CA GLU B 52 -4.04 -14.49 33.12
C GLU B 52 -3.61 -14.61 31.73
N ALA B 53 -4.52 -14.45 30.79
CA ALA B 53 -4.17 -14.45 29.37
C ALA B 53 -3.59 -13.14 28.85
N GLY B 54 -3.52 -12.11 29.70
CA GLY B 54 -3.05 -10.85 29.22
C GLY B 54 -4.11 -9.95 28.60
N CSD B 55 -5.39 -10.23 28.87
CA CSD B 55 -6.51 -9.47 28.36
CB CSD B 55 -7.67 -10.38 27.88
SG CSD B 55 -7.07 -11.60 26.71
C CSD B 55 -6.92 -8.44 29.41
O CSD B 55 -6.93 -8.71 30.62
OD1 CSD B 55 -6.84 -10.72 25.59
OD2 CSD B 55 -8.52 -12.27 26.40
N ILE B 56 -7.19 -7.23 28.98
CA ILE B 56 -7.56 -6.16 29.89
C ILE B 56 -8.97 -6.29 30.45
N ARG B 57 -9.06 -6.18 31.77
CA ARG B 57 -10.36 -6.19 32.47
C ARG B 57 -11.13 -4.90 32.24
N ARG B 58 -12.40 -5.03 31.88
CA ARG B 58 -13.27 -3.84 31.87
C ARG B 58 -13.32 -3.16 33.20
N GLN B 59 -13.48 -1.84 33.18
N GLN B 59 -13.55 -1.85 33.18
CA GLN B 59 -13.81 -1.01 34.35
CA GLN B 59 -13.75 -1.07 34.39
C GLN B 59 -15.23 -0.61 34.23
C GLN B 59 -15.16 -0.47 34.34
N GLY B 60 -16.00 -0.85 35.28
CA GLY B 60 -17.39 -0.47 35.28
C GLY B 60 -17.61 0.68 36.23
N GLN B 61 -18.67 1.45 35.96
CA GLN B 61 -19.08 2.57 36.79
C GLN B 61 -20.28 2.18 37.64
N VAL B 62 -20.13 2.34 38.96
CA VAL B 62 -21.27 2.26 39.90
C VAL B 62 -22.01 3.62 39.89
N PHE B 63 -23.34 3.59 39.75
CA PHE B 63 -24.18 4.75 39.97
C PHE B 63 -25.07 4.53 41.20
N LYS B 64 -25.29 5.62 41.94
CA LYS B 64 -26.09 5.60 43.19
C LYS B 64 -27.09 6.70 43.06
N VAL B 65 -28.25 6.46 43.65
CA VAL B 65 -29.34 7.46 43.65
C VAL B 65 -29.64 7.90 45.06
N PHE B 66 -29.90 9.18 45.22
CA PHE B 66 -30.07 9.74 46.52
C PHE B 66 -31.39 10.53 46.58
N GLY B 67 -32.00 10.54 47.79
CA GLY B 67 -33.26 11.24 48.05
C GLY B 67 -33.05 12.69 48.43
N ALA B 68 -34.16 13.39 48.65
CA ALA B 68 -34.15 14.85 48.84
C ALA B 68 -33.22 15.26 49.97
N SER B 69 -33.04 14.35 50.96
CA SER B 69 -32.10 14.53 52.06
C SER B 69 -30.64 14.19 51.75
N ASN B 70 -30.35 13.86 50.50
CA ASN B 70 -29.03 13.29 50.16
C ASN B 70 -28.72 11.97 50.86
N GLU B 71 -29.75 11.21 51.21
CA GLU B 71 -29.56 9.85 51.75
C GLU B 71 -29.61 8.96 50.54
N GLU B 72 -28.76 7.94 50.49
CA GLU B 72 -28.75 7.00 49.40
C GLU B 72 -29.98 6.16 49.49
N LEU B 73 -30.63 5.92 48.37
CA LEU B 73 -31.73 4.98 48.26
C LEU B 73 -31.24 3.71 47.58
N THR B 74 -31.55 2.58 48.21
CA THR B 74 -31.28 1.27 47.65
C THR B 74 -32.53 0.40 47.85
N LEU B 75 -32.48 -0.81 47.28
CA LEU B 75 -33.61 -1.75 47.42
C LEU B 75 -33.83 -2.13 48.89
N ASP B 76 -32.85 -1.86 49.74
CA ASP B 76 -32.96 -2.15 51.13
C ASP B 76 -33.56 -0.99 51.86
N SER B 77 -33.81 0.13 51.20
CA SER B 77 -34.32 1.29 51.92
C SER B 77 -35.81 1.04 52.25
N PRO B 78 -36.21 1.39 53.48
CA PRO B 78 -37.64 1.29 53.72
C PRO B 78 -38.35 2.34 52.84
N ASN B 79 -39.47 1.91 52.30
CA ASN B 79 -40.24 2.78 51.45
C ASN B 79 -39.85 2.61 50.00
N VAL B 80 -38.74 1.92 49.72
CA VAL B 80 -38.39 1.62 48.31
C VAL B 80 -38.90 0.29 47.85
N LYS B 81 -39.72 0.34 46.83
CA LYS B 81 -40.23 -0.85 46.22
C LYS B 81 -39.39 -1.32 45.05
N ASN B 82 -38.89 -0.40 44.22
CA ASN B 82 -38.05 -0.81 43.13
C ASN B 82 -37.21 0.41 42.69
N ILE B 83 -36.11 0.10 42.00
CA ILE B 83 -35.23 1.08 41.40
C ILE B 83 -34.96 0.52 40.04
N GLU B 84 -35.33 1.26 39.01
CA GLU B 84 -35.20 0.77 37.68
C GLU B 84 -34.31 1.74 36.90
N TRP B 85 -33.24 1.18 36.35
CA TRP B 85 -32.26 1.95 35.59
C TRP B 85 -32.41 1.68 34.10
N THR B 86 -32.36 2.73 33.29
CA THR B 86 -32.35 2.57 31.87
C THR B 86 -31.20 3.35 31.28
N VAL B 87 -30.40 2.65 30.51
CA VAL B 87 -29.21 3.24 29.93
C VAL B 87 -29.27 3.09 28.44
N HIS B 88 -29.07 4.22 27.77
CA HIS B 88 -29.01 4.19 26.34
C HIS B 88 -27.66 4.71 25.79
N LEU B 89 -26.81 3.78 25.41
CA LEU B 89 -25.49 4.13 24.86
C LEU B 89 -25.54 3.98 23.36
N ALA B 90 -24.74 4.77 22.67
CA ALA B 90 -24.62 4.64 21.24
C ALA B 90 -23.25 5.15 20.82
N ASN B 91 -22.85 4.77 19.62
CA ASN B 91 -21.62 5.26 19.01
C ASN B 91 -21.99 5.89 17.69
N LYS B 92 -21.87 7.22 17.63
CA LYS B 92 -22.16 7.98 16.42
C LYS B 92 -20.94 8.32 15.59
N LYS B 93 -19.78 7.76 15.96
CA LYS B 93 -18.55 8.20 15.32
C LYS B 93 -18.57 8.06 13.80
N ALA B 94 -19.03 6.93 13.29
CA ALA B 94 -19.00 6.71 11.82
C ALA B 94 -19.94 7.64 11.01
N ALA B 95 -20.87 8.27 11.71
CA ALA B 95 -21.82 9.16 11.18
C ALA B 95 -21.42 10.62 11.36
N TRP B 96 -20.31 10.89 12.05
CA TRP B 96 -19.98 12.26 12.32
C TRP B 96 -19.01 12.81 11.29
N TYR B 97 -18.60 14.04 11.50
CA TYR B 97 -17.55 14.63 10.73
C TYR B 97 -16.17 14.09 11.02
N GLU B 98 -15.28 14.17 10.02
N GLU B 98 -15.27 14.16 10.03
CA GLU B 98 -13.86 13.94 10.15
CA GLU B 98 -13.86 13.85 10.20
C GLU B 98 -13.34 14.91 11.23
C GLU B 98 -13.28 14.90 11.16
N PHE B 99 -12.36 14.47 12.02
CA PHE B 99 -11.82 15.35 13.06
C PHE B 99 -10.78 16.24 12.43
N ARG B 100 -10.96 17.55 12.52
CA ARG B 100 -10.01 18.52 11.97
C ARG B 100 -9.65 19.59 13.00
N GLU B 101 -9.07 19.11 14.08
CA GLU B 101 -8.69 19.97 15.19
C GLU B 101 -9.86 20.84 15.64
N LEU B 102 -9.69 22.17 15.66
CA LEU B 102 -10.71 22.98 16.25
C LEU B 102 -11.84 23.36 15.31
N ASN B 103 -11.78 22.91 14.07
CA ASN B 103 -12.88 23.17 13.14
C ASN B 103 -14.14 22.50 13.66
N GLY B 104 -15.22 23.26 13.70
CA GLY B 104 -16.48 22.78 14.22
C GLY B 104 -16.77 23.25 15.63
N ASN B 105 -15.78 23.84 16.27
CA ASN B 105 -15.93 24.23 17.65
C ASN B 105 -16.50 25.62 17.73
N LEU B 106 -17.75 25.70 18.17
CA LEU B 106 -18.51 26.92 18.13
C LEU B 106 -18.13 27.91 19.19
N LEU B 107 -17.25 27.54 20.11
CA LEU B 107 -16.70 28.59 21.03
C LEU B 107 -15.87 29.65 20.31
N TYR B 108 -15.43 29.37 19.08
CA TYR B 108 -14.67 30.29 18.23
C TYR B 108 -15.59 31.07 17.28
N GLY B 109 -16.90 30.89 17.44
CA GLY B 109 -17.89 31.69 16.70
C GLY B 109 -18.48 30.85 15.62
N ARG B 110 -19.54 31.37 15.05
CA ARG B 110 -20.25 30.69 14.02
C ARG B 110 -19.46 30.54 12.75
N ASP B 111 -18.47 31.37 12.52
CA ASP B 111 -17.66 31.20 11.32
C ASP B 111 -16.71 30.00 11.43
N ASN B 112 -16.63 29.39 12.60
CA ASN B 112 -15.84 28.15 12.76
C ASN B 112 -16.71 26.92 12.79
N SER B 113 -17.97 27.04 12.35
CA SER B 113 -18.90 25.86 12.29
C SER B 113 -18.43 24.80 11.32
N TYR B 114 -18.87 23.56 11.52
CA TYR B 114 -18.47 22.56 10.59
C TYR B 114 -18.82 22.95 9.18
N SER B 115 -20.01 23.49 8.97
N SER B 115 -20.03 23.49 9.05
CA SER B 115 -20.42 23.84 7.61
CA SER B 115 -20.56 23.98 7.78
C SER B 115 -19.62 25.03 7.09
C SER B 115 -19.64 25.00 7.15
N ALA B 116 -19.40 26.06 7.90
CA ALA B 116 -18.56 27.16 7.39
C ALA B 116 -17.17 26.73 7.05
N ARG B 117 -16.65 25.70 7.74
CA ARG B 117 -15.30 25.28 7.50
C ARG B 117 -15.20 24.20 6.45
N GLY B 118 -16.35 23.79 5.88
CA GLY B 118 -16.40 22.69 4.94
C GLY B 118 -15.78 21.38 5.37
N VAL B 119 -16.01 21.01 6.63
CA VAL B 119 -15.51 19.72 7.13
C VAL B 119 -16.29 18.60 6.51
N PRO B 120 -15.63 17.59 5.93
CA PRO B 120 -16.38 16.48 5.36
C PRO B 120 -16.93 15.49 6.36
N TRP B 121 -18.05 14.89 6.00
CA TRP B 121 -18.57 13.79 6.79
C TRP B 121 -17.67 12.62 6.65
N ARG B 122 -17.58 11.79 7.69
CA ARG B 122 -16.98 10.47 7.53
C ARG B 122 -17.92 9.64 6.65
N ASN B 123 -17.38 8.68 5.90
CA ASN B 123 -18.19 7.82 5.01
C ASN B 123 -19.08 8.73 4.12
N ALA B 124 -18.38 9.65 3.48
CA ALA B 124 -18.96 10.75 2.76
C ALA B 124 -19.80 10.28 1.53
N SER B 125 -19.64 9.05 1.09
CA SER B 125 -20.49 8.58 0.01
C SER B 125 -21.90 8.28 0.46
N LYS B 126 -22.13 8.13 1.76
CA LYS B 126 -23.51 8.08 2.23
C LYS B 126 -24.01 9.48 2.56
N THR B 127 -25.05 9.96 1.84
CA THR B 127 -25.58 11.31 1.98
C THR B 127 -27.07 11.37 2.46
N ALA B 128 -27.86 10.33 2.18
CA ALA B 128 -29.27 10.33 2.64
C ALA B 128 -29.26 10.13 4.13
N SER B 129 -30.17 10.84 4.79
CA SER B 129 -30.31 10.78 6.22
C SER B 129 -30.44 9.35 6.76
N SER B 130 -31.19 8.50 6.06
CA SER B 130 -31.45 7.18 6.56
C SER B 130 -30.15 6.36 6.48
N GLU B 131 -29.36 6.63 5.46
CA GLU B 131 -28.11 5.92 5.29
C GLU B 131 -27.06 6.44 6.34
N ARG B 132 -27.11 7.71 6.65
CA ARG B 132 -26.21 8.23 7.68
C ARG B 132 -26.58 7.61 9.01
N GLN B 133 -27.88 7.52 9.26
CA GLN B 133 -28.35 6.94 10.50
C GLN B 133 -27.83 5.53 10.72
N SER B 134 -27.67 4.75 9.67
N SER B 134 -27.63 4.79 9.63
CA SER B 134 -27.37 3.35 9.85
CA SER B 134 -27.34 3.38 9.68
C SER B 134 -25.88 3.17 10.19
C SER B 134 -25.84 3.14 9.98
N LEU B 135 -25.08 4.22 9.96
CA LEU B 135 -23.68 4.19 10.34
C LEU B 135 -23.51 4.26 11.87
N ILE B 136 -24.51 4.76 12.58
CA ILE B 136 -24.52 4.85 14.01
C ILE B 136 -24.60 3.42 14.56
N ILE B 137 -23.83 3.14 15.62
CA ILE B 137 -24.04 1.92 16.40
C ILE B 137 -25.00 2.25 17.50
N ASP B 138 -26.24 1.78 17.36
CA ASP B 138 -27.31 2.07 18.26
C ASP B 138 -28.22 0.81 18.38
N LEU B 139 -28.19 0.19 19.55
CA LEU B 139 -28.90 -1.04 19.85
C LEU B 139 -30.06 -0.81 20.75
N GLY B 140 -30.42 0.46 20.91
CA GLY B 140 -31.43 0.90 21.82
C GLY B 140 -31.04 0.87 23.28
N PRO B 141 -31.96 1.23 24.13
CA PRO B 141 -31.80 1.26 25.52
C PRO B 141 -31.92 -0.16 26.12
N ARG B 142 -31.27 -0.32 27.25
CA ARG B 142 -31.49 -1.50 28.08
C ARG B 142 -31.87 -1.04 29.46
N SER B 143 -32.62 -1.87 30.15
CA SER B 143 -33.00 -1.64 31.52
C SER B 143 -32.55 -2.75 32.43
N VAL B 144 -32.35 -2.39 33.68
CA VAL B 144 -31.96 -3.35 34.69
C VAL B 144 -32.61 -2.93 35.98
N SER B 145 -33.05 -3.89 36.83
CA SER B 145 -33.46 -3.55 38.20
C SER B 145 -33.40 -4.77 39.06
N GLY B 146 -33.41 -4.62 40.36
CA GLY B 146 -33.36 -5.79 41.23
C GLY B 146 -31.94 -6.16 41.67
N VAL B 147 -31.87 -7.31 42.31
CA VAL B 147 -30.68 -7.78 42.94
C VAL B 147 -29.85 -8.53 41.94
N MET B 148 -28.62 -8.07 41.73
CA MET B 148 -27.69 -8.79 40.88
C MET B 148 -28.22 -9.20 39.50
N ALA B 149 -28.77 -8.22 38.82
CA ALA B 149 -29.25 -8.43 37.47
C ALA B 149 -28.12 -8.17 36.49
N THR B 150 -28.25 -8.76 35.31
CA THR B 150 -27.25 -8.62 34.22
C THR B 150 -27.96 -8.60 32.89
N VAL B 151 -27.74 -7.56 32.08
CA VAL B 151 -28.27 -7.55 30.71
C VAL B 151 -27.22 -6.99 29.81
N GLU B 152 -26.97 -7.68 28.69
CA GLU B 152 -26.00 -7.23 27.70
C GLU B 152 -26.69 -6.19 26.83
N ILE B 153 -25.88 -5.26 26.32
CA ILE B 153 -26.34 -4.35 25.30
C ILE B 153 -25.92 -4.96 23.95
N SER B 154 -26.69 -5.97 23.56
CA SER B 154 -26.33 -6.88 22.51
C SER B 154 -27.18 -6.67 21.27
N ILE B 155 -26.62 -7.08 20.13
CA ILE B 155 -27.39 -7.09 18.90
C ILE B 155 -28.49 -8.15 18.99
N ASN B 156 -28.42 -9.08 19.94
CA ASN B 156 -29.43 -10.16 20.05
C ASN B 156 -30.53 -9.87 21.03
N ASN B 157 -30.47 -8.74 21.72
CA ASN B 157 -31.59 -8.35 22.61
C ASN B 157 -32.09 -6.91 22.45
N ILE B 158 -32.17 -6.45 21.21
CA ILE B 158 -32.71 -5.13 20.95
C ILE B 158 -34.23 -5.12 21.25
N PRO B 159 -34.74 -4.17 22.06
CA PRO B 159 -36.15 -4.17 22.39
C PRO B 159 -36.97 -4.04 21.14
N GLU B 160 -38.06 -4.79 21.07
CA GLU B 160 -38.95 -4.67 19.89
C GLU B 160 -39.52 -3.28 19.71
N THR B 161 -39.66 -2.53 20.79
CA THR B 161 -40.13 -1.15 20.69
C THR B 161 -39.09 -0.17 20.09
N TYR B 162 -37.85 -0.60 19.89
CA TYR B 162 -36.80 0.33 19.40
C TYR B 162 -36.75 0.08 17.92
N LEU B 163 -37.32 0.98 17.12
CA LEU B 163 -37.60 0.63 15.71
C LEU B 163 -36.45 0.76 14.75
N HIS B 164 -35.41 1.53 15.12
N HIS B 164 -35.46 1.59 15.08
CA HIS B 164 -34.31 1.87 14.21
CA HIS B 164 -34.32 1.72 14.19
C HIS B 164 -32.88 1.48 14.67
C HIS B 164 -33.02 1.50 14.93
N PRO B 165 -32.66 0.21 15.11
CA PRO B 165 -31.35 -0.12 15.60
C PRO B 165 -30.43 -0.13 14.41
N SER B 166 -29.13 0.04 14.63
CA SER B 166 -28.13 -0.12 13.56
C SER B 166 -26.81 -0.50 14.18
N TYR B 167 -25.96 -1.10 13.34
CA TYR B 167 -24.64 -1.60 13.71
C TYR B 167 -24.03 -2.18 12.51
N PRO B 168 -22.71 -2.38 12.50
CA PRO B 168 -22.06 -2.99 11.34
C PRO B 168 -22.31 -4.52 11.34
N SER B 169 -23.11 -4.99 10.43
CA SER B 169 -23.57 -6.37 10.43
C SER B 169 -22.65 -7.16 9.53
N GLY B 170 -22.72 -8.47 9.61
CA GLY B 170 -21.79 -9.31 8.83
C GLY B 170 -20.35 -9.33 9.32
N GLU B 171 -19.46 -9.81 8.47
CA GLU B 171 -18.10 -10.08 8.82
C GLU B 171 -17.22 -8.99 8.25
N LEU B 172 -16.51 -8.28 9.14
CA LEU B 172 -15.72 -7.17 8.67
C LEU B 172 -14.45 -7.67 8.09
N LEU B 173 -14.00 -6.99 7.06
CA LEU B 173 -12.87 -7.44 6.32
C LEU B 173 -11.53 -7.22 6.97
N GLN B 174 -11.43 -6.25 7.88
CA GLN B 174 -10.14 -5.99 8.55
C GLN B 174 -10.39 -5.73 10.03
N GLY B 175 -9.45 -6.12 10.85
CA GLY B 175 -9.58 -5.96 12.30
C GLY B 175 -10.59 -6.90 12.88
N SER B 176 -11.29 -6.44 13.91
CA SER B 176 -12.29 -7.27 14.58
C SER B 176 -13.39 -7.65 13.58
N LYS B 177 -13.80 -8.93 13.57
CA LYS B 177 -14.69 -9.43 12.51
C LYS B 177 -16.18 -9.23 12.74
N HIS B 178 -16.61 -9.46 13.96
CA HIS B 178 -18.03 -9.59 14.27
C HIS B 178 -18.46 -8.71 15.44
N PHE B 179 -19.14 -7.62 15.15
CA PHE B 179 -19.66 -6.77 16.20
C PHE B 179 -20.88 -7.41 16.89
N GLU B 180 -20.94 -7.40 18.23
CA GLU B 180 -22.09 -8.00 18.95
C GLU B 180 -22.62 -7.16 20.08
N SER B 181 -21.81 -6.30 20.66
CA SER B 181 -22.24 -5.64 21.91
C SER B 181 -21.57 -4.29 22.17
N LEU B 182 -22.31 -3.39 22.81
CA LEU B 182 -21.71 -2.13 23.31
C LEU B 182 -21.37 -2.19 24.79
N GLY B 183 -21.77 -3.26 25.49
CA GLY B 183 -21.43 -3.42 26.87
C GLY B 183 -22.42 -4.22 27.64
N THR B 184 -22.38 -4.03 28.97
CA THR B 184 -23.20 -4.78 29.92
C THR B 184 -23.76 -3.88 30.97
N LEU B 185 -25.03 -4.02 31.30
CA LEU B 185 -25.59 -3.42 32.49
C LEU B 185 -25.74 -4.43 33.59
N ARG B 186 -25.39 -4.06 34.80
CA ARG B 186 -25.64 -4.91 35.95
C ARG B 186 -26.25 -4.09 37.08
N THR B 187 -26.80 -4.81 38.05
CA THR B 187 -27.00 -4.26 39.36
C THR B 187 -26.23 -5.03 40.36
N ASP B 188 -25.98 -4.38 41.49
CA ASP B 188 -25.29 -4.99 42.60
C ASP B 188 -26.33 -5.61 43.54
N SER B 189 -25.87 -6.09 44.68
CA SER B 189 -26.79 -6.76 45.58
C SER B 189 -27.86 -5.92 46.18
N GLN B 190 -27.75 -4.60 46.10
CA GLN B 190 -28.73 -3.71 46.67
C GLN B 190 -29.38 -2.88 45.59
N GLY B 191 -29.23 -3.28 44.33
CA GLY B 191 -29.92 -2.66 43.26
C GLY B 191 -29.23 -1.47 42.60
N ARG B 192 -27.97 -1.20 42.96
CA ARG B 192 -27.25 -0.07 42.35
C ARG B 192 -26.93 -0.46 40.95
N LEU B 193 -26.87 0.52 40.05
CA LEU B 193 -26.44 0.29 38.68
C LEU B 193 -24.91 0.21 38.51
N ILE B 194 -24.46 -0.76 37.72
CA ILE B 194 -23.10 -0.80 37.23
C ILE B 194 -23.15 -0.86 35.70
N VAL B 195 -22.50 0.08 35.02
CA VAL B 195 -22.39 0.05 33.59
C VAL B 195 -20.99 -0.33 33.18
N LEU B 196 -20.90 -1.36 32.35
CA LEU B 196 -19.69 -1.79 31.75
C LEU B 196 -19.89 -1.51 30.28
N GLY B 197 -18.82 -0.97 29.70
CA GLY B 197 -18.80 -0.63 28.28
C GLY B 197 -18.24 -1.71 27.37
N GLY B 198 -17.64 -1.25 26.27
CA GLY B 198 -17.19 -2.13 25.22
C GLY B 198 -16.03 -3.04 25.55
N TYR B 199 -15.73 -3.87 24.54
CA TYR B 199 -14.74 -4.89 24.61
C TYR B 199 -13.45 -4.60 23.84
N GLY B 200 -13.36 -3.47 23.18
CA GLY B 200 -12.18 -3.12 22.42
C GLY B 200 -12.29 -3.45 20.92
N PHE B 201 -13.47 -3.86 20.51
CA PHE B 201 -13.79 -4.07 19.07
C PHE B 201 -13.31 -2.94 18.20
N ALA B 202 -12.57 -3.25 17.14
CA ALA B 202 -12.22 -2.20 16.14
C ALA B 202 -12.00 -2.97 14.88
N GLY B 203 -12.87 -2.72 13.93
CA GLY B 203 -12.77 -3.42 12.62
C GLY B 203 -13.45 -2.58 11.57
N GLY B 204 -13.18 -2.94 10.31
CA GLY B 204 -13.78 -2.21 9.22
C GLY B 204 -13.54 -2.90 7.88
N ASN B 205 -14.01 -2.26 6.82
CA ASN B 205 -13.97 -2.90 5.51
C ASN B 205 -13.00 -2.31 4.56
N THR B 206 -12.18 -1.35 5.01
CA THR B 206 -11.09 -0.83 4.21
C THR B 206 -9.76 -1.01 4.87
N ASP B 207 -8.68 -0.95 4.09
N ASP B 207 -8.75 -0.93 4.04
CA ASP B 207 -7.31 -1.16 4.57
CA ASP B 207 -7.38 -0.87 4.45
C ASP B 207 -6.79 0.14 5.15
C ASP B 207 -7.29 0.30 5.37
N LEU B 208 -6.54 0.13 6.47
CA LEU B 208 -6.11 1.34 7.21
C LEU B 208 -4.81 1.83 6.64
N SER B 209 -3.88 0.87 6.44
CA SER B 209 -2.59 1.09 5.77
C SER B 209 -2.68 1.51 4.25
N GLY B 210 -3.84 1.34 3.63
CA GLY B 210 -4.12 1.82 2.25
C GLY B 210 -4.38 3.32 2.13
N TYR B 211 -4.25 3.85 0.91
CA TYR B 211 -4.35 5.30 0.63
C TYR B 211 -5.82 5.69 0.58
N GLY B 212 -6.18 6.61 1.47
CA GLY B 212 -7.57 7.05 1.63
C GLY B 212 -8.40 6.07 2.44
N GLY B 213 -7.82 4.90 2.76
CA GLY B 213 -8.43 3.89 3.62
C GLY B 213 -8.96 4.46 4.95
N GLY B 214 -9.82 3.73 5.63
CA GLY B 214 -10.34 4.23 6.87
C GLY B 214 -11.82 4.42 6.86
N ASP B 215 -12.46 4.43 5.68
CA ASP B 215 -13.91 4.38 5.63
C ASP B 215 -14.44 3.08 6.13
N ASP B 216 -15.67 3.13 6.64
CA ASP B 216 -16.45 1.94 6.98
C ASP B 216 -15.71 1.17 8.07
N TRP B 217 -15.23 1.95 9.05
CA TRP B 217 -14.58 1.43 10.28
C TRP B 217 -15.42 1.80 11.54
N TYR B 218 -15.31 0.92 12.54
CA TYR B 218 -16.11 1.05 13.72
C TYR B 218 -15.29 0.68 14.93
N ASP B 219 -15.62 1.32 16.08
CA ASP B 219 -15.20 0.79 17.41
C ASP B 219 -16.39 0.63 18.35
N ASP B 220 -16.14 0.15 19.58
CA ASP B 220 -17.21 -0.07 20.53
C ASP B 220 -17.13 0.88 21.71
N ILE B 221 -16.44 2.02 21.53
CA ILE B 221 -16.70 3.18 22.41
C ILE B 221 -18.16 3.58 22.32
N SER B 222 -18.72 4.17 23.37
CA SER B 222 -20.04 4.76 23.31
C SER B 222 -20.21 5.71 24.39
N ASP B 223 -21.33 6.41 24.37
CA ASP B 223 -21.79 7.19 25.50
C ASP B 223 -23.29 7.41 25.35
N GLY B 224 -23.89 7.82 26.45
CA GLY B 224 -25.35 8.05 26.45
C GLY B 224 -26.00 8.25 27.77
N SER B 225 -27.35 8.17 27.77
CA SER B 225 -28.11 8.68 28.88
C SER B 225 -28.37 7.57 29.91
N VAL B 226 -28.48 8.02 31.14
CA VAL B 226 -28.85 7.18 32.29
C VAL B 226 -30.13 7.76 32.88
N THR B 227 -31.13 6.90 33.07
CA THR B 227 -32.36 7.28 33.77
C THR B 227 -32.60 6.33 34.95
N CYS B 228 -32.98 6.91 36.09
CA CYS B 228 -33.30 6.15 37.28
C CYS B 228 -34.73 6.51 37.71
N VAL B 229 -35.56 5.47 37.83
CA VAL B 229 -36.91 5.61 38.39
C VAL B 229 -36.97 4.83 39.68
N VAL B 230 -37.27 5.54 40.75
CA VAL B 230 -37.44 4.97 42.02
C VAL B 230 -38.96 4.91 42.28
N THR B 231 -39.43 3.71 42.52
CA THR B 231 -40.86 3.45 42.89
C THR B 231 -40.94 3.18 44.39
N TYR B 232 -41.78 3.93 45.08
CA TYR B 232 -41.94 3.79 46.52
C TYR B 232 -43.06 2.77 46.91
N SER B 233 -43.18 2.50 48.20
CA SER B 233 -44.13 1.50 48.74
C SER B 233 -45.55 1.77 48.24
N ASP B 234 -45.95 3.05 48.27
CA ASP B 234 -47.27 3.45 47.76
C ASP B 234 -47.40 3.52 46.24
N ASP B 235 -46.44 2.97 45.52
CA ASP B 235 -46.44 2.95 44.06
C ASP B 235 -46.26 4.31 43.38
N SER B 236 -46.10 5.39 44.14
CA SER B 236 -45.64 6.61 43.49
C SER B 236 -44.15 6.41 43.07
N SER B 237 -43.62 7.38 42.37
CA SER B 237 -42.26 7.27 41.86
C SER B 237 -41.66 8.63 41.62
N GLU B 238 -40.34 8.67 41.53
CA GLU B 238 -39.64 9.89 41.11
C GLU B 238 -38.51 9.39 40.13
N THR B 239 -38.05 10.29 39.27
CA THR B 239 -37.12 9.97 38.21
C THR B 239 -36.00 10.97 38.25
N SER B 240 -34.80 10.53 37.91
CA SER B 240 -33.69 11.46 37.82
C SER B 240 -32.74 10.86 36.79
N THR B 241 -31.79 11.68 36.32
CA THR B 241 -31.01 11.33 35.13
C THR B 241 -29.50 11.71 35.33
N ALA B 242 -28.71 11.10 34.47
CA ALA B 242 -27.27 11.32 34.38
C ALA B 242 -26.83 10.90 32.98
N TRP B 243 -25.51 10.89 32.77
CA TRP B 243 -24.91 10.52 31.54
C TRP B 243 -23.83 9.50 31.82
N MET B 244 -23.39 8.84 30.78
CA MET B 244 -22.41 7.74 30.85
C MET B 244 -21.46 7.80 29.66
N VAL B 245 -20.16 7.68 29.88
CA VAL B 245 -19.20 7.68 28.80
C VAL B 245 -18.25 6.49 28.97
N VAL B 246 -17.91 5.90 27.84
CA VAL B 246 -16.99 4.82 27.78
C VAL B 246 -15.72 5.32 27.09
N GLY B 247 -14.61 5.10 27.75
CA GLY B 247 -13.27 5.44 27.24
C GLY B 247 -12.41 4.20 27.10
N SER B 248 -11.30 4.38 26.39
CA SER B 248 -10.29 3.33 26.22
C SER B 248 -9.55 3.16 27.53
N PRO B 249 -8.72 2.11 27.68
CA PRO B 249 -8.20 1.88 29.04
C PRO B 249 -7.34 3.03 29.58
N ASP B 250 -7.38 3.17 30.91
CA ASP B 250 -6.50 4.08 31.62
C ASP B 250 -5.23 3.32 32.00
N PHE B 251 -4.19 3.54 31.21
CA PHE B 251 -2.94 2.82 31.35
C PHE B 251 -2.01 3.37 32.45
N ALA B 252 -2.41 4.43 33.12
CA ALA B 252 -1.65 4.99 34.27
C ALA B 252 -2.56 5.72 35.23
N PRO B 253 -3.40 4.93 35.92
CA PRO B 253 -4.54 5.52 36.57
C PRO B 253 -4.17 6.36 37.79
N GLU B 254 -3.00 6.13 38.35
CA GLU B 254 -2.57 6.96 39.50
C GLU B 254 -1.99 8.30 39.08
N ILE B 255 -1.75 8.46 37.81
CA ILE B 255 -1.22 9.70 37.27
C ILE B 255 -2.35 10.57 36.70
N VAL B 256 -2.43 11.79 37.20
CA VAL B 256 -3.56 12.67 36.98
C VAL B 256 -3.13 13.76 35.99
N ASN B 257 -4.07 14.10 35.10
CA ASN B 257 -3.89 15.20 34.14
C ASN B 257 -3.93 16.54 34.85
N ILE B 258 -3.03 17.42 34.46
CA ILE B 258 -2.97 18.75 35.04
C ILE B 258 -4.32 19.47 34.96
N SER B 259 -4.95 19.40 33.81
CA SER B 259 -6.36 19.81 33.68
C SER B 259 -7.18 18.60 33.32
N THR B 260 -8.03 18.16 34.23
CA THR B 260 -8.92 16.98 34.02
C THR B 260 -10.25 17.41 33.51
N LEU B 261 -11.08 16.45 33.10
N LEU B 261 -11.09 16.47 33.09
CA LEU B 261 -12.41 16.79 32.62
CA LEU B 261 -12.39 16.88 32.62
C LEU B 261 -13.29 17.37 33.76
C LEU B 261 -13.28 17.41 33.76
N SER B 262 -13.02 16.99 35.00
CA SER B 262 -13.68 17.62 36.16
C SER B 262 -13.32 19.09 36.21
N ASP B 263 -12.05 19.41 36.02
CA ASP B 263 -11.67 20.84 35.89
C ASP B 263 -12.43 21.57 34.79
N THR B 264 -12.63 20.89 33.64
CA THR B 264 -13.38 21.46 32.54
C THR B 264 -14.79 21.77 32.98
N CYS B 265 -15.48 20.78 33.58
CA CYS B 265 -16.85 21.00 34.02
C CYS B 265 -16.95 22.08 35.08
N PHE B 266 -16.00 22.10 35.99
CA PHE B 266 -15.95 23.12 37.03
C PHE B 266 -15.78 24.53 36.44
N ASP B 267 -14.85 24.69 35.51
CA ASP B 267 -14.62 25.96 34.80
C ASP B 267 -15.84 26.42 34.06
N VAL B 268 -16.45 25.52 33.29
CA VAL B 268 -17.69 25.82 32.62
C VAL B 268 -18.78 26.28 33.59
N GLY B 269 -18.84 25.64 34.75
CA GLY B 269 -19.84 25.90 35.78
C GLY B 269 -19.64 27.28 36.40
N VAL B 270 -18.40 27.61 36.66
CA VAL B 270 -18.09 28.88 37.30
C VAL B 270 -18.44 30.00 36.35
N ARG B 271 -18.04 29.86 35.09
N ARG B 271 -18.09 29.86 35.07
CA ARG B 271 -18.12 30.94 34.13
CA ARG B 271 -18.18 30.96 34.13
C ARG B 271 -19.55 31.09 33.56
C ARG B 271 -19.52 31.03 33.40
N ASN B 272 -20.34 30.03 33.63
CA ASN B 272 -21.61 29.98 32.88
C ASN B 272 -22.81 29.65 33.72
N PHE B 273 -22.65 28.99 34.85
CA PHE B 273 -23.81 28.52 35.62
C PHE B 273 -23.82 29.00 37.03
N ASP B 274 -23.05 30.03 37.31
CA ASP B 274 -23.01 30.65 38.67
C ASP B 274 -22.65 29.65 39.79
N LEU B 275 -21.79 28.68 39.48
CA LEU B 275 -21.49 27.64 40.42
C LEU B 275 -20.86 28.14 41.71
N VAL B 276 -20.01 29.14 41.59
CA VAL B 276 -19.33 29.73 42.72
C VAL B 276 -19.44 31.27 42.65
N PRO B 277 -20.60 31.80 43.07
CA PRO B 277 -20.87 33.28 42.99
C PRO B 277 -19.78 34.18 43.58
N ASP B 278 -19.14 33.75 44.66
CA ASP B 278 -18.01 34.50 45.21
C ASP B 278 -16.77 34.58 44.31
N MET B 279 -16.63 33.65 43.38
CA MET B 279 -15.45 33.62 42.50
C MET B 279 -15.62 34.41 41.22
N TYR B 280 -16.85 34.48 40.76
CA TYR B 280 -17.07 35.03 39.41
C TYR B 280 -18.37 35.83 39.37
N ASP B 281 -18.31 36.97 38.73
CA ASP B 281 -19.47 37.85 38.63
C ASP B 281 -20.18 37.61 37.32
N SER B 282 -21.27 36.85 37.36
CA SER B 282 -22.04 36.52 36.14
C SER B 282 -22.63 37.77 35.46
N ALA B 283 -23.01 38.78 36.25
CA ALA B 283 -23.48 40.05 35.68
C ALA B 283 -22.43 40.73 34.80
N THR B 284 -21.18 40.74 35.20
CA THR B 284 -20.18 41.39 34.35
C THR B 284 -19.27 40.46 33.52
N GLY B 285 -19.27 39.16 33.79
CA GLY B 285 -18.42 38.25 33.07
C GLY B 285 -16.99 38.34 33.48
N HIS B 286 -16.72 38.62 34.74
CA HIS B 286 -15.36 38.66 35.26
C HIS B 286 -15.22 37.91 36.55
N TYR B 287 -14.05 37.33 36.74
CA TYR B 287 -13.74 36.81 38.03
C TYR B 287 -13.74 37.95 39.07
N LYS B 288 -14.02 37.64 40.31
CA LYS B 288 -13.91 38.60 41.43
C LYS B 288 -12.54 38.61 42.09
N SER B 289 -11.83 39.71 41.93
CA SER B 289 -10.47 39.79 42.47
C SER B 289 -10.34 39.72 43.96
N ASP B 290 -11.43 39.82 44.71
CA ASP B 290 -11.32 39.67 46.11
C ASP B 290 -11.55 38.22 46.54
N TYR B 291 -11.73 37.28 45.61
CA TYR B 291 -11.85 35.84 46.00
C TYR B 291 -10.58 35.27 46.60
N VAL B 292 -10.70 34.67 47.78
CA VAL B 292 -9.53 34.18 48.46
C VAL B 292 -9.44 32.70 48.12
N ALA B 293 -8.39 32.28 47.42
CA ALA B 293 -8.21 30.89 47.07
C ALA B 293 -7.78 30.10 48.31
N ASN B 294 -7.75 28.78 48.18
CA ASN B 294 -7.18 27.96 49.24
C ASN B 294 -6.03 27.12 48.63
N PHE B 295 -4.89 27.08 49.32
CA PHE B 295 -3.72 26.35 48.79
C PHE B 295 -3.96 24.89 48.62
N ASP B 296 -4.40 24.21 49.66
CA ASP B 296 -4.62 22.81 49.57
C ASP B 296 -5.65 22.44 48.53
N ARG B 297 -6.75 23.15 48.44
CA ARG B 297 -7.84 22.78 47.54
C ARG B 297 -7.53 23.16 46.10
N ASP B 298 -7.01 24.38 45.90
CA ASP B 298 -6.93 25.01 44.60
C ASP B 298 -5.59 24.92 43.91
N ILE B 299 -4.53 24.94 44.67
CA ILE B 299 -3.23 25.11 44.12
C ILE B 299 -2.42 23.82 44.20
N LEU B 300 -2.36 23.23 45.38
CA LEU B 300 -1.62 22.01 45.58
C LEU B 300 -1.87 20.89 44.56
N PRO B 301 -3.11 20.68 44.15
CA PRO B 301 -3.30 19.59 43.17
C PRO B 301 -2.56 19.85 41.88
N ILE B 302 -2.53 21.10 41.45
CA ILE B 302 -1.79 21.41 40.29
C ILE B 302 -0.34 21.04 40.40
N ILE B 303 0.26 21.43 41.51
CA ILE B 303 1.63 21.17 41.76
C ILE B 303 1.86 19.63 41.82
N GLN B 304 0.95 18.93 42.47
CA GLN B 304 1.08 17.47 42.59
C GLN B 304 0.97 16.82 41.20
N ARG B 305 0.04 17.27 40.38
CA ARG B 305 -0.11 16.66 39.06
C ARG B 305 1.16 16.86 38.23
N ILE B 306 1.72 18.06 38.26
CA ILE B 306 2.91 18.39 37.51
C ILE B 306 4.05 17.43 37.92
N SER B 307 4.12 17.16 39.21
CA SER B 307 5.20 16.31 39.79
C SER B 307 5.18 14.86 39.36
N GLN B 308 4.05 14.36 38.85
N GLN B 308 4.10 14.36 38.79
CA GLN B 308 3.90 12.96 38.40
CA GLN B 308 4.11 12.95 38.43
C GLN B 308 4.26 12.70 36.94
C GLN B 308 4.13 12.67 36.91
N TYR B 309 4.26 13.74 36.08
CA TYR B 309 4.38 13.53 34.64
C TYR B 309 5.75 12.86 34.36
N GLN B 310 6.74 13.07 35.24
CA GLN B 310 8.08 12.56 35.00
C GLN B 310 8.12 11.02 34.83
N TRP B 311 7.06 10.31 35.28
CA TRP B 311 7.00 8.84 35.17
C TRP B 311 6.63 8.32 33.82
N VAL B 312 6.17 9.23 32.97
CA VAL B 312 5.58 8.92 31.70
C VAL B 312 6.04 9.83 30.57
N SER B 313 6.91 10.78 30.86
CA SER B 313 7.37 11.74 29.87
C SER B 313 8.63 12.39 30.44
N ASN B 314 9.38 13.04 29.57
CA ASN B 314 10.53 13.81 30.00
C ASN B 314 10.20 15.30 29.96
N VAL B 315 9.76 15.82 31.09
CA VAL B 315 9.35 17.19 31.20
C VAL B 315 10.10 17.85 32.35
N GLN B 316 11.41 17.76 32.31
CA GLN B 316 12.24 18.20 33.45
C GLN B 316 12.13 19.70 33.62
N SER B 317 11.84 20.42 32.54
CA SER B 317 11.68 21.86 32.64
C SER B 317 10.56 22.22 33.58
N MET B 318 9.64 21.29 33.87
CA MET B 318 8.57 21.56 34.85
C MET B 318 8.99 21.35 36.35
N SER B 319 10.21 20.89 36.57
CA SER B 319 10.64 20.50 37.90
C SER B 319 10.67 21.70 38.91
N GLY B 320 10.96 22.88 38.40
CA GLY B 320 10.91 24.07 39.22
C GLY B 320 9.57 24.43 39.77
N PHE B 321 8.51 23.86 39.21
CA PHE B 321 7.20 24.14 39.63
C PHE B 321 6.69 23.23 40.73
N PHE B 322 7.52 22.27 41.13
CA PHE B 322 7.19 21.46 42.29
C PHE B 322 8.39 21.21 43.18
N SER B 323 9.32 22.13 43.14
CA SER B 323 10.58 21.87 43.85
C SER B 323 10.46 22.26 45.33
N PHE B 324 9.47 23.06 45.65
N PHE B 324 9.55 23.14 45.61
CA PHE B 324 9.45 23.82 46.92
CA PHE B 324 9.42 23.73 46.96
C PHE B 324 10.86 24.41 47.17
C PHE B 324 10.42 24.85 47.27
N GLN B 325 11.32 25.15 46.15
N GLN B 325 11.69 24.54 47.42
CA GLN B 325 12.57 25.87 46.28
CA GLN B 325 12.59 25.56 47.91
C GLN B 325 12.35 27.14 47.14
C GLN B 325 12.28 27.05 47.72
N PHE B 326 11.06 27.50 47.35
CA PHE B 326 10.53 28.56 48.23
C PHE B 326 9.23 27.93 48.75
N ASP B 327 8.67 28.56 49.74
CA ASP B 327 7.57 28.05 50.42
C ASP B 327 6.30 28.44 49.70
N TYR B 328 5.65 27.46 49.08
CA TYR B 328 4.43 27.75 48.35
C TYR B 328 3.28 28.19 49.28
N ARG B 329 3.32 27.85 50.58
N ARG B 329 3.37 27.89 50.58
CA ARG B 329 2.24 28.20 51.51
CA ARG B 329 2.31 28.20 51.54
C ARG B 329 2.46 29.58 52.18
C ARG B 329 2.46 29.59 52.15
N ASP B 330 3.61 30.24 51.92
CA ASP B 330 3.88 31.58 52.45
C ASP B 330 3.25 32.70 51.61
N GLY B 331 2.15 33.22 52.10
CA GLY B 331 1.38 34.22 51.48
C GLY B 331 1.78 35.66 51.76
N SER B 332 2.94 35.80 52.39
CA SER B 332 3.42 37.13 52.83
C SER B 332 4.01 37.94 51.69
N ALA B 333 4.08 39.26 51.90
CA ALA B 333 4.70 40.19 50.94
C ALA B 333 6.09 39.79 50.61
N ALA B 334 6.87 39.33 51.61
CA ALA B 334 8.25 38.98 51.35
C ALA B 334 8.37 37.86 50.31
N ASN B 335 7.34 37.03 50.18
CA ASN B 335 7.38 35.88 49.23
C ASN B 335 6.60 36.14 47.96
N LYS B 336 6.04 37.31 47.83
CA LYS B 336 5.25 37.64 46.71
C LYS B 336 6.02 37.64 45.38
N ALA B 337 7.22 38.21 45.34
CA ALA B 337 7.93 38.23 44.06
C ALA B 337 8.14 36.76 43.56
N ASN B 338 8.42 35.86 44.49
CA ASN B 338 8.55 34.43 44.19
C ASN B 338 7.28 33.83 43.63
N ARG B 339 6.17 34.10 44.29
N ARG B 339 6.15 34.10 44.27
CA ARG B 339 4.90 33.56 43.81
CA ARG B 339 4.89 33.51 43.80
C ARG B 339 4.56 34.09 42.45
C ARG B 339 4.45 34.10 42.46
N MET B 340 4.74 35.40 42.26
CA MET B 340 4.44 36.01 41.01
C MET B 340 5.33 35.48 39.88
N LYS B 341 6.59 35.20 40.17
CA LYS B 341 7.49 34.72 39.13
C LYS B 341 6.95 33.33 38.66
N TYR B 342 6.51 32.53 39.61
CA TYR B 342 5.94 31.22 39.37
C TYR B 342 4.74 31.33 38.49
N TYR B 343 3.77 32.15 38.87
CA TYR B 343 2.60 32.38 38.08
C TYR B 343 2.83 32.93 36.68
N ASN B 344 3.82 33.82 36.57
CA ASN B 344 4.09 34.49 35.31
C ASN B 344 4.78 33.56 34.28
N TYR B 345 5.20 32.39 34.72
CA TYR B 345 5.68 31.38 33.80
C TYR B 345 4.57 30.52 33.19
N PHE B 346 3.34 30.70 33.67
CA PHE B 346 2.16 30.06 33.07
C PHE B 346 1.61 30.82 31.90
N ARG B 347 1.30 30.08 30.83
CA ARG B 347 0.70 30.75 29.70
C ARG B 347 -0.65 31.29 30.04
N GLN B 348 -0.86 32.52 29.62
CA GLN B 348 -2.23 33.02 29.63
C GLN B 348 -3.01 32.36 28.50
N LEU B 349 -4.36 32.40 28.60
CA LEU B 349 -5.24 31.76 27.60
C LEU B 349 -5.39 32.61 26.37
N ASP B 350 -5.35 31.98 25.22
CA ASP B 350 -5.71 32.71 24.01
C ASP B 350 -7.18 33.14 24.04
N ASN B 351 -7.50 34.27 23.41
CA ASN B 351 -8.91 34.64 23.16
C ASN B 351 -9.41 33.65 22.10
N LYS B 352 -10.69 33.49 21.92
CA LYS B 352 -11.16 32.54 20.92
C LYS B 352 -11.67 33.27 19.70
N VAL B 353 -10.80 34.08 19.15
CA VAL B 353 -11.13 34.94 18.00
C VAL B 353 -10.39 34.40 16.74
N ILE B 354 -11.17 34.05 15.73
CA ILE B 354 -10.62 33.60 14.46
C ILE B 354 -9.67 34.62 13.87
N GLY B 355 -8.48 34.18 13.47
CA GLY B 355 -7.55 35.06 12.75
C GLY B 355 -6.54 35.72 13.61
N ASP B 356 -6.58 35.46 14.93
CA ASP B 356 -5.70 36.16 15.86
C ASP B 356 -4.61 35.18 16.29
N TYR B 357 -3.50 35.18 15.61
CA TYR B 357 -2.47 34.15 15.85
C TYR B 357 -1.47 34.54 16.87
N ASP B 358 -1.14 35.84 16.94
CA ASP B 358 -0.05 36.24 17.79
C ASP B 358 -0.56 36.38 19.24
N GLN B 359 -0.69 35.24 19.92
CA GLN B 359 -1.31 35.20 21.21
C GLN B 359 -0.43 34.34 22.10
N PRO B 360 -0.74 34.30 23.38
CA PRO B 360 0.15 33.60 24.35
C PRO B 360 0.36 32.11 24.12
N GLN B 361 -0.61 31.40 23.55
CA GLN B 361 -0.44 29.98 23.39
C GLN B 361 0.39 29.60 22.17
N GLN B 362 0.89 30.60 21.40
CA GLN B 362 1.79 30.33 20.33
C GLN B 362 3.21 30.64 20.74
N VAL B 363 3.40 31.01 22.00
CA VAL B 363 4.68 31.29 22.57
C VAL B 363 5.21 30.10 23.36
N LEU B 364 6.42 29.66 23.02
CA LEU B 364 7.01 28.51 23.71
C LEU B 364 7.67 28.94 24.99
N MET B 365 8.62 29.87 24.91
CA MET B 365 9.52 30.14 26.01
C MET B 365 9.20 31.50 26.68
N SER B 366 9.68 31.58 27.91
CA SER B 366 9.72 32.89 28.64
C SER B 366 10.53 33.94 27.85
N SER B 367 11.64 33.55 27.24
CA SER B 367 12.38 34.39 26.28
C SER B 367 13.34 33.49 25.59
N GLU B 368 14.03 34.00 24.60
CA GLU B 368 15.11 33.20 24.06
C GLU B 368 16.46 33.85 24.30
N VAL B 369 16.54 34.65 25.35
CA VAL B 369 17.77 35.26 25.82
C VAL B 369 18.48 34.30 26.78
N GLU B 370 19.72 33.99 26.49
CA GLU B 370 20.42 33.00 27.26
C GLU B 370 20.45 33.41 28.70
N GLY B 371 20.16 32.48 29.61
CA GLY B 371 20.02 32.82 31.01
C GLY B 371 18.60 33.06 31.49
N ASP B 372 17.69 33.35 30.55
N ASP B 372 17.68 33.31 30.55
CA ASP B 372 16.28 33.66 30.83
CA ASP B 372 16.28 33.61 30.85
C ASP B 372 15.36 32.73 30.05
C ASP B 372 15.39 32.76 29.96
N ILE B 373 15.84 31.54 29.64
CA ILE B 373 15.08 30.59 28.84
C ILE B 373 14.40 29.49 29.64
N LEU B 374 13.07 29.48 29.57
CA LEU B 374 12.29 28.38 30.19
C LEU B 374 11.00 28.20 29.42
N PRO B 375 10.62 26.94 29.17
CA PRO B 375 9.37 26.65 28.50
C PRO B 375 8.24 27.04 29.43
N LEU B 376 7.27 27.73 28.90
CA LEU B 376 6.16 28.18 29.71
C LEU B 376 5.22 27.06 30.06
N MET B 377 4.30 27.30 31.02
CA MET B 377 3.63 26.18 31.71
C MET B 377 2.15 26.20 31.48
N PRO B 378 1.50 25.02 31.54
CA PRO B 378 2.21 23.75 31.53
C PRO B 378 2.91 23.52 30.18
N MET B 379 4.01 22.78 30.19
CA MET B 379 4.77 22.51 28.94
C MET B 379 4.26 21.24 28.28
N ASN B 380 3.39 21.44 27.28
CA ASN B 380 2.68 20.40 26.56
C ASN B 380 2.09 21.05 25.34
N SER B 381 1.74 20.22 24.37
CA SER B 381 0.95 20.71 23.22
C SER B 381 -0.34 21.30 23.67
N GLY B 382 -0.79 22.30 22.91
CA GLY B 382 -2.12 22.75 23.01
C GLY B 382 -3.07 22.01 22.07
N SER B 383 -4.27 22.58 21.86
CA SER B 383 -5.34 21.92 21.15
C SER B 383 -5.27 22.03 19.62
N ASN B 384 -4.26 22.72 19.09
CA ASN B 384 -3.87 22.56 17.69
C ASN B 384 -2.49 22.98 17.41
N SER B 385 -1.62 22.00 17.49
CA SER B 385 -0.25 22.12 17.15
C SER B 385 -0.06 21.35 15.80
N VAL B 386 -1.13 20.89 15.16
CA VAL B 386 -1.08 19.97 14.01
C VAL B 386 -1.25 20.70 12.65
N SER B 387 -2.24 21.58 12.57
CA SER B 387 -2.57 22.16 11.27
C SER B 387 -2.36 23.64 11.25
N SER B 388 -1.81 24.20 10.17
CA SER B 388 -1.57 25.61 10.07
C SER B 388 -2.86 26.39 9.71
N SER B 389 -2.73 27.71 9.73
CA SER B 389 -3.80 28.58 9.33
C SER B 389 -4.34 28.29 7.94
N ASN B 390 -3.45 27.89 7.03
CA ASN B 390 -3.79 27.68 5.62
C ASN B 390 -4.19 26.29 5.20
N PHE B 391 -4.43 25.36 6.17
CA PHE B 391 -4.88 24.02 5.84
C PHE B 391 -6.37 23.94 5.60
N TYR B 392 -6.75 22.82 5.01
CA TYR B 392 -8.15 22.42 4.85
C TYR B 392 -8.89 23.40 3.92
N ASP B 393 -8.15 23.96 2.98
CA ASP B 393 -8.67 25.00 2.14
C ASP B 393 -9.10 26.22 2.83
N LEU B 394 -8.57 26.53 4.01
CA LEU B 394 -8.97 27.71 4.75
C LEU B 394 -7.84 28.72 4.72
N THR B 395 -8.07 29.93 5.18
CA THR B 395 -6.96 30.85 5.33
C THR B 395 -6.83 31.26 6.78
N ASP B 396 -7.76 30.87 7.64
CA ASP B 396 -7.71 31.29 9.04
C ASP B 396 -8.14 30.13 10.00
N ASN B 397 -7.64 28.95 9.67
CA ASN B 397 -7.82 27.80 10.54
C ASN B 397 -7.27 28.12 11.94
N VAL B 398 -8.01 27.75 12.98
CA VAL B 398 -7.63 28.10 14.35
C VAL B 398 -6.47 27.28 14.86
N VAL B 399 -5.43 27.97 15.32
CA VAL B 399 -4.23 27.38 15.84
C VAL B 399 -4.21 27.56 17.39
N GLU B 400 -3.64 26.56 18.07
CA GLU B 400 -3.34 26.72 19.51
C GLU B 400 -2.19 25.80 19.83
N LYS B 401 -0.99 26.34 19.77
CA LYS B 401 0.14 25.44 19.75
C LYS B 401 0.50 24.75 21.08
N PHE B 402 0.47 25.53 22.15
CA PHE B 402 1.01 25.14 23.48
C PHE B 402 -0.03 25.27 24.56
N LEU B 403 0.14 24.49 25.62
CA LEU B 403 -0.95 24.29 26.59
C LEU B 403 -1.04 25.47 27.54
N ALA B 404 -2.26 25.76 27.96
CA ALA B 404 -2.51 26.59 29.13
C ALA B 404 -3.42 25.83 30.11
N LEU B 405 -3.39 26.22 31.36
CA LEU B 405 -4.46 25.83 32.28
C LEU B 405 -5.81 26.30 31.77
N ASP B 406 -6.89 25.82 32.38
CA ASP B 406 -8.16 26.38 32.12
C ASP B 406 -8.31 27.71 32.86
N ALA B 407 -9.28 28.51 32.45
CA ALA B 407 -9.40 29.89 32.96
C ALA B 407 -9.59 29.97 34.45
N THR B 408 -10.31 28.99 34.99
CA THR B 408 -10.55 28.93 36.42
C THR B 408 -9.34 28.51 37.21
N GLN B 409 -8.62 27.44 36.75
CA GLN B 409 -7.40 27.09 37.40
C GLN B 409 -6.47 28.29 37.36
N LEU B 410 -6.38 28.94 36.21
CA LEU B 410 -5.40 30.03 36.13
C LEU B 410 -5.77 31.24 37.04
N PHE B 411 -7.07 31.52 37.16
CA PHE B 411 -7.52 32.60 38.03
C PHE B 411 -7.07 32.36 39.46
N LEU B 412 -7.32 31.14 39.93
CA LEU B 412 -6.96 30.70 41.25
C LEU B 412 -5.47 30.73 41.49
N LEU B 413 -4.67 30.31 40.50
CA LEU B 413 -3.27 30.43 40.61
C LEU B 413 -2.83 31.90 40.74
N GLY B 414 -3.52 32.75 40.02
CA GLY B 414 -3.26 34.21 40.11
C GLY B 414 -3.59 34.78 41.48
N GLN B 415 -4.68 34.32 42.11
CA GLN B 415 -4.99 34.74 43.48
C GLN B 415 -3.94 34.27 44.45
N TRP B 416 -3.43 33.04 44.28
CA TRP B 416 -2.33 32.59 45.05
C TRP B 416 -1.10 33.53 44.86
N ALA B 417 -0.82 33.87 43.65
CA ALA B 417 0.37 34.68 43.38
C ALA B 417 0.19 36.05 44.12
N GLU B 418 -1.00 36.59 44.00
CA GLU B 418 -1.29 37.87 44.71
C GLU B 418 -1.26 37.80 46.21
N GLY B 419 -1.25 36.60 46.80
CA GLY B 419 -1.28 36.43 48.25
C GLY B 419 -2.74 36.33 48.81
N GLU B 420 -3.72 36.23 47.92
CA GLU B 420 -5.12 36.05 48.29
C GLU B 420 -5.41 34.55 48.40
N PHE B 421 -4.85 33.93 49.41
CA PHE B 421 -5.09 32.56 49.60
C PHE B 421 -4.88 32.21 51.02
N THR B 422 -5.54 31.14 51.44
CA THR B 422 -5.36 30.55 52.73
C THR B 422 -4.66 29.26 52.70
N ALA B 423 -4.15 28.90 53.86
CA ALA B 423 -3.57 27.63 54.16
C ALA B 423 -4.50 26.98 55.16
N GLY B 424 -4.70 25.70 55.00
CA GLY B 424 -5.54 24.90 55.86
C GLY B 424 -6.74 24.38 55.08
N PRO B 425 -7.73 23.82 55.76
CA PRO B 425 -8.90 23.25 55.05
C PRO B 425 -9.75 24.35 54.43
N ALA B 426 -10.33 24.07 53.34
CA ALA B 426 -11.35 24.99 53.02
C ALA B 426 -12.49 24.11 52.77
N ASP B 427 -13.67 24.63 52.80
CA ASP B 427 -14.79 23.77 52.48
C ASP B 427 -14.87 23.56 50.96
N ASP B 428 -15.45 22.41 50.61
CA ASP B 428 -15.55 22.01 49.24
C ASP B 428 -16.42 22.96 48.54
N TYR B 429 -16.19 23.02 47.25
CA TYR B 429 -17.12 23.68 46.38
C TYR B 429 -18.41 22.86 46.42
N PRO B 430 -19.52 23.42 45.96
CA PRO B 430 -20.80 22.70 45.86
C PRO B 430 -20.88 21.74 44.66
N VAL B 431 -19.97 20.76 44.63
CA VAL B 431 -19.91 19.71 43.63
C VAL B 431 -19.68 18.45 44.41
N SER B 432 -20.43 17.42 44.16
CA SER B 432 -20.25 16.16 44.84
C SER B 432 -18.91 15.54 44.49
N ASP B 433 -18.27 14.90 45.47
CA ASP B 433 -17.07 14.10 45.24
C ASP B 433 -17.31 12.99 44.30
N MET B 434 -18.52 12.47 44.24
CA MET B 434 -18.77 11.39 43.33
C MET B 434 -18.77 11.89 41.87
N ASP B 435 -19.08 13.16 41.68
CA ASP B 435 -19.11 13.72 40.31
C ASP B 435 -17.69 14.05 39.80
N THR B 436 -16.81 14.40 40.73
CA THR B 436 -15.39 14.68 40.40
C THR B 436 -14.62 13.41 40.17
N ALA B 437 -14.98 12.34 40.85
CA ALA B 437 -14.18 11.12 40.82
C ALA B 437 -14.21 10.34 39.48
N SER B 438 -15.27 10.52 38.71
CA SER B 438 -15.42 9.85 37.44
C SER B 438 -14.61 10.66 36.39
N ILE B 439 -15.09 11.84 36.09
CA ILE B 439 -14.51 12.62 34.99
C ILE B 439 -13.19 13.27 35.37
N GLY B 440 -12.86 13.28 36.67
CA GLY B 440 -11.59 13.81 37.12
C GLY B 440 -10.48 12.88 36.67
N ASN B 441 -10.83 11.63 36.30
CA ASN B 441 -9.91 10.71 35.71
C ASN B 441 -9.84 10.69 34.16
N CYS B 442 -10.49 11.67 33.53
CA CYS B 442 -10.45 11.86 32.10
C CYS B 442 -9.63 13.09 31.78
N VAL B 443 -9.10 13.09 30.57
CA VAL B 443 -8.34 14.27 30.06
C VAL B 443 -9.25 15.45 29.88
N GLY B 444 -8.86 16.59 30.42
CA GLY B 444 -9.51 17.86 30.14
C GLY B 444 -8.79 18.69 29.05
N LEU B 445 -7.48 18.84 29.13
CA LEU B 445 -6.74 19.57 28.11
C LEU B 445 -5.40 18.91 27.84
N PRO B 446 -4.87 19.00 26.62
CA PRO B 446 -5.47 19.57 25.39
C PRO B 446 -6.49 18.61 24.82
N MET B 447 -7.21 19.06 23.82
CA MET B 447 -8.21 18.25 23.13
C MET B 447 -8.06 18.34 21.60
N CYS B 448 -7.32 17.41 21.02
CA CYS B 448 -6.97 17.46 19.60
C CYS B 448 -6.90 16.05 19.01
N PRO B 449 -7.91 15.23 19.26
CA PRO B 449 -9.11 15.60 19.90
C PRO B 449 -9.12 15.38 21.39
N GLY B 450 -8.23 14.56 21.89
CA GLY B 450 -8.35 14.15 23.26
C GLY B 450 -8.30 12.68 23.40
N ILE B 451 -8.71 12.18 24.55
CA ILE B 451 -8.75 10.75 24.77
C ILE B 451 -10.19 10.30 24.92
N GLU B 452 -10.82 10.61 26.04
CA GLU B 452 -12.21 10.10 26.24
C GLU B 452 -13.25 10.97 25.47
N MET B 453 -13.00 12.29 25.48
CA MET B 453 -13.96 13.28 25.01
C MET B 453 -13.23 14.48 24.46
N THR B 454 -13.96 15.33 23.70
CA THR B 454 -13.33 16.46 23.08
C THR B 454 -14.04 17.74 23.40
N TRP B 455 -13.68 18.78 22.69
CA TRP B 455 -14.01 20.15 23.10
C TRP B 455 -15.50 20.55 23.12
N SER B 456 -16.41 19.64 22.81
CA SER B 456 -17.83 19.96 23.02
C SER B 456 -18.10 20.00 24.49
N LEU B 457 -17.29 19.29 25.29
CA LEU B 457 -17.44 19.40 26.75
C LEU B 457 -17.12 20.73 27.30
N GLN B 458 -16.45 21.61 26.56
CA GLN B 458 -16.24 22.94 27.03
C GLN B 458 -17.42 23.89 26.71
N ASN B 459 -18.39 23.40 25.94
CA ASN B 459 -19.44 24.25 25.48
C ASN B 459 -20.61 24.26 26.44
N PRO B 460 -20.88 25.38 27.10
CA PRO B 460 -21.92 25.35 28.09
C PRO B 460 -23.28 24.94 27.58
N VAL B 461 -23.50 25.02 26.28
CA VAL B 461 -24.84 24.74 25.77
C VAL B 461 -25.25 23.26 25.84
N ILE B 462 -24.30 22.37 26.10
CA ILE B 462 -24.67 20.94 26.26
C ILE B 462 -25.07 20.57 27.68
N TYR B 463 -24.95 21.50 28.61
CA TYR B 463 -25.28 21.28 29.99
C TYR B 463 -26.54 21.94 30.46
N LYS B 464 -27.26 21.32 31.38
N LYS B 464 -27.25 21.26 31.35
CA LYS B 464 -28.42 22.03 31.96
CA LYS B 464 -28.41 21.86 32.04
C LYS B 464 -28.03 22.67 33.26
C LYS B 464 -27.91 22.75 33.12
N ASP B 465 -26.89 22.26 33.83
CA ASP B 465 -26.35 22.98 34.98
C ASP B 465 -24.88 22.47 35.09
N ALA B 466 -24.10 23.07 35.98
CA ALA B 466 -22.72 22.58 36.16
C ALA B 466 -22.65 21.07 36.38
N TYR B 467 -21.78 20.40 35.60
CA TYR B 467 -21.55 18.92 35.69
C TYR B 467 -22.75 18.08 35.21
N GLN B 468 -23.81 18.71 34.75
CA GLN B 468 -24.98 17.97 34.27
C GLN B 468 -25.31 18.09 32.83
N ILE B 469 -25.24 16.99 32.09
CA ILE B 469 -25.48 17.00 30.68
C ILE B 469 -27.00 17.19 30.44
N LYS B 470 -27.33 18.12 29.56
CA LYS B 470 -28.72 18.29 29.14
C LYS B 470 -29.14 17.22 28.17
N HIS B 471 -30.28 16.61 28.42
CA HIS B 471 -30.79 15.54 27.55
C HIS B 471 -31.74 16.13 26.48
N TYR B 472 -31.52 15.78 25.22
CA TYR B 472 -32.37 16.11 24.13
C TYR B 472 -33.54 15.10 24.12
N GLN B 473 -34.76 15.57 23.98
CA GLN B 473 -35.95 14.60 23.82
C GLN B 473 -36.03 13.59 24.98
N ASP B 474 -36.47 12.36 24.70
CA ASP B 474 -36.77 11.37 25.73
C ASP B 474 -36.86 9.98 25.08
N LYS B 475 -37.07 8.98 25.91
CA LYS B 475 -36.97 7.62 25.50
C LYS B 475 -37.95 7.36 24.34
N ALA B 476 -39.17 7.86 24.47
CA ALA B 476 -40.17 7.55 23.42
C ALA B 476 -39.79 8.10 22.02
N TYR B 477 -39.13 9.25 22.03
CA TYR B 477 -38.77 9.90 20.78
C TYR B 477 -37.86 9.00 20.04
N PHE B 478 -36.85 8.45 20.75
CA PHE B 478 -35.80 7.68 20.10
C PHE B 478 -36.33 6.29 19.73
N ASP B 479 -37.21 5.77 20.59
CA ASP B 479 -37.90 4.48 20.25
C ASP B 479 -38.43 4.51 18.81
N VAL B 480 -39.14 5.60 18.49
CA VAL B 480 -39.74 5.81 17.17
C VAL B 480 -38.83 6.31 16.09
N ASN B 481 -37.95 7.25 16.39
CA ASN B 481 -37.15 7.95 15.39
C ASN B 481 -35.76 7.49 15.27
N GLY B 482 -35.27 6.77 16.25
CA GLY B 482 -33.84 6.51 16.31
C GLY B 482 -33.08 7.84 16.54
N LEU B 483 -31.77 7.77 16.37
CA LEU B 483 -30.92 8.90 16.73
C LEU B 483 -30.74 9.76 15.53
N THR B 484 -30.38 11.03 15.78
CA THR B 484 -30.28 12.01 14.72
C THR B 484 -28.81 12.20 14.22
N PRO B 485 -28.46 11.64 13.08
CA PRO B 485 -27.03 11.56 12.79
C PRO B 485 -26.31 12.91 12.56
N GLU B 486 -26.98 13.86 11.92
N GLU B 486 -27.02 13.85 11.96
CA GLU B 486 -26.31 15.12 11.56
CA GLU B 486 -26.46 15.10 11.49
C GLU B 486 -26.42 16.19 12.63
C GLU B 486 -26.47 16.18 12.58
N ARG B 487 -27.19 15.93 13.68
CA ARG B 487 -27.49 16.94 14.68
C ARG B 487 -26.32 17.26 15.59
N ASP B 488 -25.96 18.52 15.58
CA ASP B 488 -24.95 19.04 16.47
C ASP B 488 -25.63 19.65 17.68
N GLU B 489 -25.51 18.93 18.81
CA GLU B 489 -25.95 19.41 20.08
C GLU B 489 -25.42 20.76 20.50
N CYS B 490 -24.22 21.13 20.02
CA CYS B 490 -23.66 22.42 20.32
C CYS B 490 -24.30 23.51 19.48
N GLU B 491 -24.80 23.13 18.32
CA GLU B 491 -25.54 24.07 17.47
C GLU B 491 -26.96 24.29 17.95
N GLU B 492 -27.66 23.19 18.23
CA GLU B 492 -29.08 23.30 18.59
C GLU B 492 -29.33 23.77 20.02
N GLU B 493 -28.42 23.43 20.93
CA GLU B 493 -28.46 23.90 22.31
C GLU B 493 -29.55 23.26 23.15
N THR B 494 -30.26 22.31 22.56
CA THR B 494 -31.42 21.67 23.23
C THR B 494 -31.10 20.31 23.89
N GLY B 495 -29.81 20.00 23.99
CA GLY B 495 -29.36 18.83 24.70
C GLY B 495 -28.63 17.83 23.83
N CYS B 496 -28.15 16.77 24.46
CA CYS B 496 -27.39 15.69 23.84
C CYS B 496 -28.22 14.46 23.60
N GLU B 497 -27.85 13.72 22.58
CA GLU B 497 -28.38 12.41 22.34
C GLU B 497 -27.30 11.44 22.68
N PRO B 498 -27.67 10.18 22.88
CA PRO B 498 -26.69 9.10 22.99
C PRO B 498 -25.73 9.11 21.80
N GLY B 499 -24.45 8.94 22.12
CA GLY B 499 -23.37 9.02 21.12
C GLY B 499 -22.75 10.40 21.00
N ASP B 500 -23.38 11.41 21.59
CA ASP B 500 -22.90 12.76 21.26
C ASP B 500 -21.56 13.13 21.91
N LEU B 501 -21.29 12.55 23.06
CA LEU B 501 -20.06 12.97 23.79
C LEU B 501 -18.81 12.33 23.23
N THR B 502 -18.93 11.20 22.52
CA THR B 502 -17.75 10.53 21.98
C THR B 502 -17.63 10.53 20.45
N LYS B 503 -18.61 11.08 19.73
CA LYS B 503 -18.63 10.90 18.26
C LYS B 503 -17.51 11.60 17.51
N ARG B 504 -16.97 12.66 18.05
CA ARG B 504 -15.91 13.40 17.39
C ARG B 504 -14.55 12.74 17.42
N MET B 505 -14.36 11.80 18.36
CA MET B 505 -13.08 11.12 18.55
C MET B 505 -12.75 10.22 17.37
N ALA B 506 -11.50 9.81 17.29
CA ALA B 506 -11.08 8.99 16.17
C ALA B 506 -11.88 7.73 16.06
N CYS B 507 -12.10 7.33 14.81
CA CYS B 507 -12.85 6.11 14.52
C CYS B 507 -12.00 5.19 13.68
N PRO B 508 -11.33 4.18 14.29
CA PRO B 508 -11.32 3.73 15.68
C PRO B 508 -10.45 4.53 16.64
N TRP B 509 -10.79 4.47 17.93
CA TRP B 509 -10.02 5.21 18.94
C TRP B 509 -8.57 4.92 18.96
N GLN B 510 -8.18 3.68 18.58
CA GLN B 510 -6.76 3.31 18.56
C GLN B 510 -5.88 4.24 17.70
N ALA B 511 -6.49 4.97 16.77
CA ALA B 511 -5.78 6.07 16.09
C ALA B 511 -5.43 7.21 17.06
N ASP B 512 -6.35 7.63 17.93
CA ASP B 512 -6.01 8.69 18.90
C ASP B 512 -4.86 8.21 19.82
N PHE B 513 -4.90 6.94 20.25
CA PHE B 513 -3.91 6.35 21.15
C PHE B 513 -2.58 6.28 20.44
N PHE B 514 -2.56 5.83 19.18
CA PHE B 514 -1.31 5.78 18.45
C PHE B 514 -0.68 7.16 18.26
N ASN B 515 -1.50 8.19 18.07
CA ASN B 515 -1.06 9.57 17.77
C ASN B 515 -0.75 10.37 19.01
N CYS B 516 -1.31 9.91 20.15
CA CYS B 516 -1.32 10.67 21.42
C CYS B 516 0.04 10.42 22.08
N THR B 517 1.07 11.00 21.50
CA THR B 517 2.44 10.68 21.89
C THR B 517 3.18 11.97 22.12
N ILE B 518 3.83 12.47 21.09
CA ILE B 518 4.49 13.74 21.09
C ILE B 518 4.19 14.45 19.81
N GLN B 519 4.45 15.79 19.83
CA GLN B 519 4.38 16.61 18.64
C GLN B 519 5.60 17.49 18.60
N THR B 520 6.17 17.64 17.42
CA THR B 520 7.26 18.55 17.18
C THR B 520 6.58 19.84 16.69
N VAL B 521 6.61 20.85 17.54
CA VAL B 521 5.83 22.07 17.35
C VAL B 521 6.70 23.28 17.01
N ASN B 522 6.37 23.92 15.88
CA ASN B 522 7.08 25.14 15.45
C ASN B 522 6.88 26.24 16.50
N PHE B 523 7.86 27.02 16.83
CA PHE B 523 7.66 28.17 17.71
C PHE B 523 8.15 29.55 17.19
N SER B 524 8.29 29.69 15.85
CA SER B 524 8.76 30.92 15.21
C SER B 524 7.69 31.66 14.47
N GLU B 525 6.62 30.98 14.01
CA GLU B 525 5.57 31.63 13.20
C GLU B 525 4.20 31.19 13.74
N PRO B 526 3.50 32.13 14.39
CA PRO B 526 2.28 31.81 15.11
C PRO B 526 1.23 31.21 14.27
N SER B 527 1.25 31.48 12.95
CA SER B 527 0.20 30.95 12.03
C SER B 527 0.54 29.56 11.41
N VAL B 528 1.73 29.04 11.68
CA VAL B 528 2.22 27.88 11.02
C VAL B 528 2.49 26.73 11.98
N ASN B 529 1.91 25.59 11.69
CA ASN B 529 2.33 24.36 12.38
C ASN B 529 3.20 23.45 11.48
N LYS B 530 2.78 23.26 10.23
CA LYS B 530 3.49 22.41 9.31
C LYS B 530 3.75 23.20 8.01
N ALA B 531 4.75 22.75 7.26
CA ALA B 531 5.12 23.41 5.99
C ALA B 531 5.62 22.29 5.09
N SER B 532 5.80 22.55 3.79
CA SER B 532 6.51 21.61 2.97
C SER B 532 7.97 21.97 3.18
N GLN B 533 8.82 20.95 3.07
CA GLN B 533 10.24 21.11 3.25
C GLN B 533 10.87 20.46 2.02
N THR B 534 11.63 21.25 1.28
CA THR B 534 12.36 20.70 0.11
C THR B 534 13.83 20.80 0.37
N GLU B 535 14.44 19.63 0.36
CA GLU B 535 15.84 19.48 0.57
C GLU B 535 16.47 19.09 -0.79
N THR B 536 17.32 19.95 -1.30
CA THR B 536 17.99 19.68 -2.60
C THR B 536 19.45 19.46 -2.28
N VAL B 537 20.01 18.31 -2.65
CA VAL B 537 21.42 18.03 -2.38
C VAL B 537 22.14 17.90 -3.74
N THR B 538 23.08 18.79 -4.01
CA THR B 538 23.74 18.84 -5.28
C THR B 538 25.15 18.44 -4.98
N SER B 539 25.62 17.39 -5.66
CA SER B 539 26.85 16.68 -5.28
C SER B 539 27.78 16.52 -6.49
N ARG B 540 28.99 17.06 -6.39
CA ARG B 540 30.02 16.85 -7.38
C ARG B 540 30.94 15.75 -6.91
N THR B 541 31.06 14.69 -7.74
CA THR B 541 31.95 13.58 -7.44
C THR B 541 33.18 13.73 -8.32
N HIS B 542 34.34 13.81 -7.70
CA HIS B 542 35.60 13.97 -8.38
C HIS B 542 36.59 12.83 -8.10
N TYR B 543 37.15 12.27 -9.16
CA TYR B 543 38.11 11.19 -9.02
C TYR B 543 39.44 11.62 -9.59
N GLU B 544 40.50 11.22 -8.92
CA GLU B 544 41.87 11.49 -9.37
C GLU B 544 42.58 10.19 -9.08
N TRP B 545 43.53 9.84 -9.93
CA TRP B 545 44.34 8.68 -9.70
C TRP B 545 45.78 9.07 -9.56
N GLY B 546 46.50 8.39 -8.71
CA GLY B 546 47.92 8.76 -8.48
C GLY B 546 48.78 7.58 -8.12
N ASN B 547 49.98 7.85 -7.60
CA ASN B 547 50.98 6.84 -7.36
C ASN B 547 51.32 6.09 -8.66
N LEU B 548 51.24 6.79 -9.76
CA LEU B 548 51.46 6.16 -11.09
C LEU B 548 52.90 6.16 -11.45
N PRO B 549 53.31 5.26 -12.38
CA PRO B 549 54.72 5.29 -12.78
C PRO B 549 55.14 6.66 -13.42
N ALA B 550 56.43 6.88 -13.47
CA ALA B 550 56.98 8.10 -14.09
C ALA B 550 56.57 8.23 -15.48
N GLY B 551 56.04 9.42 -15.82
CA GLY B 551 55.58 9.71 -17.15
C GLY B 551 54.12 9.36 -17.37
N VAL B 552 53.49 8.62 -16.45
CA VAL B 552 52.08 8.23 -16.67
C VAL B 552 51.13 9.19 -15.96
N SER B 553 50.09 9.60 -16.63
CA SER B 553 49.04 10.38 -16.01
C SER B 553 47.74 9.97 -16.64
N VAL B 554 46.67 10.17 -15.94
CA VAL B 554 45.32 9.97 -16.54
C VAL B 554 44.45 11.15 -16.10
N PRO B 555 43.51 11.56 -16.92
CA PRO B 555 42.71 12.67 -16.62
C PRO B 555 41.83 12.40 -15.37
N ASP B 556 41.59 13.44 -14.60
CA ASP B 556 40.57 13.41 -13.56
C ASP B 556 39.20 13.15 -14.16
N GLN B 557 38.25 12.64 -13.41
CA GLN B 557 36.91 12.51 -13.93
C GLN B 557 36.01 13.22 -12.95
N SER B 558 35.02 13.92 -13.40
CA SER B 558 34.10 14.44 -12.40
C SER B 558 32.72 14.50 -12.97
N SER B 559 31.72 14.40 -12.11
CA SER B 559 30.39 14.67 -12.58
C SER B 559 29.51 15.19 -11.42
N VAL B 560 28.31 15.66 -11.76
CA VAL B 560 27.44 16.28 -10.79
C VAL B 560 26.11 15.57 -10.85
N SER B 561 25.50 15.39 -9.67
CA SER B 561 24.27 14.61 -9.47
C SER B 561 23.44 15.44 -8.45
N ALA B 562 22.12 15.29 -8.47
CA ALA B 562 21.29 15.93 -7.45
C ALA B 562 20.10 15.09 -7.12
N THR B 563 19.65 15.30 -5.88
CA THR B 563 18.43 14.70 -5.36
C THR B 563 17.60 15.90 -4.80
N LYS B 564 16.30 15.77 -4.93
CA LYS B 564 15.35 16.75 -4.44
C LYS B 564 14.33 15.95 -3.69
N ASN B 565 14.38 16.01 -2.37
N ASN B 565 14.32 16.14 -2.39
CA ASN B 565 13.31 15.42 -1.56
CA ASN B 565 13.45 15.43 -1.44
C ASN B 565 12.36 16.52 -1.16
C ASN B 565 12.37 16.37 -0.92
N VAL B 566 11.10 16.21 -1.32
CA VAL B 566 10.04 17.09 -0.93
C VAL B 566 9.10 16.31 0.06
N ASP B 567 9.02 16.78 1.29
CA ASP B 567 8.04 16.30 2.25
C ASP B 567 7.02 17.41 2.36
N GLU B 568 5.77 17.07 2.08
CA GLU B 568 4.71 18.05 1.89
C GLU B 568 4.20 18.84 3.15
N LYS B 569 4.23 18.15 4.28
CA LYS B 569 3.59 18.69 5.51
C LYS B 569 4.42 18.18 6.63
N VAL B 570 5.47 18.88 7.01
CA VAL B 570 6.24 18.50 8.17
C VAL B 570 6.32 19.71 9.11
N PRO B 571 6.66 19.46 10.36
CA PRO B 571 6.85 20.58 11.28
C PRO B 571 7.86 21.63 10.80
N LEU B 572 7.51 22.87 10.81
CA LEU B 572 8.41 23.90 10.40
C LEU B 572 9.44 24.17 11.46
N PRO B 573 10.72 24.10 11.12
CA PRO B 573 11.77 24.45 12.13
C PRO B 573 11.84 25.94 12.34
N PRO B 574 12.27 26.40 13.52
CA PRO B 574 12.67 25.58 14.70
C PRO B 574 11.44 25.10 15.49
N ALA B 575 11.54 23.88 15.96
CA ALA B 575 10.48 23.24 16.69
C ALA B 575 10.93 22.63 17.98
N TYR B 576 9.90 22.39 18.80
CA TYR B 576 10.05 21.90 20.16
C TYR B 576 9.25 20.61 20.40
N TYR B 577 9.93 19.66 20.99
CA TYR B 577 9.39 18.35 21.32
C TYR B 577 8.42 18.46 22.46
N SER B 578 7.13 18.31 22.15
CA SER B 578 6.06 18.59 23.07
C SER B 578 5.19 17.34 23.26
N TYR B 579 4.77 17.06 24.50
CA TYR B 579 3.90 15.91 24.76
C TYR B 579 2.44 16.19 24.47
N TRP B 580 1.67 15.14 24.31
CA TRP B 580 0.27 15.19 24.10
C TRP B 580 -0.48 14.95 25.42
N TRQ B 581 -0.50 13.69 25.89
CA TRQ B 581 -1.21 13.34 27.14
C TRQ B 581 -0.46 12.28 27.91
O TRQ B 581 -0.90 11.13 28.00
CB TRQ B 581 -2.56 12.73 26.80
CG TRQ B 581 -3.45 13.67 26.00
CD1 TRQ B 581 -4.09 14.79 26.46
NE1 TRQ B 581 -4.73 15.43 25.46
CE2 TRQ B 581 -4.55 14.78 24.34
CZ2 TRQ B 581 -5.05 15.02 23.01
CH2 TRQ B 581 -4.68 14.12 21.93
CZ3 TRQ B 581 -3.88 13.00 22.19
CE3 TRQ B 581 -3.42 12.76 23.53
CD2 TRQ B 581 -3.75 13.60 24.59
O6 TRQ B 581 -5.21 14.42 20.83
O7 TRQ B 581 -5.71 16.08 22.81
N PRO B 582 0.60 12.65 28.56
CA PRO B 582 1.41 11.67 29.18
C PRO B 582 0.72 10.77 30.19
N PRO B 583 -0.19 11.34 31.02
CA PRO B 583 -0.92 10.47 31.94
C PRO B 583 -1.78 9.39 31.31
N GLN B 584 -2.29 9.68 30.13
CA GLN B 584 -3.30 8.83 29.48
C GLN B 584 -2.73 8.08 28.34
N SER B 585 -1.54 8.45 27.90
CA SER B 585 -0.90 7.75 26.78
C SER B 585 0.60 7.93 26.96
N PRO B 586 1.20 7.05 27.77
CA PRO B 586 2.57 7.25 28.22
C PRO B 586 3.56 7.12 27.11
N TRP B 587 4.74 7.69 27.29
CA TRP B 587 5.69 7.70 26.22
C TRP B 587 7.07 7.25 26.67
N ASP B 588 7.61 7.88 27.73
CA ASP B 588 8.87 7.51 28.33
C ASP B 588 8.65 6.92 29.70
N VAL B 589 8.86 5.61 29.84
CA VAL B 589 8.51 4.89 31.07
C VAL B 589 9.65 3.98 31.46
N LEU B 590 9.59 3.52 32.72
CA LEU B 590 10.61 2.71 33.30
C LEU B 590 10.24 1.25 33.20
N THR B 591 11.19 0.46 32.76
CA THR B 591 11.03 -1.00 32.74
C THR B 591 10.97 -1.49 34.19
N GLY B 592 10.17 -2.53 34.33
CA GLY B 592 9.71 -3.00 35.60
C GLY B 592 9.93 -4.46 36.00
N GLU B 593 10.45 -5.28 35.09
CA GLU B 593 10.62 -6.73 35.40
C GLU B 593 11.81 -6.95 36.27
N LEU B 594 11.56 -7.48 37.47
CA LEU B 594 12.58 -7.71 38.46
C LEU B 594 13.04 -9.13 38.57
N ASP B 595 12.41 -10.09 37.89
N ASP B 595 12.40 -9.99 37.75
CA ASP B 595 12.94 -11.47 37.93
CA ASP B 595 12.55 -11.46 37.67
C ASP B 595 13.42 -11.81 36.50
C ASP B 595 13.41 -11.80 36.40
N THR B 596 14.23 -12.86 36.42
CA THR B 596 14.98 -13.26 35.22
C THR B 596 14.07 -13.51 34.06
N GLU B 597 13.00 -14.27 34.29
CA GLU B 597 12.12 -14.60 33.17
C GLU B 597 11.56 -13.34 32.50
N GLY B 598 11.12 -12.36 33.30
CA GLY B 598 10.53 -11.14 32.71
C GLY B 598 11.60 -10.31 32.03
N GLN B 599 12.83 -10.35 32.53
CA GLN B 599 13.93 -9.68 31.85
C GLN B 599 14.32 -10.33 30.49
N LEU B 600 14.37 -11.64 30.46
CA LEU B 600 14.67 -12.35 29.19
C LEU B 600 13.60 -12.08 28.17
N HIS B 601 12.35 -12.06 28.58
CA HIS B 601 11.29 -11.84 27.62
C HIS B 601 11.18 -10.38 27.19
N SER B 602 11.51 -9.47 28.10
CA SER B 602 11.44 -8.02 27.78
C SER B 602 12.70 -7.54 27.12
N HIS B 603 13.80 -8.31 27.28
CA HIS B 603 15.11 -7.99 26.76
C HIS B 603 15.77 -6.79 27.40
N LEU B 604 15.29 -6.42 28.56
CA LEU B 604 15.78 -5.22 29.21
C LEU B 604 15.95 -5.41 30.70
N PRO B 605 16.96 -4.78 31.23
CA PRO B 605 17.05 -4.77 32.72
C PRO B 605 15.97 -3.86 33.29
N ALA B 606 15.73 -3.93 34.59
CA ALA B 606 14.77 -3.09 35.25
C ALA B 606 15.31 -1.67 35.45
N GLY B 607 14.44 -0.71 35.47
CA GLY B 607 14.85 0.63 35.89
C GLY B 607 15.30 1.54 34.76
N GLN B 608 15.19 1.04 33.51
CA GLN B 608 15.67 1.79 32.36
C GLN B 608 14.50 2.50 31.74
N GLN B 609 14.69 3.74 31.29
CA GLN B 609 13.61 4.43 30.65
C GLN B 609 13.63 4.07 29.18
N ILE B 610 12.48 3.67 28.68
CA ILE B 610 12.39 3.25 27.31
C ILE B 610 11.06 3.66 26.76
N ASN B 611 10.88 3.45 25.46
CA ASN B 611 9.66 3.89 24.85
C ASN B 611 8.45 2.96 25.20
N TYR B 612 7.39 3.58 25.64
CA TYR B 612 6.20 2.87 26.13
C TYR B 612 5.55 1.96 25.05
N ALA B 613 5.53 2.45 23.83
CA ALA B 613 4.89 1.73 22.72
C ALA B 613 5.86 0.92 21.85
N ARG B 614 7.06 0.63 22.35
CA ARG B 614 8.10 0.01 21.55
C ARG B 614 7.52 -1.29 21.02
N GLY B 615 7.66 -1.50 19.72
CA GLY B 615 7.22 -2.71 19.09
C GLY B 615 5.89 -2.52 18.35
N ILE B 616 5.11 -1.52 18.73
CA ILE B 616 3.90 -1.13 18.02
C ILE B 616 4.36 -0.11 17.02
N ASN B 617 4.79 -0.61 15.84
CA ASN B 617 5.48 0.21 14.86
C ASN B 617 4.59 0.89 13.81
N SER B 618 3.31 0.55 13.83
CA SER B 618 2.34 1.12 12.92
C SER B 618 1.01 1.29 13.59
N TYR B 619 0.23 2.19 13.00
CA TYR B 619 -1.15 2.40 13.38
C TYR B 619 -1.96 1.09 13.37
N SER B 620 -1.85 0.33 12.26
CA SER B 620 -2.57 -0.92 12.18
C SER B 620 -2.19 -1.87 13.33
N GLN B 621 -0.93 -1.90 13.70
CA GLN B 621 -0.55 -2.74 14.83
C GLN B 621 -1.16 -2.25 16.15
N MET B 622 -1.34 -0.96 16.32
CA MET B 622 -2.02 -0.45 17.53
C MET B 622 -3.48 -0.89 17.55
N VAL B 623 -4.09 -0.85 16.37
CA VAL B 623 -5.51 -1.29 16.27
C VAL B 623 -5.69 -2.75 16.73
N GLU B 624 -4.74 -3.59 16.40
CA GLU B 624 -4.76 -5.01 16.75
C GLU B 624 -4.25 -5.28 18.16
N HIS B 625 -3.21 -4.56 18.58
CA HIS B 625 -2.45 -4.99 19.75
C HIS B 625 -2.31 -4.01 20.95
N TRP B 626 -3.17 -3.01 20.98
CA TRP B 626 -3.31 -2.07 22.08
C TRP B 626 -3.31 -2.76 23.45
N SER B 627 -3.95 -3.93 23.55
CA SER B 627 -4.11 -4.57 24.82
C SER B 627 -2.87 -5.27 25.31
N ALA B 628 -1.80 -5.24 24.52
CA ALA B 628 -0.53 -5.79 24.98
C ALA B 628 0.30 -4.82 25.82
N LEU B 629 -0.08 -3.55 25.83
CA LEU B 629 0.75 -2.48 26.46
C LEU B 629 0.64 -2.49 27.97
N ALA B 630 1.68 -1.94 28.58
CA ALA B 630 1.85 -1.98 30.01
C ALA B 630 0.85 -1.05 30.73
N PHE B 631 0.63 -1.36 32.01
CA PHE B 631 0.05 -0.40 32.94
C PHE B 631 1.18 0.15 33.77
N ILE B 632 1.23 1.48 33.83
CA ILE B 632 2.26 2.19 34.54
C ILE B 632 1.68 2.39 35.94
N ARG B 633 2.34 1.82 36.95
CA ARG B 633 1.85 1.97 38.30
C ARG B 633 2.90 2.05 39.35
N ASP B 634 2.48 2.58 40.50
CA ASP B 634 3.39 2.82 41.64
C ASP B 634 3.68 1.49 42.34
N ARG B 635 4.92 1.05 42.20
N ARG B 635 4.94 1.04 42.18
CA ARG B 635 5.33 -0.21 42.76
CA ARG B 635 5.43 -0.22 42.76
C ARG B 635 5.50 -0.05 44.31
C ARG B 635 5.69 -0.05 44.30
N ASN B 636 5.58 1.21 44.75
CA ASN B 636 5.82 1.57 46.15
C ASN B 636 4.58 2.26 46.74
N GLN B 637 3.41 1.86 46.25
CA GLN B 637 2.18 2.51 46.63
C GLN B 637 1.87 2.44 48.12
N ASN B 638 2.39 1.45 48.83
CA ASN B 638 2.15 1.39 50.28
C ASN B 638 2.87 2.45 51.10
N ASN B 639 3.76 3.23 50.49
CA ASN B 639 4.59 4.20 51.13
C ASN B 639 4.40 5.57 50.55
N ASP B 640 3.43 6.24 51.15
CA ASP B 640 3.07 7.56 50.75
C ASP B 640 4.24 8.47 50.67
N GLY B 641 4.32 9.23 49.59
CA GLY B 641 5.42 10.13 49.37
C GLY B 641 6.68 9.58 48.63
N PHE B 642 6.77 8.27 48.38
CA PHE B 642 8.02 7.69 47.80
C PHE B 642 7.68 6.85 46.59
N PRO B 643 7.09 7.48 45.57
CA PRO B 643 6.58 6.78 44.43
C PRO B 643 7.66 6.13 43.59
N PHE B 644 7.33 4.96 42.99
CA PHE B 644 8.21 4.35 42.02
C PHE B 644 7.39 3.71 40.92
N PHE B 645 7.14 4.43 39.83
CA PHE B 645 6.23 3.97 38.80
C PHE B 645 7.03 3.27 37.70
N THR B 646 6.61 2.08 37.35
CA THR B 646 7.20 1.34 36.26
C THR B 646 6.11 0.72 35.44
N GLU B 647 6.48 0.17 34.29
CA GLU B 647 5.59 -0.69 33.55
C GLU B 647 5.30 -1.90 34.42
N THR B 648 4.09 -2.40 34.26
CA THR B 648 3.69 -3.69 34.77
C THR B 648 2.77 -4.33 33.72
N GLU B 649 2.68 -5.65 33.73
CA GLU B 649 1.65 -6.37 32.92
C GLU B 649 1.79 -6.21 31.38
N ARG B 650 2.98 -5.87 30.86
CA ARG B 650 3.16 -5.80 29.39
C ARG B 650 3.18 -7.21 28.88
N ASN B 651 2.62 -7.45 27.73
CA ASN B 651 2.57 -8.82 27.13
C ASN B 651 3.84 -8.99 26.31
N HIS B 652 4.95 -9.21 27.03
CA HIS B 652 6.27 -9.20 26.38
C HIS B 652 6.39 -10.23 25.24
N GLU B 653 5.67 -11.34 25.43
CA GLU B 653 5.75 -12.48 24.54
C GLU B 653 5.23 -12.17 23.16
N LEU B 654 4.40 -11.14 23.06
CA LEU B 654 3.98 -10.67 21.72
C LEU B 654 5.10 -10.20 20.83
N PHE B 655 6.13 -9.63 21.42
CA PHE B 655 7.06 -8.80 20.69
C PHE B 655 8.26 -9.64 20.37
N ASP B 656 8.83 -9.44 19.21
CA ASP B 656 10.16 -9.99 18.93
C ASP B 656 11.16 -8.89 19.15
N PHE B 657 12.46 -9.22 18.99
CA PHE B 657 13.52 -8.30 19.39
C PHE B 657 14.72 -8.53 18.53
N LYS B 658 15.35 -7.47 18.06
CA LYS B 658 16.63 -7.60 17.39
C LYS B 658 17.58 -6.51 17.88
N GLU B 659 18.82 -6.88 18.16
CA GLU B 659 19.84 -5.90 18.51
C GLU B 659 20.66 -5.66 17.26
N VAL B 660 20.66 -4.45 16.78
CA VAL B 660 21.29 -4.13 15.54
C VAL B 660 22.60 -3.41 15.88
N LEU B 661 23.72 -3.94 15.39
CA LEU B 661 24.98 -3.23 15.64
C LEU B 661 25.04 -1.96 14.83
N VAL B 662 25.58 -0.87 15.37
CA VAL B 662 25.55 0.40 14.59
C VAL B 662 26.31 0.34 13.26
N GLY B 663 27.34 -0.47 13.20
CA GLY B 663 28.09 -0.65 11.98
C GLY B 663 27.32 -1.41 10.91
N GLN B 664 26.24 -2.07 11.28
CA GLN B 664 25.31 -2.62 10.27
C GLN B 664 24.68 -1.51 9.49
N VAL B 665 24.41 -0.39 10.14
CA VAL B 665 23.84 0.76 9.50
C VAL B 665 24.90 1.56 8.79
N THR B 666 26.01 1.80 9.45
CA THR B 666 26.96 2.75 8.91
C THR B 666 27.94 2.13 7.95
N GLY B 667 28.12 0.83 8.00
CA GLY B 667 29.16 0.15 7.20
C GLY B 667 30.52 0.12 7.83
N ASN B 668 30.68 0.80 8.97
CA ASN B 668 31.94 0.83 9.71
C ASN B 668 31.92 -0.13 10.90
N SER B 669 32.70 -1.20 10.86
CA SER B 669 32.67 -2.20 11.92
C SER B 669 33.18 -1.65 13.26
N GLU B 670 33.95 -0.61 13.26
CA GLU B 670 34.30 0.01 14.50
C GLU B 670 33.04 0.47 15.32
N ASP B 671 31.98 0.83 14.63
CA ASP B 671 30.77 1.24 15.27
C ASP B 671 29.99 0.14 15.99
N ASN B 672 30.40 -1.12 15.80
CA ASN B 672 29.76 -2.25 16.41
C ASN B 672 29.93 -2.35 17.90
N GLU B 673 30.70 -1.46 18.51
CA GLU B 673 30.73 -1.33 19.96
C GLU B 673 29.43 -0.81 20.52
N THR B 674 28.60 -0.22 19.68
CA THR B 674 27.29 0.27 20.07
C THR B 674 26.21 -0.45 19.31
N SER B 675 25.06 -0.65 19.96
CA SER B 675 23.93 -1.35 19.34
C SER B 675 22.64 -0.67 19.65
N LEU B 676 21.62 -1.01 18.86
CA LEU B 676 20.31 -0.39 18.88
C LEU B 676 19.32 -1.52 19.12
N PRO B 677 18.52 -1.44 20.15
CA PRO B 677 17.44 -2.40 20.36
C PRO B 677 16.30 -2.12 19.48
N VAL B 678 15.74 -3.15 18.85
CA VAL B 678 14.59 -2.92 18.01
C VAL B 678 13.50 -3.95 18.38
N PHE B 679 12.33 -3.47 18.76
CA PHE B 679 11.21 -4.27 19.12
C PHE B 679 10.22 -4.23 17.95
N PHE B 680 9.56 -5.34 17.71
CA PHE B 680 8.58 -5.47 16.67
C PHE B 680 7.71 -6.65 16.90
N ILE B 681 6.64 -6.72 16.10
CA ILE B 681 5.67 -7.80 16.18
C ILE B 681 5.78 -8.61 14.90
N ASN B 682 6.08 -9.87 15.03
CA ASN B 682 6.27 -10.68 13.82
C ASN B 682 4.97 -11.04 13.09
N ALA B 683 4.07 -11.68 13.76
CA ALA B 683 2.71 -11.94 13.12
C ALA B 683 2.62 -13.41 12.69
N ASN B 684 3.74 -13.90 12.16
CA ASN B 684 3.89 -15.34 11.92
C ASN B 684 4.24 -16.02 13.16
N LYS B 685 4.39 -15.27 14.27
CA LYS B 685 4.24 -15.92 15.56
C LYS B 685 2.93 -16.72 15.71
S SO4 C . -4.44 -9.26 -16.70
O1 SO4 C . -5.24 -10.07 -15.71
O2 SO4 C . -5.30 -8.04 -16.96
O3 SO4 C . -3.15 -8.81 -16.09
O4 SO4 C . -4.06 -10.03 -17.97
S SO4 D . 2.92 -37.29 -37.88
O1 SO4 D . 2.10 -38.39 -37.35
O2 SO4 D . 2.26 -36.59 -38.96
O3 SO4 D . 3.18 -36.41 -36.74
O4 SO4 D . 4.18 -37.70 -38.49
S SO4 E . -14.04 -29.80 -29.39
O1 SO4 E . -13.19 -30.82 -28.71
O2 SO4 E . -15.36 -30.45 -29.62
O3 SO4 E . -14.24 -28.63 -28.55
O4 SO4 E . -13.43 -29.22 -30.63
C1 DIO F . 19.62 -4.96 -8.18
C2 DIO F . 21.78 -5.99 -8.08
C1' DIO F . 19.12 -5.79 -7.02
C2' DIO F . 21.28 -6.99 -7.02
O1 DIO F . 20.99 -4.77 -7.92
O1' DIO F . 19.83 -7.04 -7.01
C1 EDO G . 5.94 -14.92 -17.99
O1 EDO G . 5.27 -13.94 -18.77
C2 EDO G . 5.01 -15.57 -16.98
O2 EDO G . 4.87 -14.65 -15.91
C1 EDO H . 3.79 -7.77 -12.98
O1 EDO H . 4.53 -8.86 -12.41
C2 EDO H . 2.32 -8.07 -13.07
O2 EDO H . 2.11 -9.22 -13.92
C1 EDO I . -9.67 -24.55 -34.48
O1 EDO I . -8.35 -24.19 -34.93
C2 EDO I . -10.03 -24.06 -33.09
O2 EDO I . -10.23 -22.63 -33.12
C1 EDO J . 18.46 -12.87 -10.04
O1 EDO J . 18.53 -12.04 -11.19
C2 EDO J . 18.75 -14.29 -10.54
O2 EDO J . 17.57 -14.88 -11.12
C1 EDO K . 10.40 -10.75 -11.96
O1 EDO K . 9.82 -11.22 -13.16
C2 EDO K . 11.88 -10.91 -12.17
O2 EDO K . 12.24 -12.32 -12.18
C1 EDO L . 20.38 12.21 -32.03
O1 EDO L . 20.17 12.39 -30.66
C2 EDO L . 20.92 10.85 -32.23
O2 EDO L . 19.80 10.00 -32.61
C1 EDO M . 18.30 -18.17 -39.59
O1 EDO M . 16.88 -18.00 -39.65
C2 EDO M . 18.79 -17.31 -38.48
O2 EDO M . 18.51 -18.10 -37.35
C1 EDO N . -0.23 -29.81 -33.18
O1 EDO N . -0.95 -29.42 -31.97
C2 EDO N . 1.05 -29.04 -33.46
O2 EDO N . 1.11 -27.83 -32.72
C1 EDO O . -2.19 -31.47 -36.19
O1 EDO O . -1.99 -30.71 -37.39
C2 EDO O . -2.10 -32.87 -36.73
O2 EDO O . -1.06 -32.89 -37.73
S SO4 P . -11.31 10.96 10.60
O1 SO4 P . -10.03 10.18 10.77
O2 SO4 P . -12.49 10.02 10.30
O3 SO4 P . -11.48 11.73 11.91
O4 SO4 P . -11.05 11.88 9.42
S SO4 Q . -11.40 38.39 34.27
O1 SO4 Q . -10.99 38.06 35.63
O2 SO4 Q . -12.78 37.92 34.12
O3 SO4 Q . -11.32 39.87 34.11
O4 SO4 Q . -10.57 37.77 33.23
S SO4 R . -20.43 34.60 16.31
O1 SO4 R . -21.05 33.32 15.98
O2 SO4 R . -21.15 35.63 15.54
O3 SO4 R . -20.53 34.68 17.79
O4 SO4 R . -19.00 34.74 15.93
C1 DIO S . 11.47 0.86 17.32
C2 DIO S . 13.28 1.34 18.75
C1' DIO S . 10.83 -0.06 18.36
C2' DIO S . 12.78 0.25 19.72
O1 DIO S . 12.29 1.89 17.90
O1' DIO S . 11.84 -0.68 19.14
C1 EDO T . -4.44 7.76 11.94
O1 EDO T . -4.52 9.08 12.42
C2 EDO T . -3.52 7.16 12.94
O2 EDO T . -2.27 7.83 12.78
C1 EDO U . -2.65 14.72 17.36
O1 EDO U . -2.37 13.69 16.39
C2 EDO U . -2.72 14.02 18.69
O2 EDO U . -3.91 13.23 18.75
C1 EDO V . -21.88 28.57 21.36
O1 EDO V . -22.08 27.19 21.09
C2 EDO V . -21.03 28.83 22.53
O2 EDO V . -21.51 28.40 23.80
C1 EDO W . -8.56 -13.24 36.79
O1 EDO W . -8.21 -11.90 36.42
C2 EDO W . -7.43 -14.16 36.48
O2 EDO W . -7.32 -14.51 35.08
C1 EDO X . 3.15 8.18 16.25
O1 EDO X . 2.15 8.91 17.00
C2 EDO X . 4.35 8.01 17.17
O2 EDO X . 4.65 9.28 17.77
C1 EDO Y . -20.36 14.59 49.00
O1 EDO Y . -19.34 15.09 48.12
C2 EDO Y . -21.22 13.77 48.07
O2 EDO Y . -20.34 12.86 47.39
C1 EDO Z . -5.57 -3.89 12.29
O1 EDO Z . -5.98 -3.47 10.96
C2 EDO Z . -5.95 -5.35 12.51
O2 EDO Z . -4.82 -6.16 12.21
C1 EDO AA . -6.43 16.12 43.44
O1 EDO AA . -7.52 16.44 42.54
C2 EDO AA . -5.54 15.11 42.76
O2 EDO AA . -4.68 15.75 41.83
C1 EDO BA . -1.64 31.97 53.63
O1 EDO BA . -1.73 33.24 52.93
C2 EDO BA . -0.70 31.90 54.81
O2 EDO BA . 0.40 32.77 54.52
#